data_3GPE
# 
_entry.id   3GPE 
# 
_audit_conform.dict_name       mmcif_pdbx.dic 
_audit_conform.dict_version    5.389 
_audit_conform.dict_location   http://mmcif.pdb.org/dictionaries/ascii/mmcif_pdbx.dic 
# 
loop_
_database_2.database_id 
_database_2.database_code 
_database_2.pdbx_database_accession 
_database_2.pdbx_DOI 
PDB   3GPE         pdb_00003gpe 10.2210/pdb3gpe/pdb 
RCSB  RCSB052147   ?            ?                   
WWPDB D_1000052147 ?            ?                   
# 
loop_
_pdbx_audit_revision_history.ordinal 
_pdbx_audit_revision_history.data_content_type 
_pdbx_audit_revision_history.major_revision 
_pdbx_audit_revision_history.minor_revision 
_pdbx_audit_revision_history.revision_date 
1 'Structure model' 1 0 2009-05-05 
2 'Structure model' 1 1 2011-07-13 
3 'Structure model' 1 2 2024-02-21 
4 'Structure model' 1 3 2024-04-03 
# 
_pdbx_audit_revision_details.ordinal             1 
_pdbx_audit_revision_details.revision_ordinal    1 
_pdbx_audit_revision_details.data_content_type   'Structure model' 
_pdbx_audit_revision_details.provider            repository 
_pdbx_audit_revision_details.type                'Initial release' 
_pdbx_audit_revision_details.description         ? 
_pdbx_audit_revision_details.details             ? 
# 
loop_
_pdbx_audit_revision_group.ordinal 
_pdbx_audit_revision_group.revision_ordinal 
_pdbx_audit_revision_group.data_content_type 
_pdbx_audit_revision_group.group 
1 2 'Structure model' Advisory                    
2 2 'Structure model' 'Version format compliance' 
3 3 'Structure model' Advisory                    
4 3 'Structure model' 'Data collection'           
5 3 'Structure model' 'Database references'       
6 3 'Structure model' 'Derived calculations'      
7 3 'Structure model' 'Structure summary'         
8 4 'Structure model' 'Refinement description'    
# 
loop_
_pdbx_audit_revision_category.ordinal 
_pdbx_audit_revision_category.revision_ordinal 
_pdbx_audit_revision_category.data_content_type 
_pdbx_audit_revision_category.category 
1  3 'Structure model' chem_comp                     
2  3 'Structure model' chem_comp_atom                
3  3 'Structure model' chem_comp_bond                
4  3 'Structure model' database_2                    
5  3 'Structure model' entity                        
6  3 'Structure model' pdbx_entity_nonpoly           
7  3 'Structure model' pdbx_unobs_or_zero_occ_atoms  
8  3 'Structure model' struct_conn                   
9  3 'Structure model' struct_site                   
10 4 'Structure model' pdbx_initial_refinement_model 
# 
loop_
_pdbx_audit_revision_item.ordinal 
_pdbx_audit_revision_item.revision_ordinal 
_pdbx_audit_revision_item.data_content_type 
_pdbx_audit_revision_item.item 
1  3 'Structure model' '_chem_comp.name'                             
2  3 'Structure model' '_database_2.pdbx_DOI'                        
3  3 'Structure model' '_database_2.pdbx_database_accession'         
4  3 'Structure model' '_entity.pdbx_description'                    
5  3 'Structure model' '_pdbx_entity_nonpoly.name'                   
6  3 'Structure model' '_pdbx_unobs_or_zero_occ_atoms.auth_atom_id'  
7  3 'Structure model' '_pdbx_unobs_or_zero_occ_atoms.label_atom_id' 
8  3 'Structure model' '_struct_conn.pdbx_dist_value'                
9  3 'Structure model' '_struct_conn.ptnr1_auth_comp_id'             
10 3 'Structure model' '_struct_conn.ptnr1_auth_seq_id'              
11 3 'Structure model' '_struct_conn.ptnr1_label_asym_id'            
12 3 'Structure model' '_struct_conn.ptnr1_label_atom_id'            
13 3 'Structure model' '_struct_conn.ptnr1_label_comp_id'            
14 3 'Structure model' '_struct_conn.ptnr1_label_seq_id'             
15 3 'Structure model' '_struct_conn.ptnr2_auth_comp_id'             
16 3 'Structure model' '_struct_conn.ptnr2_auth_seq_id'              
17 3 'Structure model' '_struct_conn.ptnr2_label_asym_id'            
18 3 'Structure model' '_struct_conn.ptnr2_label_atom_id'            
19 3 'Structure model' '_struct_conn.ptnr2_label_comp_id'            
20 3 'Structure model' '_struct_site.pdbx_auth_asym_id'              
21 3 'Structure model' '_struct_site.pdbx_auth_comp_id'              
22 3 'Structure model' '_struct_site.pdbx_auth_seq_id'               
# 
_pdbx_database_status.status_code                     REL 
_pdbx_database_status.entry_id                        3GPE 
_pdbx_database_status.recvd_initial_deposition_date   2009-03-23 
_pdbx_database_status.deposit_site                    RCSB 
_pdbx_database_status.process_site                    RCSB 
_pdbx_database_status.status_code_sf                  REL 
_pdbx_database_status.status_code_mr                  ? 
_pdbx_database_status.SG_entry                        ? 
_pdbx_database_status.pdb_format_compatible           Y 
_pdbx_database_status.status_code_cs                  ? 
_pdbx_database_status.status_code_nmr_data            ? 
_pdbx_database_status.methods_development_category    ? 
# 
loop_
_pdbx_database_related.db_name 
_pdbx_database_related.db_id 
_pdbx_database_related.details 
_pdbx_database_related.content_type 
PDB 1dsy 'C2 DOMAIN FROM PROTEIN KINASE C (ALPHA) COMPLEXED WITH CA2+ AND PHOSPHATIDYLSERINE' unspecified 
PDB 1gmi 'STRUCTURE OF THE C2 DOMAIN FROM NOVEL PROTEIN KINASE C EPSILON'                     unspecified 
# 
loop_
_audit_author.name 
_audit_author.pdbx_ordinal 
'Ferrer-Orta, C.' 1 
'Querol-Audi, J.' 2 
'Fita, I.'        3 
'Verdaguer, N.'   4 
# 
_citation.id                        primary 
_citation.title                     
'Structural and mechanistic insights into the association of PKCalpha-C2 domain to PtdIns(4,5)P2.' 
_citation.journal_abbrev            Proc.Natl.Acad.Sci.USA 
_citation.journal_volume            106 
_citation.page_first                6603 
_citation.page_last                 6607 
_citation.year                      2009 
_citation.journal_id_ASTM           PNASA6 
_citation.country                   US 
_citation.journal_id_ISSN           0027-8424 
_citation.journal_id_CSD            0040 
_citation.book_publisher            ? 
_citation.pdbx_database_id_PubMed   19346474 
_citation.pdbx_database_id_DOI      10.1073/pnas.0813099106 
# 
loop_
_citation_author.citation_id 
_citation_author.name 
_citation_author.ordinal 
_citation_author.identifier_ORCID 
primary 'Guerrero-Valero, M.'   1 ? 
primary 'Ferrer-Orta, C.'       2 ? 
primary 'Querol-Audi, J.'       3 ? 
primary 'Marin-Vicente, C.'     4 ? 
primary 'Fita, I.'              5 ? 
primary 'Gomez-Fernandez, J.C.' 6 ? 
primary 'Verdaguer, N.'         7 ? 
primary 'Corbalan-Garcia, S.'   8 ? 
# 
loop_
_entity.id 
_entity.type 
_entity.src_method 
_entity.pdbx_description 
_entity.formula_weight 
_entity.pdbx_number_of_molecules 
_entity.pdbx_ec 
_entity.pdbx_mutation 
_entity.pdbx_fragment 
_entity.details 
1 polymer     man 'Protein kinase C alpha type' 16045.253 1  2.7.11.13 ? 'C2 domain, UNP residues 156-292' ? 
2 non-polymer syn 'CALCIUM ION' 40.078    3  ?         ? ?                                 ? 
3 non-polymer syn 'PHOSPHATE ION' 94.971    1  ?         ? ?                                 ? 
4 non-polymer syn 
;[(2R)-1-octadecanoyloxy-3-[oxidanyl-[(1R,2R,3S,4R,5R,6S)-2,3,6-tris(oxidanyl)-4,5-diphosphonooxy-cyclohexyl]oxy-phospho ryl]oxy-propan-2-yl] (8Z)-icosa-5,8,11,14-tetraenoate
;
1047.088  1  ?         ? ?                                 ? 
5 water       nat water 18.015    92 ?         ? ?                                 ? 
# 
_entity_name_com.entity_id   1 
_entity_name_com.name        'PKC-alpha, PKC-A' 
# 
_entity_poly.entity_id                      1 
_entity_poly.type                           'polypeptide(L)' 
_entity_poly.nstd_linkage                   no 
_entity_poly.nstd_monomer                   no 
_entity_poly.pdbx_seq_one_letter_code       
;TEKRGRIYLKAEVTDEKLHVTVRDAKNLIPMDPNGLSDPYVKLKLIPDPKNESKQKTKTIRSTLNPQWNESFTFKLKPSD
KDRRLSVEIWDWDRTTRNDFMGSLSFGVSELMKMPASGWYKLLNQEEGEYYNVPIPE
;
_entity_poly.pdbx_seq_one_letter_code_can   
;TEKRGRIYLKAEVTDEKLHVTVRDAKNLIPMDPNGLSDPYVKLKLIPDPKNESKQKTKTIRSTLNPQWNESFTFKLKPSD
KDRRLSVEIWDWDRTTRNDFMGSLSFGVSELMKMPASGWYKLLNQEEGEYYNVPIPE
;
_entity_poly.pdbx_strand_id                 A 
_entity_poly.pdbx_target_identifier         ? 
# 
loop_
_pdbx_entity_nonpoly.entity_id 
_pdbx_entity_nonpoly.name 
_pdbx_entity_nonpoly.comp_id 
2 'CALCIUM ION' CA  
3 'PHOSPHATE ION' PO4 
4 
;[(2R)-1-octadecanoyloxy-3-[oxidanyl-[(1R,2R,3S,4R,5R,6S)-2,3,6-tris(oxidanyl)-4,5-diphosphonooxy-cyclohexyl]oxy-phospho ryl]oxy-propan-2-yl] (8Z)-icosa-5,8,11,14-tetraenoate
;
PT5 
5 water HOH 
# 
loop_
_entity_poly_seq.entity_id 
_entity_poly_seq.num 
_entity_poly_seq.mon_id 
_entity_poly_seq.hetero 
1 1   THR n 
1 2   GLU n 
1 3   LYS n 
1 4   ARG n 
1 5   GLY n 
1 6   ARG n 
1 7   ILE n 
1 8   TYR n 
1 9   LEU n 
1 10  LYS n 
1 11  ALA n 
1 12  GLU n 
1 13  VAL n 
1 14  THR n 
1 15  ASP n 
1 16  GLU n 
1 17  LYS n 
1 18  LEU n 
1 19  HIS n 
1 20  VAL n 
1 21  THR n 
1 22  VAL n 
1 23  ARG n 
1 24  ASP n 
1 25  ALA n 
1 26  LYS n 
1 27  ASN n 
1 28  LEU n 
1 29  ILE n 
1 30  PRO n 
1 31  MET n 
1 32  ASP n 
1 33  PRO n 
1 34  ASN n 
1 35  GLY n 
1 36  LEU n 
1 37  SER n 
1 38  ASP n 
1 39  PRO n 
1 40  TYR n 
1 41  VAL n 
1 42  LYS n 
1 43  LEU n 
1 44  LYS n 
1 45  LEU n 
1 46  ILE n 
1 47  PRO n 
1 48  ASP n 
1 49  PRO n 
1 50  LYS n 
1 51  ASN n 
1 52  GLU n 
1 53  SER n 
1 54  LYS n 
1 55  GLN n 
1 56  LYS n 
1 57  THR n 
1 58  LYS n 
1 59  THR n 
1 60  ILE n 
1 61  ARG n 
1 62  SER n 
1 63  THR n 
1 64  LEU n 
1 65  ASN n 
1 66  PRO n 
1 67  GLN n 
1 68  TRP n 
1 69  ASN n 
1 70  GLU n 
1 71  SER n 
1 72  PHE n 
1 73  THR n 
1 74  PHE n 
1 75  LYS n 
1 76  LEU n 
1 77  LYS n 
1 78  PRO n 
1 79  SER n 
1 80  ASP n 
1 81  LYS n 
1 82  ASP n 
1 83  ARG n 
1 84  ARG n 
1 85  LEU n 
1 86  SER n 
1 87  VAL n 
1 88  GLU n 
1 89  ILE n 
1 90  TRP n 
1 91  ASP n 
1 92  TRP n 
1 93  ASP n 
1 94  ARG n 
1 95  THR n 
1 96  THR n 
1 97  ARG n 
1 98  ASN n 
1 99  ASP n 
1 100 PHE n 
1 101 MET n 
1 102 GLY n 
1 103 SER n 
1 104 LEU n 
1 105 SER n 
1 106 PHE n 
1 107 GLY n 
1 108 VAL n 
1 109 SER n 
1 110 GLU n 
1 111 LEU n 
1 112 MET n 
1 113 LYS n 
1 114 MET n 
1 115 PRO n 
1 116 ALA n 
1 117 SER n 
1 118 GLY n 
1 119 TRP n 
1 120 TYR n 
1 121 LYS n 
1 122 LEU n 
1 123 LEU n 
1 124 ASN n 
1 125 GLN n 
1 126 GLU n 
1 127 GLU n 
1 128 GLY n 
1 129 GLU n 
1 130 TYR n 
1 131 TYR n 
1 132 ASN n 
1 133 VAL n 
1 134 PRO n 
1 135 ILE n 
1 136 PRO n 
1 137 GLU n 
# 
_entity_src_gen.entity_id                          1 
_entity_src_gen.pdbx_src_id                        1 
_entity_src_gen.pdbx_alt_source_flag               sample 
_entity_src_gen.pdbx_seq_type                      ? 
_entity_src_gen.pdbx_beg_seq_num                   ? 
_entity_src_gen.pdbx_end_seq_num                   ? 
_entity_src_gen.gene_src_common_name               'brown rat,rat,rats' 
_entity_src_gen.gene_src_genus                     ? 
_entity_src_gen.pdbx_gene_src_gene                 'Prkca, Pkca' 
_entity_src_gen.gene_src_species                   ? 
_entity_src_gen.gene_src_strain                    'NORWAY RAT' 
_entity_src_gen.gene_src_tissue                    ? 
_entity_src_gen.gene_src_tissue_fraction           ? 
_entity_src_gen.gene_src_details                   ? 
_entity_src_gen.pdbx_gene_src_fragment             ? 
_entity_src_gen.pdbx_gene_src_scientific_name      'Rattus norvegicus' 
_entity_src_gen.pdbx_gene_src_ncbi_taxonomy_id     10116 
_entity_src_gen.pdbx_gene_src_variant              ? 
_entity_src_gen.pdbx_gene_src_cell_line            ? 
_entity_src_gen.pdbx_gene_src_atcc                 ? 
_entity_src_gen.pdbx_gene_src_organ                ? 
_entity_src_gen.pdbx_gene_src_organelle            ? 
_entity_src_gen.pdbx_gene_src_cell                 ? 
_entity_src_gen.pdbx_gene_src_cellular_location    ? 
_entity_src_gen.host_org_common_name               ? 
_entity_src_gen.pdbx_host_org_scientific_name      'Escherichia coli' 
_entity_src_gen.pdbx_host_org_ncbi_taxonomy_id     562 
_entity_src_gen.host_org_genus                     ? 
_entity_src_gen.pdbx_host_org_gene                 ? 
_entity_src_gen.pdbx_host_org_organ                ? 
_entity_src_gen.host_org_species                   ? 
_entity_src_gen.pdbx_host_org_tissue               ? 
_entity_src_gen.pdbx_host_org_tissue_fraction      ? 
_entity_src_gen.pdbx_host_org_strain               'BL21 (DE3)' 
_entity_src_gen.pdbx_host_org_variant              ? 
_entity_src_gen.pdbx_host_org_cell_line            ? 
_entity_src_gen.pdbx_host_org_atcc                 ? 
_entity_src_gen.pdbx_host_org_culture_collection   ? 
_entity_src_gen.pdbx_host_org_cell                 ? 
_entity_src_gen.pdbx_host_org_organelle            ? 
_entity_src_gen.pdbx_host_org_cellular_location    ? 
_entity_src_gen.pdbx_host_org_vector_type          plasmid 
_entity_src_gen.pdbx_host_org_vector               ? 
_entity_src_gen.host_org_details                   ? 
_entity_src_gen.expression_system_id               ? 
_entity_src_gen.plasmid_name                       pET28c 
_entity_src_gen.plasmid_details                    ? 
_entity_src_gen.pdbx_description                   ? 
# 
loop_
_chem_comp.id 
_chem_comp.type 
_chem_comp.mon_nstd_flag 
_chem_comp.name 
_chem_comp.pdbx_synonyms 
_chem_comp.formula 
_chem_comp.formula_weight 
ALA 'L-peptide linking' y ALANINE ?                                                      'C3 H7 N O2'     89.093   
ARG 'L-peptide linking' y ARGININE ?                                                      'C6 H15 N4 O2 1' 175.209  
ASN 'L-peptide linking' y ASPARAGINE ?                                                      'C4 H8 N2 O3'    132.118  
ASP 'L-peptide linking' y 'ASPARTIC ACID' ?                                                      'C4 H7 N O4'     133.103  
CA  non-polymer         . 'CALCIUM ION' ?                                                      'Ca 2'           40.078   
GLN 'L-peptide linking' y GLUTAMINE ?                                                      'C5 H10 N2 O3'   146.144  
GLU 'L-peptide linking' y 'GLUTAMIC ACID' ?                                                      'C5 H9 N O4'     147.129  
GLY 'peptide linking'   y GLYCINE ?                                                      'C2 H5 N O2'     75.067   
HIS 'L-peptide linking' y HISTIDINE ?                                                      'C6 H10 N3 O2 1' 156.162  
HOH non-polymer         . WATER ?                                                      'H2 O'           18.015   
ILE 'L-peptide linking' y ISOLEUCINE ?                                                      'C6 H13 N O2'    131.173  
LEU 'L-peptide linking' y LEUCINE ?                                                      'C6 H13 N O2'    131.173  
LYS 'L-peptide linking' y LYSINE ?                                                      'C6 H15 N2 O2 1' 147.195  
MET 'L-peptide linking' y METHIONINE ?                                                      'C5 H11 N O2 S'  149.211  
PHE 'L-peptide linking' y PHENYLALANINE ?                                                      'C9 H11 N O2'    165.189  
PO4 non-polymer         . 'PHOSPHATE ION' ?                                                      'O4 P -3'        94.971   
PRO 'L-peptide linking' y PROLINE ?                                                      'C5 H9 N O2'     115.130  
PT5 non-polymer         . 
;[(2R)-1-octadecanoyloxy-3-[oxidanyl-[(1R,2R,3S,4R,5R,6S)-2,3,6-tris(oxidanyl)-4,5-diphosphonooxy-cyclohexyl]oxy-phospho ryl]oxy-propan-2-yl] (8Z)-icosa-5,8,11,14-tetraenoate
;
'Phosphatidylinositol 4,5-bisphosphate; PtdIns(4,5)P2' 'C47 H85 O19 P3' 1047.088 
SER 'L-peptide linking' y SERINE ?                                                      'C3 H7 N O3'     105.093  
THR 'L-peptide linking' y THREONINE ?                                                      'C4 H9 N O3'     119.119  
TRP 'L-peptide linking' y TRYPTOPHAN ?                                                      'C11 H12 N2 O2'  204.225  
TYR 'L-peptide linking' y TYROSINE ?                                                      'C9 H11 N O3'    181.189  
VAL 'L-peptide linking' y VALINE ?                                                      'C5 H11 N O2'    117.146  
# 
loop_
_pdbx_poly_seq_scheme.asym_id 
_pdbx_poly_seq_scheme.entity_id 
_pdbx_poly_seq_scheme.seq_id 
_pdbx_poly_seq_scheme.mon_id 
_pdbx_poly_seq_scheme.ndb_seq_num 
_pdbx_poly_seq_scheme.pdb_seq_num 
_pdbx_poly_seq_scheme.auth_seq_num 
_pdbx_poly_seq_scheme.pdb_mon_id 
_pdbx_poly_seq_scheme.auth_mon_id 
_pdbx_poly_seq_scheme.pdb_strand_id 
_pdbx_poly_seq_scheme.pdb_ins_code 
_pdbx_poly_seq_scheme.hetero 
A 1 1   THR 1   156 156 THR THR A . n 
A 1 2   GLU 2   157 157 GLU GLU A . n 
A 1 3   LYS 3   158 158 LYS LYS A . n 
A 1 4   ARG 4   159 159 ARG ARG A . n 
A 1 5   GLY 5   160 160 GLY GLY A . n 
A 1 6   ARG 6   161 161 ARG ARG A . n 
A 1 7   ILE 7   162 162 ILE ILE A . n 
A 1 8   TYR 8   163 163 TYR TYR A . n 
A 1 9   LEU 9   164 164 LEU LEU A . n 
A 1 10  LYS 10  165 165 LYS LYS A . n 
A 1 11  ALA 11  166 166 ALA ALA A . n 
A 1 12  GLU 12  167 167 GLU GLU A . n 
A 1 13  VAL 13  168 168 VAL VAL A . n 
A 1 14  THR 14  169 169 THR THR A . n 
A 1 15  ASP 15  170 170 ASP ASP A . n 
A 1 16  GLU 16  171 171 GLU GLU A . n 
A 1 17  LYS 17  172 172 LYS LYS A . n 
A 1 18  LEU 18  173 173 LEU LEU A . n 
A 1 19  HIS 19  174 174 HIS HIS A . n 
A 1 20  VAL 20  175 175 VAL VAL A . n 
A 1 21  THR 21  176 176 THR THR A . n 
A 1 22  VAL 22  177 177 VAL VAL A . n 
A 1 23  ARG 23  178 178 ARG ARG A . n 
A 1 24  ASP 24  179 179 ASP ASP A . n 
A 1 25  ALA 25  180 180 ALA ALA A . n 
A 1 26  LYS 26  181 181 LYS LYS A . n 
A 1 27  ASN 27  182 182 ASN ASN A . n 
A 1 28  LEU 28  183 183 LEU LEU A . n 
A 1 29  ILE 29  184 184 ILE ILE A . n 
A 1 30  PRO 30  185 185 PRO PRO A . n 
A 1 31  MET 31  186 186 MET MET A . n 
A 1 32  ASP 32  187 187 ASP ASP A . n 
A 1 33  PRO 33  188 188 PRO PRO A . n 
A 1 34  ASN 34  189 189 ASN ASN A . n 
A 1 35  GLY 35  190 190 GLY GLY A . n 
A 1 36  LEU 36  191 191 LEU LEU A . n 
A 1 37  SER 37  192 192 SER SER A . n 
A 1 38  ASP 38  193 193 ASP ASP A . n 
A 1 39  PRO 39  194 194 PRO PRO A . n 
A 1 40  TYR 40  195 195 TYR TYR A . n 
A 1 41  VAL 41  196 196 VAL VAL A . n 
A 1 42  LYS 42  197 197 LYS LYS A . n 
A 1 43  LEU 43  198 198 LEU LEU A . n 
A 1 44  LYS 44  199 199 LYS LYS A . n 
A 1 45  LEU 45  200 200 LEU LEU A . n 
A 1 46  ILE 46  201 201 ILE ILE A . n 
A 1 47  PRO 47  202 202 PRO PRO A . n 
A 1 48  ASP 48  203 203 ASP ASP A . n 
A 1 49  PRO 49  204 204 PRO PRO A . n 
A 1 50  LYS 50  205 205 LYS LYS A . n 
A 1 51  ASN 51  206 206 ASN ASN A . n 
A 1 52  GLU 52  207 207 GLU GLU A . n 
A 1 53  SER 53  208 208 SER SER A . n 
A 1 54  LYS 54  209 209 LYS LYS A . n 
A 1 55  GLN 55  210 210 GLN GLN A . n 
A 1 56  LYS 56  211 211 LYS LYS A . n 
A 1 57  THR 57  212 212 THR THR A . n 
A 1 58  LYS 58  213 213 LYS LYS A . n 
A 1 59  THR 59  214 214 THR THR A . n 
A 1 60  ILE 60  215 215 ILE ILE A . n 
A 1 61  ARG 61  216 216 ARG ARG A . n 
A 1 62  SER 62  217 217 SER SER A . n 
A 1 63  THR 63  218 218 THR THR A . n 
A 1 64  LEU 64  219 219 LEU LEU A . n 
A 1 65  ASN 65  220 220 ASN ASN A . n 
A 1 66  PRO 66  221 221 PRO PRO A . n 
A 1 67  GLN 67  222 222 GLN GLN A . n 
A 1 68  TRP 68  223 223 TRP TRP A . n 
A 1 69  ASN 69  224 224 ASN ASN A . n 
A 1 70  GLU 70  225 225 GLU GLU A . n 
A 1 71  SER 71  226 226 SER SER A . n 
A 1 72  PHE 72  227 227 PHE PHE A . n 
A 1 73  THR 73  228 228 THR THR A . n 
A 1 74  PHE 74  229 229 PHE PHE A . n 
A 1 75  LYS 75  230 230 LYS LYS A . n 
A 1 76  LEU 76  231 231 LEU LEU A . n 
A 1 77  LYS 77  232 232 LYS LYS A . n 
A 1 78  PRO 78  233 233 PRO PRO A . n 
A 1 79  SER 79  234 234 SER SER A . n 
A 1 80  ASP 80  235 235 ASP ASP A . n 
A 1 81  LYS 81  236 236 LYS LYS A . n 
A 1 82  ASP 82  237 237 ASP ASP A . n 
A 1 83  ARG 83  238 238 ARG ARG A . n 
A 1 84  ARG 84  239 239 ARG ARG A . n 
A 1 85  LEU 85  240 240 LEU LEU A . n 
A 1 86  SER 86  241 241 SER SER A . n 
A 1 87  VAL 87  242 242 VAL VAL A . n 
A 1 88  GLU 88  243 243 GLU GLU A . n 
A 1 89  ILE 89  244 244 ILE ILE A . n 
A 1 90  TRP 90  245 245 TRP TRP A . n 
A 1 91  ASP 91  246 246 ASP ASP A . n 
A 1 92  TRP 92  247 247 TRP TRP A . n 
A 1 93  ASP 93  248 248 ASP ASP A . n 
A 1 94  ARG 94  249 249 ARG ARG A . n 
A 1 95  THR 95  250 250 THR THR A . n 
A 1 96  THR 96  251 251 THR THR A . n 
A 1 97  ARG 97  252 252 ARG ARG A . n 
A 1 98  ASN 98  253 253 ASN ASN A . n 
A 1 99  ASP 99  254 254 ASP ASP A . n 
A 1 100 PHE 100 255 255 PHE PHE A . n 
A 1 101 MET 101 256 256 MET MET A . n 
A 1 102 GLY 102 257 257 GLY GLY A . n 
A 1 103 SER 103 258 258 SER SER A . n 
A 1 104 LEU 104 259 259 LEU LEU A . n 
A 1 105 SER 105 260 260 SER SER A . n 
A 1 106 PHE 106 261 261 PHE PHE A . n 
A 1 107 GLY 107 262 262 GLY GLY A . n 
A 1 108 VAL 108 263 263 VAL VAL A . n 
A 1 109 SER 109 264 264 SER SER A . n 
A 1 110 GLU 110 265 265 GLU GLU A . n 
A 1 111 LEU 111 266 266 LEU LEU A . n 
A 1 112 MET 112 267 267 MET MET A . n 
A 1 113 LYS 113 268 268 LYS LYS A . n 
A 1 114 MET 114 269 269 MET MET A . n 
A 1 115 PRO 115 270 270 PRO PRO A . n 
A 1 116 ALA 116 271 271 ALA ALA A . n 
A 1 117 SER 117 272 272 SER SER A . n 
A 1 118 GLY 118 273 273 GLY GLY A . n 
A 1 119 TRP 119 274 274 TRP TRP A . n 
A 1 120 TYR 120 275 275 TYR TYR A . n 
A 1 121 LYS 121 276 276 LYS LYS A . n 
A 1 122 LEU 122 277 277 LEU LEU A . n 
A 1 123 LEU 123 278 278 LEU LEU A . n 
A 1 124 ASN 124 279 279 ASN ASN A . n 
A 1 125 GLN 125 280 280 GLN GLN A . n 
A 1 126 GLU 126 281 281 GLU GLU A . n 
A 1 127 GLU 127 282 282 GLU GLU A . n 
A 1 128 GLY 128 283 283 GLY GLY A . n 
A 1 129 GLU 129 284 284 GLU GLU A . n 
A 1 130 TYR 130 285 285 TYR TYR A . n 
A 1 131 TYR 131 286 286 TYR TYR A . n 
A 1 132 ASN 132 287 287 ASN ASN A . n 
A 1 133 VAL 133 288 288 VAL VAL A . n 
A 1 134 PRO 134 289 289 PRO PRO A . n 
A 1 135 ILE 135 290 290 ILE ILE A . n 
A 1 136 PRO 136 291 291 PRO PRO A . n 
A 1 137 GLU 137 292 292 GLU GLU A . n 
# 
loop_
_pdbx_nonpoly_scheme.asym_id 
_pdbx_nonpoly_scheme.entity_id 
_pdbx_nonpoly_scheme.mon_id 
_pdbx_nonpoly_scheme.ndb_seq_num 
_pdbx_nonpoly_scheme.pdb_seq_num 
_pdbx_nonpoly_scheme.auth_seq_num 
_pdbx_nonpoly_scheme.pdb_mon_id 
_pdbx_nonpoly_scheme.auth_mon_id 
_pdbx_nonpoly_scheme.pdb_strand_id 
_pdbx_nonpoly_scheme.pdb_ins_code 
B 2 CA  1  501 501 CA  CA  A . 
C 2 CA  1  502 502 CA  CA  A . 
D 2 CA  1  503 503 CA  CA  A . 
E 3 PO4 1  401 401 PO4 PO4 A . 
F 4 PT5 1  600 600 PT5 PIO A . 
G 5 HOH 1  1   1   HOH HOH A . 
G 5 HOH 2  2   2   HOH HOH A . 
G 5 HOH 3  3   3   HOH HOH A . 
G 5 HOH 4  4   4   HOH HOH A . 
G 5 HOH 5  5   5   HOH HOH A . 
G 5 HOH 6  6   6   HOH HOH A . 
G 5 HOH 7  7   7   HOH HOH A . 
G 5 HOH 8  8   8   HOH HOH A . 
G 5 HOH 9  9   9   HOH HOH A . 
G 5 HOH 10 10  10  HOH HOH A . 
G 5 HOH 11 11  11  HOH HOH A . 
G 5 HOH 12 12  12  HOH HOH A . 
G 5 HOH 13 13  13  HOH HOH A . 
G 5 HOH 14 14  14  HOH HOH A . 
G 5 HOH 15 15  15  HOH HOH A . 
G 5 HOH 16 16  16  HOH HOH A . 
G 5 HOH 17 17  17  HOH HOH A . 
G 5 HOH 18 18  18  HOH HOH A . 
G 5 HOH 19 19  19  HOH HOH A . 
G 5 HOH 20 20  20  HOH HOH A . 
G 5 HOH 21 21  21  HOH HOH A . 
G 5 HOH 22 22  22  HOH HOH A . 
G 5 HOH 23 23  23  HOH HOH A . 
G 5 HOH 24 24  24  HOH HOH A . 
G 5 HOH 25 25  25  HOH HOH A . 
G 5 HOH 26 26  26  HOH HOH A . 
G 5 HOH 27 27  27  HOH HOH A . 
G 5 HOH 28 28  28  HOH HOH A . 
G 5 HOH 29 29  29  HOH HOH A . 
G 5 HOH 30 30  30  HOH HOH A . 
G 5 HOH 31 31  31  HOH HOH A . 
G 5 HOH 32 32  32  HOH HOH A . 
G 5 HOH 33 33  33  HOH HOH A . 
G 5 HOH 34 34  34  HOH HOH A . 
G 5 HOH 35 35  35  HOH HOH A . 
G 5 HOH 36 36  36  HOH HOH A . 
G 5 HOH 37 37  37  HOH HOH A . 
G 5 HOH 38 38  38  HOH HOH A . 
G 5 HOH 39 39  39  HOH HOH A . 
G 5 HOH 40 40  40  HOH HOH A . 
G 5 HOH 41 41  41  HOH HOH A . 
G 5 HOH 42 42  42  HOH HOH A . 
G 5 HOH 43 43  43  HOH HOH A . 
G 5 HOH 44 44  44  HOH HOH A . 
G 5 HOH 45 45  45  HOH HOH A . 
G 5 HOH 46 46  46  HOH HOH A . 
G 5 HOH 47 47  47  HOH HOH A . 
G 5 HOH 48 48  48  HOH HOH A . 
G 5 HOH 49 49  49  HOH HOH A . 
G 5 HOH 50 50  50  HOH HOH A . 
G 5 HOH 51 52  52  HOH HOH A . 
G 5 HOH 52 53  53  HOH HOH A . 
G 5 HOH 53 54  54  HOH HOH A . 
G 5 HOH 54 55  55  HOH HOH A . 
G 5 HOH 55 56  56  HOH HOH A . 
G 5 HOH 56 57  57  HOH HOH A . 
G 5 HOH 57 58  58  HOH HOH A . 
G 5 HOH 58 59  59  HOH HOH A . 
G 5 HOH 59 60  60  HOH HOH A . 
G 5 HOH 60 61  61  HOH HOH A . 
G 5 HOH 61 62  62  HOH HOH A . 
G 5 HOH 62 63  63  HOH HOH A . 
G 5 HOH 63 64  64  HOH HOH A . 
G 5 HOH 64 65  65  HOH HOH A . 
G 5 HOH 65 302 302 HOH HOH A . 
G 5 HOH 66 303 303 HOH HOH A . 
G 5 HOH 67 304 304 HOH HOH A . 
G 5 HOH 68 305 305 HOH HOH A . 
G 5 HOH 69 306 306 HOH HOH A . 
G 5 HOH 70 307 307 HOH HOH A . 
G 5 HOH 71 308 308 HOH HOH A . 
G 5 HOH 72 310 310 HOH HOH A . 
G 5 HOH 73 312 312 HOH HOH A . 
G 5 HOH 74 313 313 HOH HOH A . 
G 5 HOH 75 314 314 HOH HOH A . 
G 5 HOH 76 315 315 HOH HOH A . 
G 5 HOH 77 316 316 HOH HOH A . 
G 5 HOH 78 317 317 HOH HOH A . 
G 5 HOH 79 318 318 HOH HOH A . 
G 5 HOH 80 319 319 HOH HOH A . 
G 5 HOH 81 321 321 HOH HOH A . 
G 5 HOH 82 323 323 HOH HOH A . 
G 5 HOH 83 324 324 HOH HOH A . 
G 5 HOH 84 325 325 HOH HOH A . 
G 5 HOH 85 326 326 HOH HOH A . 
G 5 HOH 86 330 330 HOH HOH A . 
G 5 HOH 87 332 332 HOH HOH A . 
G 5 HOH 88 333 333 HOH HOH A . 
G 5 HOH 89 334 334 HOH HOH A . 
G 5 HOH 90 335 335 HOH HOH A . 
G 5 HOH 91 337 337 HOH HOH A . 
G 5 HOH 92 339 339 HOH HOH A . 
# 
loop_
_pdbx_unobs_or_zero_occ_atoms.id 
_pdbx_unobs_or_zero_occ_atoms.PDB_model_num 
_pdbx_unobs_or_zero_occ_atoms.polymer_flag 
_pdbx_unobs_or_zero_occ_atoms.occupancy_flag 
_pdbx_unobs_or_zero_occ_atoms.auth_asym_id 
_pdbx_unobs_or_zero_occ_atoms.auth_comp_id 
_pdbx_unobs_or_zero_occ_atoms.auth_seq_id 
_pdbx_unobs_or_zero_occ_atoms.PDB_ins_code 
_pdbx_unobs_or_zero_occ_atoms.auth_atom_id 
_pdbx_unobs_or_zero_occ_atoms.label_alt_id 
_pdbx_unobs_or_zero_occ_atoms.label_asym_id 
_pdbx_unobs_or_zero_occ_atoms.label_comp_id 
_pdbx_unobs_or_zero_occ_atoms.label_seq_id 
_pdbx_unobs_or_zero_occ_atoms.label_atom_id 
1  1 Y 1 A GLU 292 ? CG  ? A GLU 137 CG  
2  1 Y 1 A GLU 292 ? CD  ? A GLU 137 CD  
3  1 Y 1 A GLU 292 ? OE1 ? A GLU 137 OE1 
4  1 Y 1 A GLU 292 ? OE2 ? A GLU 137 OE2 
5  1 N 1 A PT5 600 ? C7  ? F PT5 1   C7  
6  1 N 1 A PT5 600 ? C8  ? F PT5 1   C8  
7  1 N 1 A PT5 600 ? C9  ? F PT5 1   C9  
8  1 N 1 A PT5 600 ? O16 ? F PT5 1   O16 
9  1 N 1 A PT5 600 ? C10 ? F PT5 1   C10 
10 1 N 1 A PT5 600 ? O17 ? F PT5 1   O17 
11 1 N 1 A PT5 600 ? O18 ? F PT5 1   O18 
12 1 N 1 A PT5 600 ? C11 ? F PT5 1   C11 
13 1 N 1 A PT5 600 ? O19 ? F PT5 1   O19 
14 1 N 1 A PT5 600 ? C12 ? F PT5 1   C12 
15 1 N 1 A PT5 600 ? C13 ? F PT5 1   C13 
16 1 N 1 A PT5 600 ? C14 ? F PT5 1   C14 
17 1 N 1 A PT5 600 ? C15 ? F PT5 1   C15 
18 1 N 1 A PT5 600 ? C16 ? F PT5 1   C16 
19 1 N 1 A PT5 600 ? C17 ? F PT5 1   C17 
20 1 N 1 A PT5 600 ? C18 ? F PT5 1   C18 
21 1 N 1 A PT5 600 ? C19 ? F PT5 1   C19 
22 1 N 1 A PT5 600 ? C20 ? F PT5 1   C20 
23 1 N 1 A PT5 600 ? C21 ? F PT5 1   C21 
24 1 N 1 A PT5 600 ? C22 ? F PT5 1   C22 
25 1 N 1 A PT5 600 ? C23 ? F PT5 1   C23 
26 1 N 1 A PT5 600 ? C24 ? F PT5 1   C24 
27 1 N 1 A PT5 600 ? C31 ? F PT5 1   C31 
28 1 N 1 A PT5 600 ? C32 ? F PT5 1   C32 
29 1 N 1 A PT5 600 ? C33 ? F PT5 1   C33 
30 1 N 1 A PT5 600 ? C34 ? F PT5 1   C34 
31 1 N 1 A PT5 600 ? C35 ? F PT5 1   C35 
32 1 N 1 A PT5 600 ? C36 ? F PT5 1   C36 
33 1 N 1 A PT5 600 ? C37 ? F PT5 1   C37 
34 1 N 1 A PT5 600 ? C38 ? F PT5 1   C38 
35 1 N 1 A PT5 600 ? C39 ? F PT5 1   C39 
36 1 N 1 A PT5 600 ? C40 ? F PT5 1   C40 
37 1 N 1 A PT5 600 ? C25 ? F PT5 1   C25 
38 1 N 1 A PT5 600 ? C26 ? F PT5 1   C26 
39 1 N 1 A PT5 600 ? C27 ? F PT5 1   C27 
40 1 N 1 A PT5 600 ? C28 ? F PT5 1   C28 
41 1 N 1 A PT5 600 ? C29 ? F PT5 1   C29 
42 1 N 1 A PT5 600 ? C30 ? F PT5 1   C30 
43 1 N 1 A PT5 600 ? C41 ? F PT5 1   C41 
44 1 N 1 A PT5 600 ? C42 ? F PT5 1   C42 
45 1 N 1 A PT5 600 ? C43 ? F PT5 1   C43 
46 1 N 1 A PT5 600 ? C44 ? F PT5 1   C44 
47 1 N 1 A PT5 600 ? C45 ? F PT5 1   C45 
48 1 N 1 A PT5 600 ? C46 ? F PT5 1   C46 
49 1 N 1 A PT5 600 ? C47 ? F PT5 1   C47 
# 
loop_
_software.name 
_software.classification 
_software.version 
_software.citation_id 
_software.pdbx_ordinal 
ADSC   'data collection' Quantum  ? 1 
AMoRE  phasing           .        ? 2 
REFMAC refinement        5.5.0066 ? 3 
MOSFLM 'data reduction'  .        ? 4 
SCALA  'data scaling'    .        ? 5 
# 
_cell.entry_id           3GPE 
_cell.length_a           57.848 
_cell.length_b           57.848 
_cell.length_c           90.479 
_cell.angle_alpha        90.00 
_cell.angle_beta         90.00 
_cell.angle_gamma        120.00 
_cell.Z_PDB              6 
_cell.pdbx_unique_axis   ? 
_cell.length_a_esd       ? 
_cell.length_b_esd       ? 
_cell.length_c_esd       ? 
_cell.angle_alpha_esd    ? 
_cell.angle_beta_esd     ? 
_cell.angle_gamma_esd    ? 
# 
_symmetry.entry_id                         3GPE 
_symmetry.space_group_name_H-M             'P 32 2 1' 
_symmetry.pdbx_full_space_group_name_H-M   ? 
_symmetry.cell_setting                     ? 
_symmetry.Int_Tables_number                154 
_symmetry.space_group_name_Hall            ? 
# 
_exptl.entry_id          3GPE 
_exptl.method            'X-RAY DIFFRACTION' 
_exptl.crystals_number   1 
# 
_exptl_crystal.id                    1 
_exptl_crystal.density_meas          ? 
_exptl_crystal.density_Matthews      2.72 
_exptl_crystal.density_percent_sol   54.84 
_exptl_crystal.description           ? 
_exptl_crystal.F_000                 ? 
_exptl_crystal.preparation           ? 
# 
_exptl_crystal_grow.crystal_id      1 
_exptl_crystal_grow.method          'VAPOR DIFFUSION, HANGING DROP' 
_exptl_crystal_grow.temp            293 
_exptl_crystal_grow.temp_details    ? 
_exptl_crystal_grow.pH              6.5 
_exptl_crystal_grow.pdbx_details    
'20% PEG 8000, 50mM potassium phosphate, pH 6.5, VAPOR DIFFUSION, HANGING DROP, temperature 293K' 
_exptl_crystal_grow.pdbx_pH_range   ? 
# 
_diffrn.id                     1 
_diffrn.ambient_temp           96 
_diffrn.ambient_temp_details   ? 
_diffrn.crystal_id             1 
# 
_diffrn_detector.diffrn_id              1 
_diffrn_detector.detector               CCD 
_diffrn_detector.type                   'ADSC QUANTUM 4' 
_diffrn_detector.pdbx_collection_date   2007-09-01 
_diffrn_detector.details                ? 
# 
_diffrn_radiation.diffrn_id                        1 
_diffrn_radiation.wavelength_id                    1 
_diffrn_radiation.pdbx_monochromatic_or_laue_m_l   M 
_diffrn_radiation.monochromator                    ? 
_diffrn_radiation.pdbx_diffrn_protocol             'SINGLE WAVELENGTH' 
_diffrn_radiation.pdbx_scattering_type             x-ray 
# 
_diffrn_radiation_wavelength.id           1 
_diffrn_radiation_wavelength.wavelength   0.933 
_diffrn_radiation_wavelength.wt           1.0 
# 
_diffrn_source.diffrn_id                   1 
_diffrn_source.source                      SYNCHROTRON 
_diffrn_source.type                        'ESRF BEAMLINE ID14-2' 
_diffrn_source.pdbx_synchrotron_site       ESRF 
_diffrn_source.pdbx_synchrotron_beamline   ID14-2 
_diffrn_source.pdbx_wavelength             0.933 
_diffrn_source.pdbx_wavelength_list        ? 
# 
_reflns.entry_id                     3GPE 
_reflns.observed_criterion_sigma_I   2 
_reflns.observed_criterion_sigma_F   2 
_reflns.d_resolution_low             30.0 
_reflns.d_resolution_high            1.9 
_reflns.number_obs                   14140 
_reflns.number_all                   ? 
_reflns.percent_possible_obs         99.0 
_reflns.pdbx_Rmerge_I_obs            ? 
_reflns.pdbx_Rsym_value              0.060 
_reflns.pdbx_netI_over_sigmaI        13.3 
_reflns.B_iso_Wilson_estimate        ? 
_reflns.pdbx_redundancy              4.0 
_reflns.R_free_details               ? 
_reflns.limit_h_max                  ? 
_reflns.limit_h_min                  ? 
_reflns.limit_k_max                  ? 
_reflns.limit_k_min                  ? 
_reflns.limit_l_max                  ? 
_reflns.limit_l_min                  ? 
_reflns.observed_criterion_F_max     ? 
_reflns.observed_criterion_F_min     ? 
_reflns.pdbx_chi_squared             ? 
_reflns.pdbx_scaling_rejects         ? 
_reflns.pdbx_ordinal                 1 
_reflns.pdbx_diffrn_id               1 
# 
_reflns_shell.d_res_high             1.9 
_reflns_shell.d_res_low              2.0 
_reflns_shell.percent_possible_all   97.3 
_reflns_shell.Rmerge_I_obs           ? 
_reflns_shell.pdbx_Rsym_value        0.464 
_reflns_shell.meanI_over_sigI_obs    1.6 
_reflns_shell.pdbx_redundancy        ? 
_reflns_shell.percent_possible_obs   ? 
_reflns_shell.number_unique_all      ? 
_reflns_shell.number_measured_all    ? 
_reflns_shell.number_measured_obs    ? 
_reflns_shell.number_unique_obs      ? 
_reflns_shell.pdbx_chi_squared       ? 
_reflns_shell.pdbx_ordinal           1 
_reflns_shell.pdbx_diffrn_id         1 
# 
_refine.entry_id                                 3GPE 
_refine.ls_number_reflns_obs                     11566 
_refine.ls_number_reflns_all                     ? 
_refine.pdbx_ls_sigma_I                          ? 
_refine.pdbx_ls_sigma_F                          ? 
_refine.pdbx_data_cutoff_high_absF               ? 
_refine.pdbx_data_cutoff_low_absF                ? 
_refine.pdbx_data_cutoff_high_rms_absF           ? 
_refine.ls_d_res_low                             20.00 
_refine.ls_d_res_high                            2.00 
_refine.ls_percent_reflns_obs                    98.80 
_refine.ls_R_factor_obs                          0.24434 
_refine.ls_R_factor_all                          ? 
_refine.ls_R_factor_R_work                       0.24274 
_refine.ls_R_factor_R_free                       0.27730 
_refine.ls_R_factor_R_free_error                 ? 
_refine.ls_R_factor_R_free_error_details         ? 
_refine.ls_percent_reflns_R_free                 5.0 
_refine.ls_number_reflns_R_free                  609 
_refine.ls_number_parameters                     ? 
_refine.ls_number_restraints                     ? 
_refine.occupancy_min                            ? 
_refine.occupancy_max                            ? 
_refine.correlation_coeff_Fo_to_Fc               0.905 
_refine.correlation_coeff_Fo_to_Fc_free          0.875 
_refine.B_iso_mean                               16.343 
_refine.aniso_B[1][1]                            -0.08 
_refine.aniso_B[2][2]                            -0.08 
_refine.aniso_B[3][3]                            0.13 
_refine.aniso_B[1][2]                            -0.04 
_refine.aniso_B[1][3]                            0.00 
_refine.aniso_B[2][3]                            0.00 
_refine.solvent_model_details                    MASK 
_refine.solvent_model_param_ksol                 ? 
_refine.solvent_model_param_bsol                 ? 
_refine.pdbx_solvent_vdw_probe_radii             1.20 
_refine.pdbx_solvent_ion_probe_radii             0.80 
_refine.pdbx_solvent_shrinkage_radii             0.80 
_refine.pdbx_ls_cross_valid_method               THROUGHOUT 
_refine.details                                  'HYDROGENS HAVE BEEN ADDED IN THE RIDING POSITIONS' 
_refine.pdbx_starting_model                      
'C2 DOMAIN FROM PROTEIN KINASE C (ALPHA) COMPLEXED WITH CA2+ AND PHOSPHATIDYLSERINE' 
_refine.pdbx_method_to_determine_struct          'MOLECULAR REPLACEMENT' 
_refine.pdbx_isotropic_thermal_model             ? 
_refine.pdbx_stereochemistry_target_values       'MAXIMUM LIKELIHOOD' 
_refine.pdbx_stereochem_target_val_spec_case     ? 
_refine.pdbx_R_Free_selection_details            RANDOM 
_refine.pdbx_overall_ESU_R                       0.216 
_refine.pdbx_overall_ESU_R_Free                  0.186 
_refine.overall_SU_ML                            0.129 
_refine.overall_SU_B                             9.532 
_refine.ls_redundancy_reflns_obs                 ? 
_refine.B_iso_min                                ? 
_refine.B_iso_max                                ? 
_refine.overall_SU_R_Cruickshank_DPI             ? 
_refine.overall_SU_R_free                        ? 
_refine.ls_wR_factor_R_free                      ? 
_refine.ls_wR_factor_R_work                      ? 
_refine.overall_FOM_free_R_set                   ? 
_refine.overall_FOM_work_R_set                   ? 
_refine.pdbx_overall_phase_error                 ? 
_refine.pdbx_refine_id                           'X-RAY DIFFRACTION' 
_refine.pdbx_TLS_residual_ADP_flag               'LIKELY RESIDUAL' 
_refine.pdbx_diffrn_id                           1 
_refine.pdbx_overall_SU_R_free_Cruickshank_DPI   ? 
_refine.pdbx_overall_SU_R_Blow_DPI               ? 
_refine.pdbx_overall_SU_R_free_Blow_DPI          ? 
# 
_refine_hist.pdbx_refine_id                   'X-RAY DIFFRACTION' 
_refine_hist.cycle_id                         LAST 
_refine_hist.pdbx_number_atoms_protein        1124 
_refine_hist.pdbx_number_atoms_nucleic_acid   0 
_refine_hist.pdbx_number_atoms_ligand         32 
_refine_hist.number_atoms_solvent             92 
_refine_hist.number_atoms_total               1248 
_refine_hist.d_res_high                       2.00 
_refine_hist.d_res_low                        20.00 
# 
loop_
_refine_ls_restr.type 
_refine_ls_restr.dev_ideal 
_refine_ls_restr.dev_ideal_target 
_refine_ls_restr.weight 
_refine_ls_restr.number 
_refine_ls_restr.pdbx_refine_id 
_refine_ls_restr.pdbx_restraint_function 
r_bond_refined_d       0.002  0.022  ? 1180 'X-RAY DIFFRACTION' ? 
r_angle_refined_deg    0.707  2.007  ? 1603 'X-RAY DIFFRACTION' ? 
r_dihedral_angle_1_deg 4.423  5.000  ? 136  'X-RAY DIFFRACTION' ? 
r_dihedral_angle_2_deg 27.332 24.340 ? 53   'X-RAY DIFFRACTION' ? 
r_dihedral_angle_3_deg 9.422  15.000 ? 218  'X-RAY DIFFRACTION' ? 
r_dihedral_angle_4_deg 8.357  15.000 ? 8    'X-RAY DIFFRACTION' ? 
r_chiral_restr         0.038  0.200  ? 172  'X-RAY DIFFRACTION' ? 
r_gen_planes_refined   0.002  0.021  ? 862  'X-RAY DIFFRACTION' ? 
r_mcbond_it            0.131  1.500  ? 688  'X-RAY DIFFRACTION' ? 
r_mcangle_it           0.259  2.000  ? 1123 'X-RAY DIFFRACTION' ? 
r_scbond_it            0.384  3.000  ? 492  'X-RAY DIFFRACTION' ? 
r_scangle_it           0.641  4.500  ? 480  'X-RAY DIFFRACTION' ? 
# 
_refine_ls_shell.pdbx_total_number_of_bins_used   20 
_refine_ls_shell.d_res_high                       2.000 
_refine_ls_shell.d_res_low                        2.051 
_refine_ls_shell.number_reflns_R_work             803 
_refine_ls_shell.R_factor_R_work                  0.271 
_refine_ls_shell.percent_reflns_obs               98.62 
_refine_ls_shell.R_factor_R_free                  0.296 
_refine_ls_shell.R_factor_R_free_error            ? 
_refine_ls_shell.percent_reflns_R_free            ? 
_refine_ls_shell.number_reflns_R_free             52 
_refine_ls_shell.number_reflns_all                ? 
_refine_ls_shell.R_factor_all                     ? 
_refine_ls_shell.number_reflns_obs                ? 
_refine_ls_shell.redundancy_reflns_obs            ? 
_refine_ls_shell.pdbx_refine_id                   'X-RAY DIFFRACTION' 
# 
_struct.entry_id                  3GPE 
_struct.title                     'Crystal Structure Analysis of PKC (alpha)-C2 domain complexed with Ca2+ and PtdIns(4,5)P2' 
_struct.pdbx_model_details        ? 
_struct.pdbx_CASP_flag            ? 
_struct.pdbx_model_type_details   ? 
# 
_struct_keywords.entry_id        3GPE 
_struct_keywords.pdbx_keywords   'SIGNALING PROTEIN' 
_struct_keywords.text            
;CALCIUM/PHOSPHOLIPID BINDING DOMAIN, C2 domain, Phosphatidil serine, protein kinase, ATP-binding, Kinase, Metal-binding, Nucleotide-binding, Phorbol-ester binding, Phosphoprotein, Serine/threonine-protein kinase, Transferase, Zinc-finger, SIGNALING PROTEIN
;
# 
loop_
_struct_asym.id 
_struct_asym.pdbx_blank_PDB_chainid_flag 
_struct_asym.pdbx_modified 
_struct_asym.entity_id 
_struct_asym.details 
A N N 1 ? 
B N N 2 ? 
C N N 2 ? 
D N N 2 ? 
E N N 3 ? 
F N N 4 ? 
G N N 5 ? 
# 
_struct_ref.id                         1 
_struct_ref.db_name                    UNP 
_struct_ref.db_code                    KPCA_RAT 
_struct_ref.pdbx_db_accession          P05696 
_struct_ref.entity_id                  1 
_struct_ref.pdbx_seq_one_letter_code   
;TEKRGRIYLKAEVTDEKLHVTVRDAKNLIPMDPNGLSDPYVKLKLIPDPKNESKQKTKTIRSTLNPQWNESFTFKLKPSD
KDRRLSVEIWDWDRTTRNDFMGSLSFGVSELMKMPASGWYKLLNQEEGEYYNVPIPE
;
_struct_ref.pdbx_align_begin           156 
_struct_ref.pdbx_db_isoform            ? 
# 
_struct_ref_seq.align_id                      1 
_struct_ref_seq.ref_id                        1 
_struct_ref_seq.pdbx_PDB_id_code              3GPE 
_struct_ref_seq.pdbx_strand_id                A 
_struct_ref_seq.seq_align_beg                 1 
_struct_ref_seq.pdbx_seq_align_beg_ins_code   ? 
_struct_ref_seq.seq_align_end                 137 
_struct_ref_seq.pdbx_seq_align_end_ins_code   ? 
_struct_ref_seq.pdbx_db_accession             P05696 
_struct_ref_seq.db_align_beg                  156 
_struct_ref_seq.pdbx_db_align_beg_ins_code    ? 
_struct_ref_seq.db_align_end                  292 
_struct_ref_seq.pdbx_db_align_end_ins_code    ? 
_struct_ref_seq.pdbx_auth_seq_align_beg       156 
_struct_ref_seq.pdbx_auth_seq_align_end       292 
# 
_pdbx_struct_assembly.id                   1 
_pdbx_struct_assembly.details              author_and_software_defined_assembly 
_pdbx_struct_assembly.method_details       PISA 
_pdbx_struct_assembly.oligomeric_details   monomeric 
_pdbx_struct_assembly.oligomeric_count     1 
# 
_pdbx_struct_assembly_gen.assembly_id       1 
_pdbx_struct_assembly_gen.oper_expression   1 
_pdbx_struct_assembly_gen.asym_id_list      A,B,C,D,E,F,G 
# 
_pdbx_struct_oper_list.id                   1 
_pdbx_struct_oper_list.type                 'identity operation' 
_pdbx_struct_oper_list.name                 1_555 
_pdbx_struct_oper_list.symmetry_operation   x,y,z 
_pdbx_struct_oper_list.matrix[1][1]         1.0000000000 
_pdbx_struct_oper_list.matrix[1][2]         0.0000000000 
_pdbx_struct_oper_list.matrix[1][3]         0.0000000000 
_pdbx_struct_oper_list.vector[1]            0.0000000000 
_pdbx_struct_oper_list.matrix[2][1]         0.0000000000 
_pdbx_struct_oper_list.matrix[2][2]         1.0000000000 
_pdbx_struct_oper_list.matrix[2][3]         0.0000000000 
_pdbx_struct_oper_list.vector[2]            0.0000000000 
_pdbx_struct_oper_list.matrix[3][1]         0.0000000000 
_pdbx_struct_oper_list.matrix[3][2]         0.0000000000 
_pdbx_struct_oper_list.matrix[3][3]         1.0000000000 
_pdbx_struct_oper_list.vector[3]            0.0000000000 
# 
_struct_biol.id        1 
_struct_biol.details   ? 
# 
loop_
_struct_conf.conf_type_id 
_struct_conf.id 
_struct_conf.pdbx_PDB_helix_id 
_struct_conf.beg_label_comp_id 
_struct_conf.beg_label_asym_id 
_struct_conf.beg_label_seq_id 
_struct_conf.pdbx_beg_PDB_ins_code 
_struct_conf.end_label_comp_id 
_struct_conf.end_label_asym_id 
_struct_conf.end_label_seq_id 
_struct_conf.pdbx_end_PDB_ins_code 
_struct_conf.beg_auth_comp_id 
_struct_conf.beg_auth_asym_id 
_struct_conf.beg_auth_seq_id 
_struct_conf.end_auth_comp_id 
_struct_conf.end_auth_asym_id 
_struct_conf.end_auth_seq_id 
_struct_conf.pdbx_PDB_helix_class 
_struct_conf.details 
_struct_conf.pdbx_PDB_helix_length 
HELX_P HELX_P1 1 LYS A 77  ? ASP A 82  ? LYS A 232 ASP A 237 5 ? 6 
HELX_P HELX_P2 2 VAL A 108 ? LYS A 113 ? VAL A 263 LYS A 268 1 ? 6 
HELX_P HELX_P3 3 ASN A 124 ? GLU A 129 ? ASN A 279 GLU A 284 1 ? 6 
# 
_struct_conf_type.id          HELX_P 
_struct_conf_type.criteria    ? 
_struct_conf_type.reference   ? 
# 
loop_
_struct_conn.id 
_struct_conn.conn_type_id 
_struct_conn.pdbx_leaving_atom_flag 
_struct_conn.pdbx_PDB_id 
_struct_conn.ptnr1_label_asym_id 
_struct_conn.ptnr1_label_comp_id 
_struct_conn.ptnr1_label_seq_id 
_struct_conn.ptnr1_label_atom_id 
_struct_conn.pdbx_ptnr1_label_alt_id 
_struct_conn.pdbx_ptnr1_PDB_ins_code 
_struct_conn.pdbx_ptnr1_standard_comp_id 
_struct_conn.ptnr1_symmetry 
_struct_conn.ptnr2_label_asym_id 
_struct_conn.ptnr2_label_comp_id 
_struct_conn.ptnr2_label_seq_id 
_struct_conn.ptnr2_label_atom_id 
_struct_conn.pdbx_ptnr2_label_alt_id 
_struct_conn.pdbx_ptnr2_PDB_ins_code 
_struct_conn.ptnr1_auth_asym_id 
_struct_conn.ptnr1_auth_comp_id 
_struct_conn.ptnr1_auth_seq_id 
_struct_conn.ptnr2_auth_asym_id 
_struct_conn.ptnr2_auth_comp_id 
_struct_conn.ptnr2_auth_seq_id 
_struct_conn.ptnr2_symmetry 
_struct_conn.pdbx_ptnr3_label_atom_id 
_struct_conn.pdbx_ptnr3_label_seq_id 
_struct_conn.pdbx_ptnr3_label_comp_id 
_struct_conn.pdbx_ptnr3_label_asym_id 
_struct_conn.pdbx_ptnr3_label_alt_id 
_struct_conn.pdbx_ptnr3_PDB_ins_code 
_struct_conn.details 
_struct_conn.pdbx_dist_value 
_struct_conn.pdbx_value_order 
_struct_conn.pdbx_role 
metalc1  metalc ? ? A MET 31 O   ? ? ? 1_555 B CA . CA ? ? A MET 186 A CA 501 1_555 ? ? ? ? ? ? ? 2.168 ? ? 
metalc2  metalc ? ? A ASP 32 OD1 ? ? ? 1_555 B CA . CA ? ? A ASP 187 A CA 501 1_555 ? ? ? ? ? ? ? 2.394 ? ? 
metalc3  metalc ? ? A ASP 32 OD1 ? ? ? 1_555 C CA . CA ? ? A ASP 187 A CA 502 1_555 ? ? ? ? ? ? ? 2.608 ? ? 
metalc4  metalc ? ? A ASP 32 OD2 ? ? ? 1_555 C CA . CA ? ? A ASP 187 A CA 502 1_555 ? ? ? ? ? ? ? 2.480 ? ? 
metalc5  metalc ? ? A ASP 38 OD2 ? ? ? 1_555 C CA . CA ? ? A ASP 193 A CA 502 1_555 ? ? ? ? ? ? ? 2.484 ? ? 
metalc6  metalc ? ? A ASP 91 OD2 ? ? ? 1_555 B CA . CA ? ? A ASP 246 A CA 501 1_555 ? ? ? ? ? ? ? 2.130 ? ? 
metalc7  metalc ? ? A ASP 91 OD1 ? ? ? 1_555 C CA . CA ? ? A ASP 246 A CA 502 1_555 ? ? ? ? ? ? ? 2.434 ? ? 
metalc8  metalc ? ? A TRP 92 O   ? ? ? 1_555 C CA . CA ? ? A TRP 247 A CA 502 1_555 ? ? ? ? ? ? ? 2.354 ? ? 
metalc9  metalc ? ? A ASP 93 OD1 ? ? ? 1_555 B CA . CA ? ? A ASP 248 A CA 501 1_555 ? ? ? ? ? ? ? 2.685 ? ? 
metalc10 metalc ? ? A ASP 93 OD2 ? ? ? 1_555 B CA . CA ? ? A ASP 248 A CA 501 1_555 ? ? ? ? ? ? ? 2.193 ? ? 
metalc11 metalc ? ? A ASP 93 OD1 ? ? ? 1_555 C CA . CA ? ? A ASP 248 A CA 502 1_555 ? ? ? ? ? ? ? 2.139 ? ? 
metalc12 metalc ? ? A ASP 93 OD2 ? ? ? 1_555 D CA . CA ? ? A ASP 248 A CA 503 1_555 ? ? ? ? ? ? ? 2.520 ? ? 
metalc13 metalc ? ? A THR 96 OG1 ? ? ? 1_555 D CA . CA ? ? A THR 251 A CA 503 1_555 ? ? ? ? ? ? ? 2.622 ? ? 
metalc14 metalc ? ? A ARG 97 O   ? ? ? 1_555 D CA . CA ? ? A ARG 252 A CA 503 1_555 ? ? ? ? ? ? ? 2.444 ? ? 
metalc15 metalc ? ? A ASP 99 OD2 ? ? ? 1_555 B CA . CA ? ? A ASP 254 A CA 501 1_555 ? ? ? ? ? ? ? 2.368 ? ? 
metalc16 metalc ? ? A ASP 99 OD1 ? ? ? 1_555 D CA . CA ? ? A ASP 254 A CA 503 1_555 ? ? ? ? ? ? ? 2.584 ? ? 
metalc17 metalc ? ? A ASP 99 OD2 ? ? ? 1_555 D CA . CA ? ? A ASP 254 A CA 503 1_555 ? ? ? ? ? ? ? 3.028 ? ? 
metalc18 metalc ? ? G HOH .  O   ? ? ? 1_555 B CA . CA ? ? A HOH 304 A CA 501 1_555 ? ? ? ? ? ? ? 2.566 ? ? 
metalc19 metalc ? ? E PO4 .  O4  ? ? ? 1_555 C CA . CA ? ? A PO4 401 A CA 502 1_555 ? ? ? ? ? ? ? 2.635 ? ? 
# 
_struct_conn_type.id          metalc 
_struct_conn_type.criteria    ? 
_struct_conn_type.reference   ? 
# 
loop_
_pdbx_struct_conn_angle.id 
_pdbx_struct_conn_angle.ptnr1_label_atom_id 
_pdbx_struct_conn_angle.ptnr1_label_alt_id 
_pdbx_struct_conn_angle.ptnr1_label_asym_id 
_pdbx_struct_conn_angle.ptnr1_label_comp_id 
_pdbx_struct_conn_angle.ptnr1_label_seq_id 
_pdbx_struct_conn_angle.ptnr1_auth_atom_id 
_pdbx_struct_conn_angle.ptnr1_auth_asym_id 
_pdbx_struct_conn_angle.ptnr1_auth_comp_id 
_pdbx_struct_conn_angle.ptnr1_auth_seq_id 
_pdbx_struct_conn_angle.ptnr1_PDB_ins_code 
_pdbx_struct_conn_angle.ptnr1_symmetry 
_pdbx_struct_conn_angle.ptnr2_label_atom_id 
_pdbx_struct_conn_angle.ptnr2_label_alt_id 
_pdbx_struct_conn_angle.ptnr2_label_asym_id 
_pdbx_struct_conn_angle.ptnr2_label_comp_id 
_pdbx_struct_conn_angle.ptnr2_label_seq_id 
_pdbx_struct_conn_angle.ptnr2_auth_atom_id 
_pdbx_struct_conn_angle.ptnr2_auth_asym_id 
_pdbx_struct_conn_angle.ptnr2_auth_comp_id 
_pdbx_struct_conn_angle.ptnr2_auth_seq_id 
_pdbx_struct_conn_angle.ptnr2_PDB_ins_code 
_pdbx_struct_conn_angle.ptnr2_symmetry 
_pdbx_struct_conn_angle.ptnr3_label_atom_id 
_pdbx_struct_conn_angle.ptnr3_label_alt_id 
_pdbx_struct_conn_angle.ptnr3_label_asym_id 
_pdbx_struct_conn_angle.ptnr3_label_comp_id 
_pdbx_struct_conn_angle.ptnr3_label_seq_id 
_pdbx_struct_conn_angle.ptnr3_auth_atom_id 
_pdbx_struct_conn_angle.ptnr3_auth_asym_id 
_pdbx_struct_conn_angle.ptnr3_auth_comp_id 
_pdbx_struct_conn_angle.ptnr3_auth_seq_id 
_pdbx_struct_conn_angle.ptnr3_PDB_ins_code 
_pdbx_struct_conn_angle.ptnr3_symmetry 
_pdbx_struct_conn_angle.value 
_pdbx_struct_conn_angle.value_esd 
1  O   ? A MET 31 ? A MET 186 ? 1_555 CA ? B CA . ? A CA 501 ? 1_555 OD1 ? A ASP 32 ? A ASP 187 ? 1_555 80.7  ? 
2  O   ? A MET 31 ? A MET 186 ? 1_555 CA ? B CA . ? A CA 501 ? 1_555 OD2 ? A ASP 91 ? A ASP 246 ? 1_555 99.3  ? 
3  OD1 ? A ASP 32 ? A ASP 187 ? 1_555 CA ? B CA . ? A CA 501 ? 1_555 OD2 ? A ASP 91 ? A ASP 246 ? 1_555 84.7  ? 
4  O   ? A MET 31 ? A MET 186 ? 1_555 CA ? B CA . ? A CA 501 ? 1_555 OD1 ? A ASP 93 ? A ASP 248 ? 1_555 148.3 ? 
5  OD1 ? A ASP 32 ? A ASP 187 ? 1_555 CA ? B CA . ? A CA 501 ? 1_555 OD1 ? A ASP 93 ? A ASP 248 ? 1_555 67.7  ? 
6  OD2 ? A ASP 91 ? A ASP 246 ? 1_555 CA ? B CA . ? A CA 501 ? 1_555 OD1 ? A ASP 93 ? A ASP 248 ? 1_555 76.8  ? 
7  O   ? A MET 31 ? A MET 186 ? 1_555 CA ? B CA . ? A CA 501 ? 1_555 OD2 ? A ASP 93 ? A ASP 248 ? 1_555 154.9 ? 
8  OD1 ? A ASP 32 ? A ASP 187 ? 1_555 CA ? B CA . ? A CA 501 ? 1_555 OD2 ? A ASP 93 ? A ASP 248 ? 1_555 115.2 ? 
9  OD2 ? A ASP 91 ? A ASP 246 ? 1_555 CA ? B CA . ? A CA 501 ? 1_555 OD2 ? A ASP 93 ? A ASP 248 ? 1_555 101.4 ? 
10 OD1 ? A ASP 93 ? A ASP 248 ? 1_555 CA ? B CA . ? A CA 501 ? 1_555 OD2 ? A ASP 93 ? A ASP 248 ? 1_555 52.3  ? 
11 O   ? A MET 31 ? A MET 186 ? 1_555 CA ? B CA . ? A CA 501 ? 1_555 OD2 ? A ASP 99 ? A ASP 254 ? 1_555 85.6  ? 
12 OD1 ? A ASP 32 ? A ASP 187 ? 1_555 CA ? B CA . ? A CA 501 ? 1_555 OD2 ? A ASP 99 ? A ASP 254 ? 1_555 166.1 ? 
13 OD2 ? A ASP 91 ? A ASP 246 ? 1_555 CA ? B CA . ? A CA 501 ? 1_555 OD2 ? A ASP 99 ? A ASP 254 ? 1_555 95.3  ? 
14 OD1 ? A ASP 93 ? A ASP 248 ? 1_555 CA ? B CA . ? A CA 501 ? 1_555 OD2 ? A ASP 99 ? A ASP 254 ? 1_555 126.0 ? 
15 OD2 ? A ASP 93 ? A ASP 248 ? 1_555 CA ? B CA . ? A CA 501 ? 1_555 OD2 ? A ASP 99 ? A ASP 254 ? 1_555 78.5  ? 
16 O   ? A MET 31 ? A MET 186 ? 1_555 CA ? B CA . ? A CA 501 ? 1_555 O   ? G HOH .  ? A HOH 304 ? 1_555 86.4  ? 
17 OD1 ? A ASP 32 ? A ASP 187 ? 1_555 CA ? B CA . ? A CA 501 ? 1_555 O   ? G HOH .  ? A HOH 304 ? 1_555 83.9  ? 
18 OD2 ? A ASP 91 ? A ASP 246 ? 1_555 CA ? B CA . ? A CA 501 ? 1_555 O   ? G HOH .  ? A HOH 304 ? 1_555 166.3 ? 
19 OD1 ? A ASP 93 ? A ASP 248 ? 1_555 CA ? B CA . ? A CA 501 ? 1_555 O   ? G HOH .  ? A HOH 304 ? 1_555 91.8  ? 
20 OD2 ? A ASP 93 ? A ASP 248 ? 1_555 CA ? B CA . ? A CA 501 ? 1_555 O   ? G HOH .  ? A HOH 304 ? 1_555 76.7  ? 
21 OD2 ? A ASP 99 ? A ASP 254 ? 1_555 CA ? B CA . ? A CA 501 ? 1_555 O   ? G HOH .  ? A HOH 304 ? 1_555 97.6  ? 
22 OD1 ? A ASP 32 ? A ASP 187 ? 1_555 CA ? C CA . ? A CA 502 ? 1_555 OD2 ? A ASP 32 ? A ASP 187 ? 1_555 51.1  ? 
23 OD1 ? A ASP 32 ? A ASP 187 ? 1_555 CA ? C CA . ? A CA 502 ? 1_555 OD2 ? A ASP 38 ? A ASP 193 ? 1_555 129.2 ? 
24 OD2 ? A ASP 32 ? A ASP 187 ? 1_555 CA ? C CA . ? A CA 502 ? 1_555 OD2 ? A ASP 38 ? A ASP 193 ? 1_555 82.7  ? 
25 OD1 ? A ASP 32 ? A ASP 187 ? 1_555 CA ? C CA . ? A CA 502 ? 1_555 OD1 ? A ASP 91 ? A ASP 246 ? 1_555 92.3  ? 
26 OD2 ? A ASP 32 ? A ASP 187 ? 1_555 CA ? C CA . ? A CA 502 ? 1_555 OD1 ? A ASP 91 ? A ASP 246 ? 1_555 86.3  ? 
27 OD2 ? A ASP 38 ? A ASP 193 ? 1_555 CA ? C CA . ? A CA 502 ? 1_555 OD1 ? A ASP 91 ? A ASP 246 ? 1_555 106.0 ? 
28 OD1 ? A ASP 32 ? A ASP 187 ? 1_555 CA ? C CA . ? A CA 502 ? 1_555 O   ? A TRP 92 ? A TRP 247 ? 1_555 151.1 ? 
29 OD2 ? A ASP 32 ? A ASP 187 ? 1_555 CA ? C CA . ? A CA 502 ? 1_555 O   ? A TRP 92 ? A TRP 247 ? 1_555 157.2 ? 
30 OD2 ? A ASP 38 ? A ASP 193 ? 1_555 CA ? C CA . ? A CA 502 ? 1_555 O   ? A TRP 92 ? A TRP 247 ? 1_555 78.3  ? 
31 OD1 ? A ASP 91 ? A ASP 246 ? 1_555 CA ? C CA . ? A CA 502 ? 1_555 O   ? A TRP 92 ? A TRP 247 ? 1_555 87.0  ? 
32 OD1 ? A ASP 32 ? A ASP 187 ? 1_555 CA ? C CA . ? A CA 502 ? 1_555 OD1 ? A ASP 93 ? A ASP 248 ? 1_555 72.7  ? 
33 OD2 ? A ASP 32 ? A ASP 187 ? 1_555 CA ? C CA . ? A CA 502 ? 1_555 OD1 ? A ASP 93 ? A ASP 248 ? 1_555 123.7 ? 
34 OD2 ? A ASP 38 ? A ASP 193 ? 1_555 CA ? C CA . ? A CA 502 ? 1_555 OD1 ? A ASP 93 ? A ASP 248 ? 1_555 147.2 ? 
35 OD1 ? A ASP 91 ? A ASP 246 ? 1_555 CA ? C CA . ? A CA 502 ? 1_555 OD1 ? A ASP 93 ? A ASP 248 ? 1_555 95.6  ? 
36 O   ? A TRP 92 ? A TRP 247 ? 1_555 CA ? C CA . ? A CA 502 ? 1_555 OD1 ? A ASP 93 ? A ASP 248 ? 1_555 78.6  ? 
37 OD1 ? A ASP 32 ? A ASP 187 ? 1_555 CA ? C CA . ? A CA 502 ? 1_555 O4  ? E PO4 .  ? A PO4 401 ? 1_555 85.3  ? 
38 OD2 ? A ASP 32 ? A ASP 187 ? 1_555 CA ? C CA . ? A CA 502 ? 1_555 O4  ? E PO4 .  ? A PO4 401 ? 1_555 96.7  ? 
39 OD2 ? A ASP 38 ? A ASP 193 ? 1_555 CA ? C CA . ? A CA 502 ? 1_555 O4  ? E PO4 .  ? A PO4 401 ? 1_555 80.0  ? 
40 OD1 ? A ASP 91 ? A ASP 246 ? 1_555 CA ? C CA . ? A CA 502 ? 1_555 O4  ? E PO4 .  ? A PO4 401 ? 1_555 173.7 ? 
41 O   ? A TRP 92 ? A TRP 247 ? 1_555 CA ? C CA . ? A CA 502 ? 1_555 O4  ? E PO4 .  ? A PO4 401 ? 1_555 92.3  ? 
42 OD1 ? A ASP 93 ? A ASP 248 ? 1_555 CA ? C CA . ? A CA 502 ? 1_555 O4  ? E PO4 .  ? A PO4 401 ? 1_555 78.1  ? 
43 OD2 ? A ASP 93 ? A ASP 248 ? 1_555 CA ? D CA . ? A CA 503 ? 1_555 OG1 ? A THR 96 ? A THR 251 ? 1_555 90.9  ? 
44 OD2 ? A ASP 93 ? A ASP 248 ? 1_555 CA ? D CA . ? A CA 503 ? 1_555 O   ? A ARG 97 ? A ARG 252 ? 1_555 94.0  ? 
45 OG1 ? A THR 96 ? A THR 251 ? 1_555 CA ? D CA . ? A CA 503 ? 1_555 O   ? A ARG 97 ? A ARG 252 ? 1_555 87.4  ? 
46 OD2 ? A ASP 93 ? A ASP 248 ? 1_555 CA ? D CA . ? A CA 503 ? 1_555 OD1 ? A ASP 99 ? A ASP 254 ? 1_555 97.1  ? 
47 OG1 ? A THR 96 ? A THR 251 ? 1_555 CA ? D CA . ? A CA 503 ? 1_555 OD1 ? A ASP 99 ? A ASP 254 ? 1_555 170.4 ? 
48 O   ? A ARG 97 ? A ARG 252 ? 1_555 CA ? D CA . ? A CA 503 ? 1_555 OD1 ? A ASP 99 ? A ASP 254 ? 1_555 86.7  ? 
49 OD2 ? A ASP 93 ? A ASP 248 ? 1_555 CA ? D CA . ? A CA 503 ? 1_555 OD2 ? A ASP 99 ? A ASP 254 ? 1_555 61.9  ? 
50 OG1 ? A THR 96 ? A THR 251 ? 1_555 CA ? D CA . ? A CA 503 ? 1_555 OD2 ? A ASP 99 ? A ASP 254 ? 1_555 144.3 ? 
51 O   ? A ARG 97 ? A ARG 252 ? 1_555 CA ? D CA . ? A CA 503 ? 1_555 OD2 ? A ASP 99 ? A ASP 254 ? 1_555 115.3 ? 
52 OD1 ? A ASP 99 ? A ASP 254 ? 1_555 CA ? D CA . ? A CA 503 ? 1_555 OD2 ? A ASP 99 ? A ASP 254 ? 1_555 45.2  ? 
# 
_struct_mon_prot_cis.pdbx_id                1 
_struct_mon_prot_cis.label_comp_id          ILE 
_struct_mon_prot_cis.label_seq_id           46 
_struct_mon_prot_cis.label_asym_id          A 
_struct_mon_prot_cis.label_alt_id           . 
_struct_mon_prot_cis.pdbx_PDB_ins_code      ? 
_struct_mon_prot_cis.auth_comp_id           ILE 
_struct_mon_prot_cis.auth_seq_id            201 
_struct_mon_prot_cis.auth_asym_id           A 
_struct_mon_prot_cis.pdbx_label_comp_id_2   PRO 
_struct_mon_prot_cis.pdbx_label_seq_id_2    47 
_struct_mon_prot_cis.pdbx_label_asym_id_2   A 
_struct_mon_prot_cis.pdbx_PDB_ins_code_2    ? 
_struct_mon_prot_cis.pdbx_auth_comp_id_2    PRO 
_struct_mon_prot_cis.pdbx_auth_seq_id_2     202 
_struct_mon_prot_cis.pdbx_auth_asym_id_2    A 
_struct_mon_prot_cis.pdbx_PDB_model_num     1 
_struct_mon_prot_cis.pdbx_omega_angle       -0.75 
# 
loop_
_struct_sheet.id 
_struct_sheet.type 
_struct_sheet.number_strands 
_struct_sheet.details 
A ? 5 ? 
B ? 4 ? 
# 
loop_
_struct_sheet_order.sheet_id 
_struct_sheet_order.range_id_1 
_struct_sheet_order.range_id_2 
_struct_sheet_order.offset 
_struct_sheet_order.sense 
A 1 2 ? anti-parallel 
A 2 3 ? anti-parallel 
A 3 4 ? anti-parallel 
A 4 5 ? anti-parallel 
B 1 2 ? anti-parallel 
B 2 3 ? anti-parallel 
B 3 4 ? anti-parallel 
# 
loop_
_struct_sheet_range.sheet_id 
_struct_sheet_range.id 
_struct_sheet_range.beg_label_comp_id 
_struct_sheet_range.beg_label_asym_id 
_struct_sheet_range.beg_label_seq_id 
_struct_sheet_range.pdbx_beg_PDB_ins_code 
_struct_sheet_range.end_label_comp_id 
_struct_sheet_range.end_label_asym_id 
_struct_sheet_range.end_label_seq_id 
_struct_sheet_range.pdbx_end_PDB_ins_code 
_struct_sheet_range.beg_auth_comp_id 
_struct_sheet_range.beg_auth_asym_id 
_struct_sheet_range.beg_auth_seq_id 
_struct_sheet_range.end_auth_comp_id 
_struct_sheet_range.end_auth_asym_id 
_struct_sheet_range.end_auth_seq_id 
A 1 GLN A 67  ? LYS A 75  ? GLN A 222 LYS A 230 
A 2 LYS A 17  ? LYS A 26  ? LYS A 172 LYS A 181 
A 3 ARG A 6   ? THR A 14  ? ARG A 161 THR A 169 
A 4 ALA A 116 ? LYS A 121 ? ALA A 271 LYS A 276 
A 5 VAL A 133 ? PRO A 134 ? VAL A 288 PRO A 289 
B 1 GLN A 55  ? LYS A 56  ? GLN A 210 LYS A 211 
B 2 PRO A 39  ? ILE A 46  ? PRO A 194 ILE A 201 
B 3 ARG A 84  ? ASP A 91  ? ARG A 239 ASP A 246 
B 4 ASP A 99  ? GLY A 107 ? ASP A 254 GLY A 262 
# 
loop_
_pdbx_struct_sheet_hbond.sheet_id 
_pdbx_struct_sheet_hbond.range_id_1 
_pdbx_struct_sheet_hbond.range_id_2 
_pdbx_struct_sheet_hbond.range_1_label_atom_id 
_pdbx_struct_sheet_hbond.range_1_label_comp_id 
_pdbx_struct_sheet_hbond.range_1_label_asym_id 
_pdbx_struct_sheet_hbond.range_1_label_seq_id 
_pdbx_struct_sheet_hbond.range_1_PDB_ins_code 
_pdbx_struct_sheet_hbond.range_1_auth_atom_id 
_pdbx_struct_sheet_hbond.range_1_auth_comp_id 
_pdbx_struct_sheet_hbond.range_1_auth_asym_id 
_pdbx_struct_sheet_hbond.range_1_auth_seq_id 
_pdbx_struct_sheet_hbond.range_2_label_atom_id 
_pdbx_struct_sheet_hbond.range_2_label_comp_id 
_pdbx_struct_sheet_hbond.range_2_label_asym_id 
_pdbx_struct_sheet_hbond.range_2_label_seq_id 
_pdbx_struct_sheet_hbond.range_2_PDB_ins_code 
_pdbx_struct_sheet_hbond.range_2_auth_atom_id 
_pdbx_struct_sheet_hbond.range_2_auth_comp_id 
_pdbx_struct_sheet_hbond.range_2_auth_asym_id 
_pdbx_struct_sheet_hbond.range_2_auth_seq_id 
A 1 2 O PHE A 72  ? O PHE A 227 N VAL A 20  ? N VAL A 175 
A 2 3 O THR A 21  ? O THR A 176 N LYS A 10  ? N LYS A 165 
A 3 4 N ALA A 11  ? N ALA A 166 O ALA A 116 ? O ALA A 271 
A 4 5 N LYS A 121 ? N LYS A 276 O VAL A 133 ? O VAL A 288 
B 1 2 O GLN A 55  ? O GLN A 210 N LEU A 43  ? N LEU A 198 
B 2 3 N LYS A 44  ? N LYS A 199 O SER A 86  ? O SER A 241 
B 3 4 N ASP A 91  ? N ASP A 246 O ASP A 99  ? O ASP A 254 
# 
loop_
_struct_site.id 
_struct_site.pdbx_evidence_code 
_struct_site.pdbx_auth_asym_id 
_struct_site.pdbx_auth_comp_id 
_struct_site.pdbx_auth_seq_id 
_struct_site.pdbx_auth_ins_code 
_struct_site.pdbx_num_residues 
_struct_site.details 
AC1 Software A CA  501 ? 6  'BINDING SITE FOR RESIDUE CA A 501'  
AC2 Software A CA  502 ? 6  'BINDING SITE FOR RESIDUE CA A 502'  
AC3 Software A CA  503 ? 4  'BINDING SITE FOR RESIDUE CA A 503'  
AC4 Software A PO4 401 ? 9  'BINDING SITE FOR RESIDUE PO4 A 401' 
AC5 Software A PT5 600 ? 10 'BINDING SITE FOR RESIDUE PT5 A 600' 
# 
loop_
_struct_site_gen.id 
_struct_site_gen.site_id 
_struct_site_gen.pdbx_num_res 
_struct_site_gen.label_comp_id 
_struct_site_gen.label_asym_id 
_struct_site_gen.label_seq_id 
_struct_site_gen.pdbx_auth_ins_code 
_struct_site_gen.auth_comp_id 
_struct_site_gen.auth_asym_id 
_struct_site_gen.auth_seq_id 
_struct_site_gen.label_atom_id 
_struct_site_gen.label_alt_id 
_struct_site_gen.symmetry 
_struct_site_gen.details 
1  AC1 6  MET A 31 ? MET A 186 . ? 1_555 ? 
2  AC1 6  ASP A 32 ? ASP A 187 . ? 1_555 ? 
3  AC1 6  ASP A 91 ? ASP A 246 . ? 1_555 ? 
4  AC1 6  ASP A 93 ? ASP A 248 . ? 1_555 ? 
5  AC1 6  ASP A 99 ? ASP A 254 . ? 1_555 ? 
6  AC1 6  HOH G .  ? HOH A 304 . ? 1_555 ? 
7  AC2 6  ASP A 32 ? ASP A 187 . ? 1_555 ? 
8  AC2 6  ASP A 38 ? ASP A 193 . ? 1_555 ? 
9  AC2 6  ASP A 91 ? ASP A 246 . ? 1_555 ? 
10 AC2 6  TRP A 92 ? TRP A 247 . ? 1_555 ? 
11 AC2 6  ASP A 93 ? ASP A 248 . ? 1_555 ? 
12 AC2 6  PO4 E .  ? PO4 A 401 . ? 1_555 ? 
13 AC3 4  ASP A 93 ? ASP A 248 . ? 1_555 ? 
14 AC3 4  THR A 96 ? THR A 251 . ? 1_555 ? 
15 AC3 4  ARG A 97 ? ARG A 252 . ? 1_555 ? 
16 AC3 4  ASP A 99 ? ASP A 254 . ? 1_555 ? 
17 AC4 9  ASP A 32 ? ASP A 187 . ? 1_555 ? 
18 AC4 9  ASP A 38 ? ASP A 193 . ? 1_555 ? 
19 AC4 9  GLU A 52 ? GLU A 207 . ? 5_545 ? 
20 AC4 9  ARG A 61 ? ARG A 216 . ? 1_555 ? 
21 AC4 9  TRP A 92 ? TRP A 247 . ? 1_555 ? 
22 AC4 9  ASP A 93 ? ASP A 248 . ? 1_555 ? 
23 AC4 9  ARG A 94 ? ARG A 249 . ? 1_555 ? 
24 AC4 9  HOH G .  ? HOH A 335 . ? 1_555 ? 
25 AC4 9  CA  C .  ? CA  A 502 . ? 1_555 ? 
26 AC5 10 HOH G .  ? HOH A 40  . ? 1_555 ? 
27 AC5 10 LYS A 17 ? LYS A 172 . ? 5_545 ? 
28 AC5 10 LYS A 26 ? LYS A 181 . ? 3_655 ? 
29 AC5 10 TYR A 40 ? TYR A 195 . ? 1_555 ? 
30 AC5 10 LYS A 42 ? LYS A 197 . ? 1_555 ? 
31 AC5 10 ASN A 51 ? ASN A 206 . ? 1_555 ? 
32 AC5 10 LYS A 54 ? LYS A 209 . ? 1_555 ? 
33 AC5 10 LYS A 56 ? LYS A 211 . ? 1_555 ? 
34 AC5 10 ASN A 98 ? ASN A 253 . ? 1_555 ? 
35 AC5 10 HOH G .  ? HOH A 316 . ? 1_555 ? 
# 
loop_
_pdbx_validate_close_contact.id 
_pdbx_validate_close_contact.PDB_model_num 
_pdbx_validate_close_contact.auth_atom_id_1 
_pdbx_validate_close_contact.auth_asym_id_1 
_pdbx_validate_close_contact.auth_comp_id_1 
_pdbx_validate_close_contact.auth_seq_id_1 
_pdbx_validate_close_contact.PDB_ins_code_1 
_pdbx_validate_close_contact.label_alt_id_1 
_pdbx_validate_close_contact.auth_atom_id_2 
_pdbx_validate_close_contact.auth_asym_id_2 
_pdbx_validate_close_contact.auth_comp_id_2 
_pdbx_validate_close_contact.auth_seq_id_2 
_pdbx_validate_close_contact.PDB_ins_code_2 
_pdbx_validate_close_contact.label_alt_id_2 
_pdbx_validate_close_contact.dist 
1  1 CB  A ASN 279 ? ? O   A HOH 36  ? ? 1.19 
2  1 OE1 A GLU 157 ? ? NZ  A LYS 276 ? ? 1.69 
3  1 OD1 A ASN 206 ? ? NZ  A LYS 209 ? ? 1.76 
4  1 NZ  A LYS 209 ? ? O13 A PT5 600 ? ? 1.82 
5  1 ND2 A ASN 206 ? ? CE  A LYS 209 ? ? 1.89 
6  1 CD  A ARG 238 ? ? O   A HOH 22  ? ? 1.90 
7  1 O   A THR 169 ? ? O   A HOH 48  ? ? 1.95 
8  1 C   A THR 169 ? ? O   A HOH 48  ? ? 1.99 
9  1 CB  A LYS 209 ? ? O   A HOH 26  ? ? 2.01 
10 1 N   A THR 156 ? ? O   A GLY 160 ? ? 2.06 
11 1 OG1 A THR 156 ? ? CD  A ARG 161 ? ? 2.07 
12 1 CA  A THR 251 ? ? O   A HOH 30  ? ? 2.10 
13 1 N   A ASP 170 ? ? O   A HOH 48  ? ? 2.12 
14 1 O   A THR 250 ? ? O   A HOH 30  ? ? 2.15 
15 1 ND2 A ASN 206 ? ? NZ  A LYS 209 ? ? 2.16 
16 1 CG  A LYS 209 ? ? O   A HOH 26  ? ? 2.18 
17 1 CG2 A THR 156 ? ? O   A HOH 24  ? ? 2.19 
18 1 CB  A ASP 170 ? ? O   A HOH 48  ? ? 2.19 
# 
_pdbx_validate_symm_contact.id                1 
_pdbx_validate_symm_contact.PDB_model_num     1 
_pdbx_validate_symm_contact.auth_atom_id_1    OD2 
_pdbx_validate_symm_contact.auth_asym_id_1    A 
_pdbx_validate_symm_contact.auth_comp_id_1    ASP 
_pdbx_validate_symm_contact.auth_seq_id_1     235 
_pdbx_validate_symm_contact.PDB_ins_code_1    ? 
_pdbx_validate_symm_contact.label_alt_id_1    ? 
_pdbx_validate_symm_contact.site_symmetry_1   1_555 
_pdbx_validate_symm_contact.auth_atom_id_2    NH2 
_pdbx_validate_symm_contact.auth_asym_id_2    A 
_pdbx_validate_symm_contact.auth_comp_id_2    ARG 
_pdbx_validate_symm_contact.auth_seq_id_2     249 
_pdbx_validate_symm_contact.PDB_ins_code_2    ? 
_pdbx_validate_symm_contact.label_alt_id_2    ? 
_pdbx_validate_symm_contact.site_symmetry_2   5_445 
_pdbx_validate_symm_contact.dist              1.76 
# 
loop_
_pdbx_validate_torsion.id 
_pdbx_validate_torsion.PDB_model_num 
_pdbx_validate_torsion.auth_comp_id 
_pdbx_validate_torsion.auth_asym_id 
_pdbx_validate_torsion.auth_seq_id 
_pdbx_validate_torsion.PDB_ins_code 
_pdbx_validate_torsion.label_alt_id 
_pdbx_validate_torsion.phi 
_pdbx_validate_torsion.psi 
1 1 GLU A 157 ? ? 176.29  88.85   
2 1 LYS A 158 ? ? 87.47   -46.96  
3 1 ASP A 170 ? ? 21.51   103.20  
4 1 GLU A 171 ? ? 97.44   -43.78  
5 1 ARG A 178 ? ? -81.41  -75.75  
6 1 LEU A 191 ? ? -115.15 -154.54 
7 1 ASN A 206 ? ? 60.61   64.62   
8 1 MET A 269 ? ? 166.78  107.23  
# 
_pdbx_refine_tls.id               1 
_pdbx_refine_tls.details          ? 
_pdbx_refine_tls.method           refined 
_pdbx_refine_tls.origin_x         0.1972 
_pdbx_refine_tls.origin_y         0.1793 
_pdbx_refine_tls.origin_z         0.2739 
_pdbx_refine_tls.T[1][1]          0.0051 
_pdbx_refine_tls.T[2][2]          0.0632 
_pdbx_refine_tls.T[3][3]          0.0383 
_pdbx_refine_tls.T[1][2]          -0.0141 
_pdbx_refine_tls.T[1][3]          0.0084 
_pdbx_refine_tls.T[2][3]          -0.0472 
_pdbx_refine_tls.L[1][1]          4.0071 
_pdbx_refine_tls.L[2][2]          5.4764 
_pdbx_refine_tls.L[3][3]          5.7014 
_pdbx_refine_tls.L[1][2]          -2.1620 
_pdbx_refine_tls.L[1][3]          -1.7909 
_pdbx_refine_tls.L[2][3]          1.8450 
_pdbx_refine_tls.S[1][1]          -0.0931 
_pdbx_refine_tls.S[1][2]          0.4202 
_pdbx_refine_tls.S[1][3]          -0.3027 
_pdbx_refine_tls.S[2][1]          -0.0283 
_pdbx_refine_tls.S[2][2]          -0.2697 
_pdbx_refine_tls.S[2][3]          0.2680 
_pdbx_refine_tls.S[3][1]          0.1112 
_pdbx_refine_tls.S[3][2]          -0.4878 
_pdbx_refine_tls.S[3][3]          0.3628 
_pdbx_refine_tls.pdbx_refine_id   'X-RAY DIFFRACTION' 
# 
_pdbx_refine_tls_group.id                  1 
_pdbx_refine_tls_group.refine_tls_id       1 
_pdbx_refine_tls_group.beg_auth_asym_id    A 
_pdbx_refine_tls_group.beg_auth_seq_id     150 
_pdbx_refine_tls_group.beg_label_asym_id   ? 
_pdbx_refine_tls_group.beg_label_seq_id    ? 
_pdbx_refine_tls_group.end_auth_asym_id    A 
_pdbx_refine_tls_group.end_auth_seq_id     295 
_pdbx_refine_tls_group.end_label_asym_id   ? 
_pdbx_refine_tls_group.end_label_seq_id    ? 
_pdbx_refine_tls_group.selection           ? 
_pdbx_refine_tls_group.selection_details   ? 
_pdbx_refine_tls_group.pdbx_refine_id      'X-RAY DIFFRACTION' 
# 
loop_
_chem_comp_atom.comp_id 
_chem_comp_atom.atom_id 
_chem_comp_atom.type_symbol 
_chem_comp_atom.pdbx_aromatic_flag 
_chem_comp_atom.pdbx_stereo_config 
_chem_comp_atom.pdbx_ordinal 
ALA N    N  N N 1   
ALA CA   C  N S 2   
ALA C    C  N N 3   
ALA O    O  N N 4   
ALA CB   C  N N 5   
ALA OXT  O  N N 6   
ALA H    H  N N 7   
ALA H2   H  N N 8   
ALA HA   H  N N 9   
ALA HB1  H  N N 10  
ALA HB2  H  N N 11  
ALA HB3  H  N N 12  
ALA HXT  H  N N 13  
ARG N    N  N N 14  
ARG CA   C  N S 15  
ARG C    C  N N 16  
ARG O    O  N N 17  
ARG CB   C  N N 18  
ARG CG   C  N N 19  
ARG CD   C  N N 20  
ARG NE   N  N N 21  
ARG CZ   C  N N 22  
ARG NH1  N  N N 23  
ARG NH2  N  N N 24  
ARG OXT  O  N N 25  
ARG H    H  N N 26  
ARG H2   H  N N 27  
ARG HA   H  N N 28  
ARG HB2  H  N N 29  
ARG HB3  H  N N 30  
ARG HG2  H  N N 31  
ARG HG3  H  N N 32  
ARG HD2  H  N N 33  
ARG HD3  H  N N 34  
ARG HE   H  N N 35  
ARG HH11 H  N N 36  
ARG HH12 H  N N 37  
ARG HH21 H  N N 38  
ARG HH22 H  N N 39  
ARG HXT  H  N N 40  
ASN N    N  N N 41  
ASN CA   C  N S 42  
ASN C    C  N N 43  
ASN O    O  N N 44  
ASN CB   C  N N 45  
ASN CG   C  N N 46  
ASN OD1  O  N N 47  
ASN ND2  N  N N 48  
ASN OXT  O  N N 49  
ASN H    H  N N 50  
ASN H2   H  N N 51  
ASN HA   H  N N 52  
ASN HB2  H  N N 53  
ASN HB3  H  N N 54  
ASN HD21 H  N N 55  
ASN HD22 H  N N 56  
ASN HXT  H  N N 57  
ASP N    N  N N 58  
ASP CA   C  N S 59  
ASP C    C  N N 60  
ASP O    O  N N 61  
ASP CB   C  N N 62  
ASP CG   C  N N 63  
ASP OD1  O  N N 64  
ASP OD2  O  N N 65  
ASP OXT  O  N N 66  
ASP H    H  N N 67  
ASP H2   H  N N 68  
ASP HA   H  N N 69  
ASP HB2  H  N N 70  
ASP HB3  H  N N 71  
ASP HD2  H  N N 72  
ASP HXT  H  N N 73  
CA  CA   CA N N 74  
GLN N    N  N N 75  
GLN CA   C  N S 76  
GLN C    C  N N 77  
GLN O    O  N N 78  
GLN CB   C  N N 79  
GLN CG   C  N N 80  
GLN CD   C  N N 81  
GLN OE1  O  N N 82  
GLN NE2  N  N N 83  
GLN OXT  O  N N 84  
GLN H    H  N N 85  
GLN H2   H  N N 86  
GLN HA   H  N N 87  
GLN HB2  H  N N 88  
GLN HB3  H  N N 89  
GLN HG2  H  N N 90  
GLN HG3  H  N N 91  
GLN HE21 H  N N 92  
GLN HE22 H  N N 93  
GLN HXT  H  N N 94  
GLU N    N  N N 95  
GLU CA   C  N S 96  
GLU C    C  N N 97  
GLU O    O  N N 98  
GLU CB   C  N N 99  
GLU CG   C  N N 100 
GLU CD   C  N N 101 
GLU OE1  O  N N 102 
GLU OE2  O  N N 103 
GLU OXT  O  N N 104 
GLU H    H  N N 105 
GLU H2   H  N N 106 
GLU HA   H  N N 107 
GLU HB2  H  N N 108 
GLU HB3  H  N N 109 
GLU HG2  H  N N 110 
GLU HG3  H  N N 111 
GLU HE2  H  N N 112 
GLU HXT  H  N N 113 
GLY N    N  N N 114 
GLY CA   C  N N 115 
GLY C    C  N N 116 
GLY O    O  N N 117 
GLY OXT  O  N N 118 
GLY H    H  N N 119 
GLY H2   H  N N 120 
GLY HA2  H  N N 121 
GLY HA3  H  N N 122 
GLY HXT  H  N N 123 
HIS N    N  N N 124 
HIS CA   C  N S 125 
HIS C    C  N N 126 
HIS O    O  N N 127 
HIS CB   C  N N 128 
HIS CG   C  Y N 129 
HIS ND1  N  Y N 130 
HIS CD2  C  Y N 131 
HIS CE1  C  Y N 132 
HIS NE2  N  Y N 133 
HIS OXT  O  N N 134 
HIS H    H  N N 135 
HIS H2   H  N N 136 
HIS HA   H  N N 137 
HIS HB2  H  N N 138 
HIS HB3  H  N N 139 
HIS HD1  H  N N 140 
HIS HD2  H  N N 141 
HIS HE1  H  N N 142 
HIS HE2  H  N N 143 
HIS HXT  H  N N 144 
HOH O    O  N N 145 
HOH H1   H  N N 146 
HOH H2   H  N N 147 
ILE N    N  N N 148 
ILE CA   C  N S 149 
ILE C    C  N N 150 
ILE O    O  N N 151 
ILE CB   C  N S 152 
ILE CG1  C  N N 153 
ILE CG2  C  N N 154 
ILE CD1  C  N N 155 
ILE OXT  O  N N 156 
ILE H    H  N N 157 
ILE H2   H  N N 158 
ILE HA   H  N N 159 
ILE HB   H  N N 160 
ILE HG12 H  N N 161 
ILE HG13 H  N N 162 
ILE HG21 H  N N 163 
ILE HG22 H  N N 164 
ILE HG23 H  N N 165 
ILE HD11 H  N N 166 
ILE HD12 H  N N 167 
ILE HD13 H  N N 168 
ILE HXT  H  N N 169 
LEU N    N  N N 170 
LEU CA   C  N S 171 
LEU C    C  N N 172 
LEU O    O  N N 173 
LEU CB   C  N N 174 
LEU CG   C  N N 175 
LEU CD1  C  N N 176 
LEU CD2  C  N N 177 
LEU OXT  O  N N 178 
LEU H    H  N N 179 
LEU H2   H  N N 180 
LEU HA   H  N N 181 
LEU HB2  H  N N 182 
LEU HB3  H  N N 183 
LEU HG   H  N N 184 
LEU HD11 H  N N 185 
LEU HD12 H  N N 186 
LEU HD13 H  N N 187 
LEU HD21 H  N N 188 
LEU HD22 H  N N 189 
LEU HD23 H  N N 190 
LEU HXT  H  N N 191 
LYS N    N  N N 192 
LYS CA   C  N S 193 
LYS C    C  N N 194 
LYS O    O  N N 195 
LYS CB   C  N N 196 
LYS CG   C  N N 197 
LYS CD   C  N N 198 
LYS CE   C  N N 199 
LYS NZ   N  N N 200 
LYS OXT  O  N N 201 
LYS H    H  N N 202 
LYS H2   H  N N 203 
LYS HA   H  N N 204 
LYS HB2  H  N N 205 
LYS HB3  H  N N 206 
LYS HG2  H  N N 207 
LYS HG3  H  N N 208 
LYS HD2  H  N N 209 
LYS HD3  H  N N 210 
LYS HE2  H  N N 211 
LYS HE3  H  N N 212 
LYS HZ1  H  N N 213 
LYS HZ2  H  N N 214 
LYS HZ3  H  N N 215 
LYS HXT  H  N N 216 
MET N    N  N N 217 
MET CA   C  N S 218 
MET C    C  N N 219 
MET O    O  N N 220 
MET CB   C  N N 221 
MET CG   C  N N 222 
MET SD   S  N N 223 
MET CE   C  N N 224 
MET OXT  O  N N 225 
MET H    H  N N 226 
MET H2   H  N N 227 
MET HA   H  N N 228 
MET HB2  H  N N 229 
MET HB3  H  N N 230 
MET HG2  H  N N 231 
MET HG3  H  N N 232 
MET HE1  H  N N 233 
MET HE2  H  N N 234 
MET HE3  H  N N 235 
MET HXT  H  N N 236 
PHE N    N  N N 237 
PHE CA   C  N S 238 
PHE C    C  N N 239 
PHE O    O  N N 240 
PHE CB   C  N N 241 
PHE CG   C  Y N 242 
PHE CD1  C  Y N 243 
PHE CD2  C  Y N 244 
PHE CE1  C  Y N 245 
PHE CE2  C  Y N 246 
PHE CZ   C  Y N 247 
PHE OXT  O  N N 248 
PHE H    H  N N 249 
PHE H2   H  N N 250 
PHE HA   H  N N 251 
PHE HB2  H  N N 252 
PHE HB3  H  N N 253 
PHE HD1  H  N N 254 
PHE HD2  H  N N 255 
PHE HE1  H  N N 256 
PHE HE2  H  N N 257 
PHE HZ   H  N N 258 
PHE HXT  H  N N 259 
PO4 P    P  N N 260 
PO4 O1   O  N N 261 
PO4 O2   O  N N 262 
PO4 O3   O  N N 263 
PO4 O4   O  N N 264 
PRO N    N  N N 265 
PRO CA   C  N S 266 
PRO C    C  N N 267 
PRO O    O  N N 268 
PRO CB   C  N N 269 
PRO CG   C  N N 270 
PRO CD   C  N N 271 
PRO OXT  O  N N 272 
PRO H    H  N N 273 
PRO HA   H  N N 274 
PRO HB2  H  N N 275 
PRO HB3  H  N N 276 
PRO HG2  H  N N 277 
PRO HG3  H  N N 278 
PRO HD2  H  N N 279 
PRO HD3  H  N N 280 
PRO HXT  H  N N 281 
PT5 O12  O  N N 282 
PT5 P1   P  N N 283 
PT5 O13  O  N N 284 
PT5 O11  O  N N 285 
PT5 O6   O  N N 286 
PT5 O1   O  N N 287 
PT5 C1   C  N R 288 
PT5 C6   C  N S 289 
PT5 C2   C  N R 290 
PT5 O2   O  N N 291 
PT5 C3   C  N S 292 
PT5 O3   O  N N 293 
PT5 C4   C  N R 294 
PT5 O4   O  N N 295 
PT5 P4   P  N N 296 
PT5 O41  O  N N 297 
PT5 O42  O  N N 298 
PT5 O43  O  N N 299 
PT5 C5   C  N R 300 
PT5 O5   O  N N 301 
PT5 P5   P  N N 302 
PT5 O52  O  N N 303 
PT5 O51  O  N N 304 
PT5 O53  O  N N 305 
PT5 C7   C  N N 306 
PT5 C8   C  N R 307 
PT5 C9   C  N N 308 
PT5 O16  O  N N 309 
PT5 C10  C  N N 310 
PT5 O17  O  N N 311 
PT5 O18  O  N N 312 
PT5 C11  C  N N 313 
PT5 O19  O  N N 314 
PT5 C12  C  N N 315 
PT5 C13  C  N N 316 
PT5 C14  C  N N 317 
PT5 C15  C  N N 318 
PT5 C16  C  N N 319 
PT5 C17  C  N N 320 
PT5 C18  C  N N 321 
PT5 C19  C  N N 322 
PT5 C20  C  N N 323 
PT5 C21  C  N N 324 
PT5 C22  C  N N 325 
PT5 C23  C  N N 326 
PT5 C24  C  N N 327 
PT5 C31  C  N N 328 
PT5 C32  C  N N 329 
PT5 C33  C  N N 330 
PT5 C34  C  N N 331 
PT5 C35  C  N N 332 
PT5 C36  C  N N 333 
PT5 C37  C  N N 334 
PT5 C38  C  N N 335 
PT5 C39  C  N N 336 
PT5 C40  C  N N 337 
PT5 H1   H  N N 338 
PT5 H2   H  N N 339 
PT5 H3   H  N N 340 
PT5 H4   H  N N 341 
PT5 H5   H  N N 342 
PT5 H6   H  N N 343 
PT5 H7   H  N N 344 
PT5 H8   H  N N 345 
PT5 H9   H  N N 346 
PT5 H10  H  N N 347 
PT5 H11  H  N N 348 
PT5 H12  H  N N 349 
PT5 H13  H  N N 350 
PT5 H14  H  N N 351 
PT5 H15  H  N N 352 
PT5 H16  H  N N 353 
PT5 H17  H  N N 354 
PT5 H18  H  N N 355 
PT5 H19  H  N N 356 
PT5 H20  H  N N 357 
PT5 H21  H  N N 358 
PT5 H22  H  N N 359 
PT5 H23  H  N N 360 
PT5 H24  H  N N 361 
PT5 H25  H  N N 362 
PT5 H26  H  N N 363 
PT5 H28  H  N N 364 
PT5 H30  H  N N 365 
PT5 H31  H  N N 366 
PT5 H32  H  N N 367 
PT5 H33  H  N N 368 
PT5 H34  H  N N 369 
PT5 H35  H  N N 370 
PT5 H36  H  N N 371 
PT5 H38  H  N N 372 
PT5 H40  H  N N 373 
PT5 H41  H  N N 374 
PT5 H42  H  N N 375 
PT5 H45  H  N N 376 
PT5 H46  H  N N 377 
PT5 H47  H  N N 378 
PT5 H48  H  N N 379 
PT5 H49  H  N N 380 
PT5 H50  H  N N 381 
PT5 H51  H  N N 382 
PT5 H52  H  N N 383 
PT5 H53  H  N N 384 
PT5 H54  H  N N 385 
PT5 H55  H  N N 386 
PT5 H56  H  N N 387 
PT5 H57  H  N N 388 
PT5 H58  H  N N 389 
PT5 H59  H  N N 390 
PT5 H60  H  N N 391 
PT5 H61  H  N N 392 
PT5 H62  H  N N 393 
PT5 H63  H  N N 394 
PT5 H64  H  N N 395 
PT5 C25  C  N N 396 
PT5 C26  C  N N 397 
PT5 C27  C  N N 398 
PT5 C28  C  N N 399 
PT5 C29  C  N N 400 
PT5 C30  C  N N 401 
PT5 C41  C  N N 402 
PT5 C42  C  N N 403 
PT5 C43  C  N N 404 
PT5 C44  C  N N 405 
PT5 C45  C  N N 406 
PT5 C46  C  N N 407 
PT5 C47  C  N N 408 
PT5 H27  H  N N 409 
PT5 H29  H  N N 410 
PT5 H37  H  N N 411 
PT5 H39  H  N N 412 
PT5 H43  H  N N 413 
PT5 H44  H  N N 414 
PT5 H65  H  N N 415 
PT5 H66  H  N N 416 
PT5 H67  H  N N 417 
PT5 H68  H  N N 418 
PT5 H69  H  N N 419 
PT5 H70  H  N N 420 
PT5 H71  H  N N 421 
PT5 H72  H  N N 422 
PT5 H73  H  N N 423 
PT5 H74  H  N N 424 
PT5 H75  H  N N 425 
PT5 H76  H  N N 426 
PT5 H77  H  N N 427 
PT5 H78  H  N N 428 
PT5 H79  H  N N 429 
PT5 H80  H  N N 430 
PT5 H81  H  N N 431 
PT5 H82  H  N N 432 
PT5 H83  H  N N 433 
PT5 H84  H  N N 434 
PT5 H85  H  N N 435 
SER N    N  N N 436 
SER CA   C  N S 437 
SER C    C  N N 438 
SER O    O  N N 439 
SER CB   C  N N 440 
SER OG   O  N N 441 
SER OXT  O  N N 442 
SER H    H  N N 443 
SER H2   H  N N 444 
SER HA   H  N N 445 
SER HB2  H  N N 446 
SER HB3  H  N N 447 
SER HG   H  N N 448 
SER HXT  H  N N 449 
THR N    N  N N 450 
THR CA   C  N S 451 
THR C    C  N N 452 
THR O    O  N N 453 
THR CB   C  N R 454 
THR OG1  O  N N 455 
THR CG2  C  N N 456 
THR OXT  O  N N 457 
THR H    H  N N 458 
THR H2   H  N N 459 
THR HA   H  N N 460 
THR HB   H  N N 461 
THR HG1  H  N N 462 
THR HG21 H  N N 463 
THR HG22 H  N N 464 
THR HG23 H  N N 465 
THR HXT  H  N N 466 
TRP N    N  N N 467 
TRP CA   C  N S 468 
TRP C    C  N N 469 
TRP O    O  N N 470 
TRP CB   C  N N 471 
TRP CG   C  Y N 472 
TRP CD1  C  Y N 473 
TRP CD2  C  Y N 474 
TRP NE1  N  Y N 475 
TRP CE2  C  Y N 476 
TRP CE3  C  Y N 477 
TRP CZ2  C  Y N 478 
TRP CZ3  C  Y N 479 
TRP CH2  C  Y N 480 
TRP OXT  O  N N 481 
TRP H    H  N N 482 
TRP H2   H  N N 483 
TRP HA   H  N N 484 
TRP HB2  H  N N 485 
TRP HB3  H  N N 486 
TRP HD1  H  N N 487 
TRP HE1  H  N N 488 
TRP HE3  H  N N 489 
TRP HZ2  H  N N 490 
TRP HZ3  H  N N 491 
TRP HH2  H  N N 492 
TRP HXT  H  N N 493 
TYR N    N  N N 494 
TYR CA   C  N S 495 
TYR C    C  N N 496 
TYR O    O  N N 497 
TYR CB   C  N N 498 
TYR CG   C  Y N 499 
TYR CD1  C  Y N 500 
TYR CD2  C  Y N 501 
TYR CE1  C  Y N 502 
TYR CE2  C  Y N 503 
TYR CZ   C  Y N 504 
TYR OH   O  N N 505 
TYR OXT  O  N N 506 
TYR H    H  N N 507 
TYR H2   H  N N 508 
TYR HA   H  N N 509 
TYR HB2  H  N N 510 
TYR HB3  H  N N 511 
TYR HD1  H  N N 512 
TYR HD2  H  N N 513 
TYR HE1  H  N N 514 
TYR HE2  H  N N 515 
TYR HH   H  N N 516 
TYR HXT  H  N N 517 
VAL N    N  N N 518 
VAL CA   C  N S 519 
VAL C    C  N N 520 
VAL O    O  N N 521 
VAL CB   C  N N 522 
VAL CG1  C  N N 523 
VAL CG2  C  N N 524 
VAL OXT  O  N N 525 
VAL H    H  N N 526 
VAL H2   H  N N 527 
VAL HA   H  N N 528 
VAL HB   H  N N 529 
VAL HG11 H  N N 530 
VAL HG12 H  N N 531 
VAL HG13 H  N N 532 
VAL HG21 H  N N 533 
VAL HG22 H  N N 534 
VAL HG23 H  N N 535 
VAL HXT  H  N N 536 
# 
loop_
_chem_comp_bond.comp_id 
_chem_comp_bond.atom_id_1 
_chem_comp_bond.atom_id_2 
_chem_comp_bond.value_order 
_chem_comp_bond.pdbx_aromatic_flag 
_chem_comp_bond.pdbx_stereo_config 
_chem_comp_bond.pdbx_ordinal 
ALA N   CA   sing N N 1   
ALA N   H    sing N N 2   
ALA N   H2   sing N N 3   
ALA CA  C    sing N N 4   
ALA CA  CB   sing N N 5   
ALA CA  HA   sing N N 6   
ALA C   O    doub N N 7   
ALA C   OXT  sing N N 8   
ALA CB  HB1  sing N N 9   
ALA CB  HB2  sing N N 10  
ALA CB  HB3  sing N N 11  
ALA OXT HXT  sing N N 12  
ARG N   CA   sing N N 13  
ARG N   H    sing N N 14  
ARG N   H2   sing N N 15  
ARG CA  C    sing N N 16  
ARG CA  CB   sing N N 17  
ARG CA  HA   sing N N 18  
ARG C   O    doub N N 19  
ARG C   OXT  sing N N 20  
ARG CB  CG   sing N N 21  
ARG CB  HB2  sing N N 22  
ARG CB  HB3  sing N N 23  
ARG CG  CD   sing N N 24  
ARG CG  HG2  sing N N 25  
ARG CG  HG3  sing N N 26  
ARG CD  NE   sing N N 27  
ARG CD  HD2  sing N N 28  
ARG CD  HD3  sing N N 29  
ARG NE  CZ   sing N N 30  
ARG NE  HE   sing N N 31  
ARG CZ  NH1  sing N N 32  
ARG CZ  NH2  doub N N 33  
ARG NH1 HH11 sing N N 34  
ARG NH1 HH12 sing N N 35  
ARG NH2 HH21 sing N N 36  
ARG NH2 HH22 sing N N 37  
ARG OXT HXT  sing N N 38  
ASN N   CA   sing N N 39  
ASN N   H    sing N N 40  
ASN N   H2   sing N N 41  
ASN CA  C    sing N N 42  
ASN CA  CB   sing N N 43  
ASN CA  HA   sing N N 44  
ASN C   O    doub N N 45  
ASN C   OXT  sing N N 46  
ASN CB  CG   sing N N 47  
ASN CB  HB2  sing N N 48  
ASN CB  HB3  sing N N 49  
ASN CG  OD1  doub N N 50  
ASN CG  ND2  sing N N 51  
ASN ND2 HD21 sing N N 52  
ASN ND2 HD22 sing N N 53  
ASN OXT HXT  sing N N 54  
ASP N   CA   sing N N 55  
ASP N   H    sing N N 56  
ASP N   H2   sing N N 57  
ASP CA  C    sing N N 58  
ASP CA  CB   sing N N 59  
ASP CA  HA   sing N N 60  
ASP C   O    doub N N 61  
ASP C   OXT  sing N N 62  
ASP CB  CG   sing N N 63  
ASP CB  HB2  sing N N 64  
ASP CB  HB3  sing N N 65  
ASP CG  OD1  doub N N 66  
ASP CG  OD2  sing N N 67  
ASP OD2 HD2  sing N N 68  
ASP OXT HXT  sing N N 69  
GLN N   CA   sing N N 70  
GLN N   H    sing N N 71  
GLN N   H2   sing N N 72  
GLN CA  C    sing N N 73  
GLN CA  CB   sing N N 74  
GLN CA  HA   sing N N 75  
GLN C   O    doub N N 76  
GLN C   OXT  sing N N 77  
GLN CB  CG   sing N N 78  
GLN CB  HB2  sing N N 79  
GLN CB  HB3  sing N N 80  
GLN CG  CD   sing N N 81  
GLN CG  HG2  sing N N 82  
GLN CG  HG3  sing N N 83  
GLN CD  OE1  doub N N 84  
GLN CD  NE2  sing N N 85  
GLN NE2 HE21 sing N N 86  
GLN NE2 HE22 sing N N 87  
GLN OXT HXT  sing N N 88  
GLU N   CA   sing N N 89  
GLU N   H    sing N N 90  
GLU N   H2   sing N N 91  
GLU CA  C    sing N N 92  
GLU CA  CB   sing N N 93  
GLU CA  HA   sing N N 94  
GLU C   O    doub N N 95  
GLU C   OXT  sing N N 96  
GLU CB  CG   sing N N 97  
GLU CB  HB2  sing N N 98  
GLU CB  HB3  sing N N 99  
GLU CG  CD   sing N N 100 
GLU CG  HG2  sing N N 101 
GLU CG  HG3  sing N N 102 
GLU CD  OE1  doub N N 103 
GLU CD  OE2  sing N N 104 
GLU OE2 HE2  sing N N 105 
GLU OXT HXT  sing N N 106 
GLY N   CA   sing N N 107 
GLY N   H    sing N N 108 
GLY N   H2   sing N N 109 
GLY CA  C    sing N N 110 
GLY CA  HA2  sing N N 111 
GLY CA  HA3  sing N N 112 
GLY C   O    doub N N 113 
GLY C   OXT  sing N N 114 
GLY OXT HXT  sing N N 115 
HIS N   CA   sing N N 116 
HIS N   H    sing N N 117 
HIS N   H2   sing N N 118 
HIS CA  C    sing N N 119 
HIS CA  CB   sing N N 120 
HIS CA  HA   sing N N 121 
HIS C   O    doub N N 122 
HIS C   OXT  sing N N 123 
HIS CB  CG   sing N N 124 
HIS CB  HB2  sing N N 125 
HIS CB  HB3  sing N N 126 
HIS CG  ND1  sing Y N 127 
HIS CG  CD2  doub Y N 128 
HIS ND1 CE1  doub Y N 129 
HIS ND1 HD1  sing N N 130 
HIS CD2 NE2  sing Y N 131 
HIS CD2 HD2  sing N N 132 
HIS CE1 NE2  sing Y N 133 
HIS CE1 HE1  sing N N 134 
HIS NE2 HE2  sing N N 135 
HIS OXT HXT  sing N N 136 
HOH O   H1   sing N N 137 
HOH O   H2   sing N N 138 
ILE N   CA   sing N N 139 
ILE N   H    sing N N 140 
ILE N   H2   sing N N 141 
ILE CA  C    sing N N 142 
ILE CA  CB   sing N N 143 
ILE CA  HA   sing N N 144 
ILE C   O    doub N N 145 
ILE C   OXT  sing N N 146 
ILE CB  CG1  sing N N 147 
ILE CB  CG2  sing N N 148 
ILE CB  HB   sing N N 149 
ILE CG1 CD1  sing N N 150 
ILE CG1 HG12 sing N N 151 
ILE CG1 HG13 sing N N 152 
ILE CG2 HG21 sing N N 153 
ILE CG2 HG22 sing N N 154 
ILE CG2 HG23 sing N N 155 
ILE CD1 HD11 sing N N 156 
ILE CD1 HD12 sing N N 157 
ILE CD1 HD13 sing N N 158 
ILE OXT HXT  sing N N 159 
LEU N   CA   sing N N 160 
LEU N   H    sing N N 161 
LEU N   H2   sing N N 162 
LEU CA  C    sing N N 163 
LEU CA  CB   sing N N 164 
LEU CA  HA   sing N N 165 
LEU C   O    doub N N 166 
LEU C   OXT  sing N N 167 
LEU CB  CG   sing N N 168 
LEU CB  HB2  sing N N 169 
LEU CB  HB3  sing N N 170 
LEU CG  CD1  sing N N 171 
LEU CG  CD2  sing N N 172 
LEU CG  HG   sing N N 173 
LEU CD1 HD11 sing N N 174 
LEU CD1 HD12 sing N N 175 
LEU CD1 HD13 sing N N 176 
LEU CD2 HD21 sing N N 177 
LEU CD2 HD22 sing N N 178 
LEU CD2 HD23 sing N N 179 
LEU OXT HXT  sing N N 180 
LYS N   CA   sing N N 181 
LYS N   H    sing N N 182 
LYS N   H2   sing N N 183 
LYS CA  C    sing N N 184 
LYS CA  CB   sing N N 185 
LYS CA  HA   sing N N 186 
LYS C   O    doub N N 187 
LYS C   OXT  sing N N 188 
LYS CB  CG   sing N N 189 
LYS CB  HB2  sing N N 190 
LYS CB  HB3  sing N N 191 
LYS CG  CD   sing N N 192 
LYS CG  HG2  sing N N 193 
LYS CG  HG3  sing N N 194 
LYS CD  CE   sing N N 195 
LYS CD  HD2  sing N N 196 
LYS CD  HD3  sing N N 197 
LYS CE  NZ   sing N N 198 
LYS CE  HE2  sing N N 199 
LYS CE  HE3  sing N N 200 
LYS NZ  HZ1  sing N N 201 
LYS NZ  HZ2  sing N N 202 
LYS NZ  HZ3  sing N N 203 
LYS OXT HXT  sing N N 204 
MET N   CA   sing N N 205 
MET N   H    sing N N 206 
MET N   H2   sing N N 207 
MET CA  C    sing N N 208 
MET CA  CB   sing N N 209 
MET CA  HA   sing N N 210 
MET C   O    doub N N 211 
MET C   OXT  sing N N 212 
MET CB  CG   sing N N 213 
MET CB  HB2  sing N N 214 
MET CB  HB3  sing N N 215 
MET CG  SD   sing N N 216 
MET CG  HG2  sing N N 217 
MET CG  HG3  sing N N 218 
MET SD  CE   sing N N 219 
MET CE  HE1  sing N N 220 
MET CE  HE2  sing N N 221 
MET CE  HE3  sing N N 222 
MET OXT HXT  sing N N 223 
PHE N   CA   sing N N 224 
PHE N   H    sing N N 225 
PHE N   H2   sing N N 226 
PHE CA  C    sing N N 227 
PHE CA  CB   sing N N 228 
PHE CA  HA   sing N N 229 
PHE C   O    doub N N 230 
PHE C   OXT  sing N N 231 
PHE CB  CG   sing N N 232 
PHE CB  HB2  sing N N 233 
PHE CB  HB3  sing N N 234 
PHE CG  CD1  doub Y N 235 
PHE CG  CD2  sing Y N 236 
PHE CD1 CE1  sing Y N 237 
PHE CD1 HD1  sing N N 238 
PHE CD2 CE2  doub Y N 239 
PHE CD2 HD2  sing N N 240 
PHE CE1 CZ   doub Y N 241 
PHE CE1 HE1  sing N N 242 
PHE CE2 CZ   sing Y N 243 
PHE CE2 HE2  sing N N 244 
PHE CZ  HZ   sing N N 245 
PHE OXT HXT  sing N N 246 
PO4 P   O1   doub N N 247 
PO4 P   O2   sing N N 248 
PO4 P   O3   sing N N 249 
PO4 P   O4   sing N N 250 
PRO N   CA   sing N N 251 
PRO N   CD   sing N N 252 
PRO N   H    sing N N 253 
PRO CA  C    sing N N 254 
PRO CA  CB   sing N N 255 
PRO CA  HA   sing N N 256 
PRO C   O    doub N N 257 
PRO C   OXT  sing N N 258 
PRO CB  CG   sing N N 259 
PRO CB  HB2  sing N N 260 
PRO CB  HB3  sing N N 261 
PRO CG  CD   sing N N 262 
PRO CG  HG2  sing N N 263 
PRO CG  HG3  sing N N 264 
PRO CD  HD2  sing N N 265 
PRO CD  HD3  sing N N 266 
PRO OXT HXT  sing N N 267 
PT5 C23 C24  sing N N 268 
PT5 C23 C22  sing N N 269 
PT5 C22 C21  doub N E 270 
PT5 C21 C20  sing N N 271 
PT5 C20 C19  sing N N 272 
PT5 C19 C18  doub N Z 273 
PT5 C16 C17  sing N N 274 
PT5 C16 C15  doub N Z 275 
PT5 C18 C17  sing N N 276 
PT5 C15 C14  sing N N 277 
PT5 C14 C13  sing N N 278 
PT5 C13 C12  sing N N 279 
PT5 O17 C10  doub N N 280 
PT5 O52 P5   doub N N 281 
PT5 O6  C6   sing N N 282 
PT5 C12 C10  sing N N 283 
PT5 O53 P5   sing N N 284 
PT5 C10 O16  sing N N 285 
PT5 P5  O5   sing N N 286 
PT5 P5  O51  sing N N 287 
PT5 O5  C5   sing N N 288 
PT5 C5  C6   sing N N 289 
PT5 C5  C4   sing N N 290 
PT5 C6  C1   sing N N 291 
PT5 C1  C2   sing N N 292 
PT5 C1  O1   sing N N 293 
PT5 O16 C8   sing N N 294 
PT5 C7  O13  sing N N 295 
PT5 C7  C8   sing N N 296 
PT5 C2  O2   sing N N 297 
PT5 C2  C3   sing N N 298 
PT5 O13 P1   sing N N 299 
PT5 C8  C9   sing N N 300 
PT5 O4  C4   sing N N 301 
PT5 O4  P4   sing N N 302 
PT5 C4  C3   sing N N 303 
PT5 C3  O3   sing N N 304 
PT5 O1  P1   sing N N 305 
PT5 O42 P4   doub N N 306 
PT5 P1  O11  doub N N 307 
PT5 P1  O12  sing N N 308 
PT5 P4  O41  sing N N 309 
PT5 P4  O43  sing N N 310 
PT5 C9  O18  sing N N 311 
PT5 C31 C11  sing N N 312 
PT5 C31 C32  sing N N 313 
PT5 O18 C11  sing N N 314 
PT5 C11 O19  doub N N 315 
PT5 C32 C33  sing N N 316 
PT5 C33 C34  sing N N 317 
PT5 C34 C35  sing N N 318 
PT5 C35 C36  sing N N 319 
PT5 C36 C37  sing N N 320 
PT5 C37 C38  sing N N 321 
PT5 C40 C39  sing N N 322 
PT5 C39 C38  sing N N 323 
PT5 O12 H1   sing N N 324 
PT5 O6  H2   sing N N 325 
PT5 C1  H3   sing N N 326 
PT5 C6  H4   sing N N 327 
PT5 C2  H5   sing N N 328 
PT5 O2  H6   sing N N 329 
PT5 C3  H7   sing N N 330 
PT5 O3  H8   sing N N 331 
PT5 C4  H9   sing N N 332 
PT5 O41 H10  sing N N 333 
PT5 O43 H11  sing N N 334 
PT5 C5  H12  sing N N 335 
PT5 O51 H13  sing N N 336 
PT5 O53 H14  sing N N 337 
PT5 C7  H15  sing N N 338 
PT5 C7  H16  sing N N 339 
PT5 C8  H17  sing N N 340 
PT5 C9  H18  sing N N 341 
PT5 C9  H19  sing N N 342 
PT5 C12 H20  sing N N 343 
PT5 C12 H21  sing N N 344 
PT5 C13 H22  sing N N 345 
PT5 C13 H23  sing N N 346 
PT5 C14 H24  sing N N 347 
PT5 C14 H25  sing N N 348 
PT5 C15 H26  sing N N 349 
PT5 C16 H28  sing N N 350 
PT5 C17 H30  sing N N 351 
PT5 C17 H31  sing N N 352 
PT5 C18 H32  sing N N 353 
PT5 C19 H33  sing N N 354 
PT5 C20 H34  sing N N 355 
PT5 C20 H35  sing N N 356 
PT5 C21 H36  sing N N 357 
PT5 C22 H38  sing N N 358 
PT5 C23 H40  sing N N 359 
PT5 C23 H41  sing N N 360 
PT5 C24 H42  sing N N 361 
PT5 C31 H45  sing N N 362 
PT5 C31 H46  sing N N 363 
PT5 C32 H47  sing N N 364 
PT5 C32 H48  sing N N 365 
PT5 C33 H49  sing N N 366 
PT5 C33 H50  sing N N 367 
PT5 C34 H51  sing N N 368 
PT5 C34 H52  sing N N 369 
PT5 C35 H53  sing N N 370 
PT5 C35 H54  sing N N 371 
PT5 C36 H55  sing N N 372 
PT5 C36 H56  sing N N 373 
PT5 C37 H57  sing N N 374 
PT5 C37 H58  sing N N 375 
PT5 C38 H59  sing N N 376 
PT5 C38 H60  sing N N 377 
PT5 C39 H61  sing N N 378 
PT5 C39 H62  sing N N 379 
PT5 C40 H63  sing N N 380 
PT5 C40 H64  sing N N 381 
PT5 C24 C25  doub N N 382 
PT5 C25 C26  sing N N 383 
PT5 C26 C27  sing N N 384 
PT5 C27 C28  sing N N 385 
PT5 C28 C29  sing N N 386 
PT5 C29 C30  sing N N 387 
PT5 C40 C41  sing N N 388 
PT5 C41 C42  sing N N 389 
PT5 C42 C43  sing N N 390 
PT5 C43 C44  sing N N 391 
PT5 C44 C45  sing N N 392 
PT5 C45 C46  sing N N 393 
PT5 C46 C47  sing N N 394 
PT5 C25 H27  sing N N 395 
PT5 C26 H29  sing N N 396 
PT5 C26 H37  sing N N 397 
PT5 C27 H39  sing N N 398 
PT5 C27 H43  sing N N 399 
PT5 C28 H44  sing N N 400 
PT5 C28 H65  sing N N 401 
PT5 C29 H66  sing N N 402 
PT5 C29 H67  sing N N 403 
PT5 C30 H68  sing N N 404 
PT5 C30 H69  sing N N 405 
PT5 C30 H70  sing N N 406 
PT5 C41 H71  sing N N 407 
PT5 C41 H72  sing N N 408 
PT5 C42 H73  sing N N 409 
PT5 C42 H74  sing N N 410 
PT5 C43 H75  sing N N 411 
PT5 C43 H76  sing N N 412 
PT5 C44 H77  sing N N 413 
PT5 C44 H78  sing N N 414 
PT5 C45 H79  sing N N 415 
PT5 C45 H80  sing N N 416 
PT5 C46 H81  sing N N 417 
PT5 C46 H82  sing N N 418 
PT5 C47 H83  sing N N 419 
PT5 C47 H84  sing N N 420 
PT5 C47 H85  sing N N 421 
SER N   CA   sing N N 422 
SER N   H    sing N N 423 
SER N   H2   sing N N 424 
SER CA  C    sing N N 425 
SER CA  CB   sing N N 426 
SER CA  HA   sing N N 427 
SER C   O    doub N N 428 
SER C   OXT  sing N N 429 
SER CB  OG   sing N N 430 
SER CB  HB2  sing N N 431 
SER CB  HB3  sing N N 432 
SER OG  HG   sing N N 433 
SER OXT HXT  sing N N 434 
THR N   CA   sing N N 435 
THR N   H    sing N N 436 
THR N   H2   sing N N 437 
THR CA  C    sing N N 438 
THR CA  CB   sing N N 439 
THR CA  HA   sing N N 440 
THR C   O    doub N N 441 
THR C   OXT  sing N N 442 
THR CB  OG1  sing N N 443 
THR CB  CG2  sing N N 444 
THR CB  HB   sing N N 445 
THR OG1 HG1  sing N N 446 
THR CG2 HG21 sing N N 447 
THR CG2 HG22 sing N N 448 
THR CG2 HG23 sing N N 449 
THR OXT HXT  sing N N 450 
TRP N   CA   sing N N 451 
TRP N   H    sing N N 452 
TRP N   H2   sing N N 453 
TRP CA  C    sing N N 454 
TRP CA  CB   sing N N 455 
TRP CA  HA   sing N N 456 
TRP C   O    doub N N 457 
TRP C   OXT  sing N N 458 
TRP CB  CG   sing N N 459 
TRP CB  HB2  sing N N 460 
TRP CB  HB3  sing N N 461 
TRP CG  CD1  doub Y N 462 
TRP CG  CD2  sing Y N 463 
TRP CD1 NE1  sing Y N 464 
TRP CD1 HD1  sing N N 465 
TRP CD2 CE2  doub Y N 466 
TRP CD2 CE3  sing Y N 467 
TRP NE1 CE2  sing Y N 468 
TRP NE1 HE1  sing N N 469 
TRP CE2 CZ2  sing Y N 470 
TRP CE3 CZ3  doub Y N 471 
TRP CE3 HE3  sing N N 472 
TRP CZ2 CH2  doub Y N 473 
TRP CZ2 HZ2  sing N N 474 
TRP CZ3 CH2  sing Y N 475 
TRP CZ3 HZ3  sing N N 476 
TRP CH2 HH2  sing N N 477 
TRP OXT HXT  sing N N 478 
TYR N   CA   sing N N 479 
TYR N   H    sing N N 480 
TYR N   H2   sing N N 481 
TYR CA  C    sing N N 482 
TYR CA  CB   sing N N 483 
TYR CA  HA   sing N N 484 
TYR C   O    doub N N 485 
TYR C   OXT  sing N N 486 
TYR CB  CG   sing N N 487 
TYR CB  HB2  sing N N 488 
TYR CB  HB3  sing N N 489 
TYR CG  CD1  doub Y N 490 
TYR CG  CD2  sing Y N 491 
TYR CD1 CE1  sing Y N 492 
TYR CD1 HD1  sing N N 493 
TYR CD2 CE2  doub Y N 494 
TYR CD2 HD2  sing N N 495 
TYR CE1 CZ   doub Y N 496 
TYR CE1 HE1  sing N N 497 
TYR CE2 CZ   sing Y N 498 
TYR CE2 HE2  sing N N 499 
TYR CZ  OH   sing N N 500 
TYR OH  HH   sing N N 501 
TYR OXT HXT  sing N N 502 
VAL N   CA   sing N N 503 
VAL N   H    sing N N 504 
VAL N   H2   sing N N 505 
VAL CA  C    sing N N 506 
VAL CA  CB   sing N N 507 
VAL CA  HA   sing N N 508 
VAL C   O    doub N N 509 
VAL C   OXT  sing N N 510 
VAL CB  CG1  sing N N 511 
VAL CB  CG2  sing N N 512 
VAL CB  HB   sing N N 513 
VAL CG1 HG11 sing N N 514 
VAL CG1 HG12 sing N N 515 
VAL CG1 HG13 sing N N 516 
VAL CG2 HG21 sing N N 517 
VAL CG2 HG22 sing N N 518 
VAL CG2 HG23 sing N N 519 
VAL OXT HXT  sing N N 520 
# 
_pdbx_initial_refinement_model.accession_code   1DSY 
_pdbx_initial_refinement_model.id               1 
_pdbx_initial_refinement_model.entity_id_list   ? 
_pdbx_initial_refinement_model.type             'experimental model' 
_pdbx_initial_refinement_model.source_name      PDB 
_pdbx_initial_refinement_model.details          
'C2 DOMAIN FROM PROTEIN KINASE C (ALPHA) COMPLEXED WITH CA2+ AND PHOSPHATIDYLSERINE' 
# 
_atom_sites.entry_id                    3GPE 
_atom_sites.fract_transf_matrix[1][1]   -0.00685102 
_atom_sites.fract_transf_matrix[1][2]   -0.01133418 
_atom_sites.fract_transf_matrix[1][3]   0.01493454 
_atom_sites.fract_transf_matrix[2][1]   -0.00718132 
_atom_sites.fract_transf_matrix[2][2]   -0.01823399 
_atom_sites.fract_transf_matrix[2][3]   -0.00379363 
_atom_sites.fract_transf_matrix[3][1]   0.01009909 
_atom_sites.fract_transf_matrix[3][2]   -0.00426750 
_atom_sites.fract_transf_matrix[3][3]   0.00139411 
_atom_sites.fract_transf_vector[1]      0.321293 
_atom_sites.fract_transf_vector[2]      -0.272273 
_atom_sites.fract_transf_vector[3]      0.101186 
# 
loop_
_atom_type.symbol 
C  
CA 
N  
O  
P  
S  
# 
loop_
_atom_site.group_PDB 
_atom_site.id 
_atom_site.type_symbol 
_atom_site.label_atom_id 
_atom_site.label_alt_id 
_atom_site.label_comp_id 
_atom_site.label_asym_id 
_atom_site.label_entity_id 
_atom_site.label_seq_id 
_atom_site.pdbx_PDB_ins_code 
_atom_site.Cartn_x 
_atom_site.Cartn_y 
_atom_site.Cartn_z 
_atom_site.occupancy 
_atom_site.B_iso_or_equiv 
_atom_site.pdbx_formal_charge 
_atom_site.auth_seq_id 
_atom_site.auth_comp_id 
_atom_site.auth_asym_id 
_atom_site.auth_atom_id 
_atom_site.pdbx_PDB_model_num 
ATOM   1    N  N   . THR A 1 1   ? -10.658 -5.828  3.688   1.00 19.73 ? 156 THR A N   1 
ATOM   2    C  CA  . THR A 1 1   ? -12.039 -6.188  4.124   1.00 19.71 ? 156 THR A CA  1 
ATOM   3    C  C   . THR A 1 1   ? -12.109 -7.621  4.642   1.00 19.64 ? 156 THR A C   1 
ATOM   4    O  O   . THR A 1 1   ? -12.919 -8.419  4.174   1.00 19.63 ? 156 THR A O   1 
ATOM   5    C  CB  . THR A 1 1   ? -13.057 -6.020  2.979   1.00 19.72 ? 156 THR A CB  1 
ATOM   6    O  OG1 . THR A 1 1   ? -13.119 -4.643  2.587   1.00 19.79 ? 156 THR A OG1 1 
ATOM   7    C  CG2 . THR A 1 1   ? -14.438 -6.475  3.425   1.00 19.76 ? 156 THR A CG2 1 
ATOM   8    N  N   . GLU A 1 2   ? -11.256 -7.941  5.610   1.00 19.54 ? 157 GLU A N   1 
ATOM   9    C  CA  . GLU A 1 2   ? -11.260 -9.266  6.220   1.00 19.42 ? 157 GLU A CA  1 
ATOM   10   C  C   . GLU A 1 2   ? -10.136 -9.423  7.238   1.00 19.27 ? 157 GLU A C   1 
ATOM   11   O  O   . GLU A 1 2   ? -9.037  -9.863  6.901   1.00 19.30 ? 157 GLU A O   1 
ATOM   12   C  CB  . GLU A 1 2   ? -11.150 -10.355 5.150   1.00 19.46 ? 157 GLU A CB  1 
ATOM   13   C  CG  . GLU A 1 2   ? -11.316 -11.765 5.693   1.00 19.56 ? 157 GLU A CG  1 
ATOM   14   C  CD  . GLU A 1 2   ? -11.072 -12.829 4.641   1.00 19.71 ? 157 GLU A CD  1 
ATOM   15   O  OE1 . GLU A 1 2   ? -10.366 -12.538 3.653   1.00 19.68 ? 157 GLU A OE1 1 
ATOM   16   O  OE2 . GLU A 1 2   ? -11.585 -13.957 4.805   1.00 19.67 ? 157 GLU A OE2 1 
ATOM   17   N  N   . LYS A 1 3   ? -10.421 -9.062  8.484   1.00 19.11 ? 158 LYS A N   1 
ATOM   18   C  CA  . LYS A 1 3   ? -9.448  -9.183  9.563   1.00 18.89 ? 158 LYS A CA  1 
ATOM   19   C  C   . LYS A 1 3   ? -8.567  -7.944  9.665   1.00 18.62 ? 158 LYS A C   1 
ATOM   20   O  O   . LYS A 1 3   ? -8.355  -7.413  10.754  1.00 18.60 ? 158 LYS A O   1 
ATOM   21   C  CB  . LYS A 1 3   ? -8.582  -10.429 9.372   1.00 18.97 ? 158 LYS A CB  1 
ATOM   22   C  CG  . LYS A 1 3   ? -7.535  -10.622 10.458  1.00 19.23 ? 158 LYS A CG  1 
ATOM   23   C  CD  . LYS A 1 3   ? -6.763  -11.918 10.266  1.00 19.69 ? 158 LYS A CD  1 
ATOM   24   C  CE  . LYS A 1 3   ? -5.769  -12.137 11.394  1.00 19.89 ? 158 LYS A CE  1 
ATOM   25   N  NZ  . LYS A 1 3   ? -5.050  -13.434 11.258  1.00 20.13 ? 158 LYS A NZ  1 
ATOM   26   N  N   . ARG A 1 4   ? -8.054  -7.490  8.526   1.00 18.31 ? 159 ARG A N   1 
ATOM   27   C  CA  . ARG A 1 4   ? -7.191  -6.315  8.497   1.00 17.98 ? 159 ARG A CA  1 
ATOM   28   C  C   . ARG A 1 4   ? -7.821  -5.173  7.709   1.00 17.74 ? 159 ARG A C   1 
ATOM   29   O  O   . ARG A 1 4   ? -7.194  -4.136  7.497   1.00 17.71 ? 159 ARG A O   1 
ATOM   30   C  CB  . ARG A 1 4   ? -5.824  -6.669  7.909   1.00 17.99 ? 159 ARG A CB  1 
ATOM   31   C  CG  . ARG A 1 4   ? -5.013  -7.628  8.760   1.00 18.09 ? 159 ARG A CG  1 
ATOM   32   C  CD  . ARG A 1 4   ? -3.654  -7.902  8.136   1.00 18.27 ? 159 ARG A CD  1 
ATOM   33   N  NE  . ARG A 1 4   ? -2.813  -8.721  9.004   1.00 18.37 ? 159 ARG A NE  1 
ATOM   34   C  CZ  . ARG A 1 4   ? -2.098  -8.241  10.016  1.00 18.47 ? 159 ARG A CZ  1 
ATOM   35   N  NH1 . ARG A 1 4   ? -2.123  -6.944  10.292  1.00 18.38 ? 159 ARG A NH1 1 
ATOM   36   N  NH2 . ARG A 1 4   ? -1.361  -9.057  10.754  1.00 18.67 ? 159 ARG A NH2 1 
ATOM   37   N  N   . GLY A 1 5   ? -9.061  -5.370  7.273   1.00 17.43 ? 160 GLY A N   1 
ATOM   38   C  CA  . GLY A 1 5   ? -9.780  -4.344  6.529   1.00 17.10 ? 160 GLY A CA  1 
ATOM   39   C  C   . GLY A 1 5   ? -9.438  -4.337  5.052   1.00 16.87 ? 160 GLY A C   1 
ATOM   40   O  O   . GLY A 1 5   ? -8.853  -5.289  4.534   1.00 16.83 ? 160 GLY A O   1 
ATOM   41   N  N   . ARG A 1 6   ? -9.803  -3.255  4.372   1.00 16.60 ? 161 ARG A N   1 
ATOM   42   C  CA  . ARG A 1 6   ? -9.581  -3.141  2.937   1.00 16.37 ? 161 ARG A CA  1 
ATOM   43   C  C   . ARG A 1 6   ? -9.063  -1.760  2.556   1.00 16.17 ? 161 ARG A C   1 
ATOM   44   O  O   . ARG A 1 6   ? -9.176  -0.806  3.327   1.00 16.15 ? 161 ARG A O   1 
ATOM   45   C  CB  . ARG A 1 6   ? -10.869 -3.446  2.170   1.00 16.42 ? 161 ARG A CB  1 
ATOM   46   C  CG  . ARG A 1 6   ? -12.029 -2.524  2.509   1.00 16.54 ? 161 ARG A CG  1 
ATOM   47   C  CD  . ARG A 1 6   ? -13.233 -2.813  1.632   1.00 16.83 ? 161 ARG A CD  1 
ATOM   48   N  NE  . ARG A 1 6   ? -14.322 -1.869  1.868   1.00 17.31 ? 161 ARG A NE  1 
ATOM   49   C  CZ  . ARG A 1 6   ? -15.484 -1.897  1.226   1.00 17.19 ? 161 ARG A CZ  1 
ATOM   50   N  NH1 . ARG A 1 6   ? -15.714 -2.823  0.306   1.00 17.38 ? 161 ARG A NH1 1 
ATOM   51   N  NH2 . ARG A 1 6   ? -16.419 -0.998  1.504   1.00 17.34 ? 161 ARG A NH2 1 
ATOM   52   N  N   . ILE A 1 7   ? -8.498  -1.661  1.357   1.00 15.91 ? 162 ILE A N   1 
ATOM   53   C  CA  . ILE A 1 7   ? -7.946  -0.406  0.867   1.00 15.68 ? 162 ILE A CA  1 
ATOM   54   C  C   . ILE A 1 7   ? -8.350  -0.180  -0.588  1.00 15.63 ? 162 ILE A C   1 
ATOM   55   O  O   . ILE A 1 7   ? -8.392  -1.121  -1.383  1.00 15.52 ? 162 ILE A O   1 
ATOM   56   C  CB  . ILE A 1 7   ? -6.406  -0.388  0.988   1.00 15.69 ? 162 ILE A CB  1 
ATOM   57   C  CG1 . ILE A 1 7   ? -5.851  0.983   0.597   1.00 15.61 ? 162 ILE A CG1 1 
ATOM   58   C  CG2 . ILE A 1 7   ? -5.786  -1.488  0.136   1.00 15.60 ? 162 ILE A CG2 1 
ATOM   59   C  CD1 . ILE A 1 7   ? -4.350  1.104   0.773   1.00 15.45 ? 162 ILE A CD1 1 
ATOM   60   N  N   . TYR A 1 8   ? -8.658  1.067   -0.930  1.00 15.49 ? 163 TYR A N   1 
ATOM   61   C  CA  . TYR A 1 8   ? -9.005  1.416   -2.302  1.00 15.48 ? 163 TYR A CA  1 
ATOM   62   C  C   . TYR A 1 8   ? -7.808  2.047   -3.006  1.00 15.46 ? 163 TYR A C   1 
ATOM   63   O  O   . TYR A 1 8   ? -7.274  3.058   -2.549  1.00 15.38 ? 163 TYR A O   1 
ATOM   64   C  CB  . TYR A 1 8   ? -10.197 2.373   -2.333  1.00 15.45 ? 163 TYR A CB  1 
ATOM   65   C  CG  . TYR A 1 8   ? -10.795 2.544   -3.709  1.00 15.66 ? 163 TYR A CG  1 
ATOM   66   C  CD1 . TYR A 1 8   ? -10.224 3.409   -4.633  1.00 15.82 ? 163 TYR A CD1 1 
ATOM   67   C  CD2 . TYR A 1 8   ? -11.928 1.837   -4.086  1.00 15.67 ? 163 TYR A CD2 1 
ATOM   68   C  CE1 . TYR A 1 8   ? -10.767 3.567   -5.894  1.00 15.87 ? 163 TYR A CE1 1 
ATOM   69   C  CE2 . TYR A 1 8   ? -12.479 1.988   -5.345  1.00 15.88 ? 163 TYR A CE2 1 
ATOM   70   C  CZ  . TYR A 1 8   ? -11.894 2.855   -6.244  1.00 15.93 ? 163 TYR A CZ  1 
ATOM   71   O  OH  . TYR A 1 8   ? -12.437 3.009   -7.499  1.00 16.16 ? 163 TYR A OH  1 
ATOM   72   N  N   . LEU A 1 9   ? -7.398  1.450   -4.122  1.00 15.43 ? 164 LEU A N   1 
ATOM   73   C  CA  . LEU A 1 9   ? -6.194  1.881   -4.824  1.00 15.53 ? 164 LEU A CA  1 
ATOM   74   C  C   . LEU A 1 9   ? -6.397  2.007   -6.329  1.00 15.52 ? 164 LEU A C   1 
ATOM   75   O  O   . LEU A 1 9   ? -7.309  1.411   -6.902  1.00 15.50 ? 164 LEU A O   1 
ATOM   76   C  CB  . LEU A 1 9   ? -5.050  0.894   -4.571  1.00 15.54 ? 164 LEU A CB  1 
ATOM   77   C  CG  . LEU A 1 9   ? -4.593  0.610   -3.141  1.00 15.80 ? 164 LEU A CG  1 
ATOM   78   C  CD1 . LEU A 1 9   ? -3.714  -0.633  -3.114  1.00 15.73 ? 164 LEU A CD1 1 
ATOM   79   C  CD2 . LEU A 1 9   ? -3.854  1.805   -2.555  1.00 16.03 ? 164 LEU A CD2 1 
ATOM   80   N  N   . LYS A 1 10  ? -5.526  2.789   -6.960  1.00 15.57 ? 165 LYS A N   1 
ATOM   81   C  CA  . LYS A 1 10  ? -5.416  2.834   -8.410  1.00 15.65 ? 165 LYS A CA  1 
ATOM   82   C  C   . LYS A 1 10  ? -3.940  2.799   -8.793  1.00 15.60 ? 165 LYS A C   1 
ATOM   83   O  O   . LYS A 1 10  ? -3.120  3.488   -8.187  1.00 15.51 ? 165 LYS A O   1 
ATOM   84   C  CB  . LYS A 1 10  ? -6.080  4.090   -8.977  1.00 15.73 ? 165 LYS A CB  1 
ATOM   85   C  CG  . LYS A 1 10  ? -7.590  3.998   -9.109  1.00 16.03 ? 165 LYS A CG  1 
ATOM   86   C  CD  . LYS A 1 10  ? -8.131  5.128   -9.972  1.00 16.51 ? 165 LYS A CD  1 
ATOM   87   C  CE  . LYS A 1 10  ? -9.561  4.860   -10.410 1.00 16.85 ? 165 LYS A CE  1 
ATOM   88   N  NZ  . LYS A 1 10  ? -10.504 4.825   -9.258  1.00 17.31 ? 165 LYS A NZ  1 
ATOM   89   N  N   . ALA A 1 11  ? -3.606  1.988   -9.792  1.00 15.57 ? 166 ALA A N   1 
ATOM   90   C  CA  . ALA A 1 11  ? -2.222  1.851   -10.231 1.00 15.62 ? 166 ALA A CA  1 
ATOM   91   C  C   . ALA A 1 11  ? -2.146  1.439   -11.697 1.00 15.69 ? 166 ALA A C   1 
ATOM   92   O  O   . ALA A 1 11  ? -2.621  0.370   -12.077 1.00 15.63 ? 166 ALA A O   1 
ATOM   93   C  CB  . ALA A 1 11  ? -1.487  0.845   -9.359  1.00 15.52 ? 166 ALA A CB  1 
ATOM   94   N  N   . GLU A 1 12  ? -1.547  2.298   -12.515 1.00 15.84 ? 167 GLU A N   1 
ATOM   95   C  CA  . GLU A 1 12  ? -1.412  2.029   -13.940 1.00 16.04 ? 167 GLU A CA  1 
ATOM   96   C  C   . GLU A 1 12  ? -0.005  2.354   -14.423 1.00 16.08 ? 167 GLU A C   1 
ATOM   97   O  O   . GLU A 1 12  ? 0.649   3.256   -13.899 1.00 16.10 ? 167 GLU A O   1 
ATOM   98   C  CB  . GLU A 1 12  ? -2.433  2.840   -14.739 1.00 16.08 ? 167 GLU A CB  1 
ATOM   99   C  CG  . GLU A 1 12  ? -2.226  4.342   -14.653 1.00 16.45 ? 167 GLU A CG  1 
ATOM   100  C  CD  . GLU A 1 12  ? -3.132  5.114   -15.590 1.00 16.95 ? 167 GLU A CD  1 
ATOM   101  O  OE1 . GLU A 1 12  ? -3.516  4.562   -16.643 1.00 17.19 ? 167 GLU A OE1 1 
ATOM   102  O  OE2 . GLU A 1 12  ? -3.456  6.278   -15.275 1.00 17.34 ? 167 GLU A OE2 1 
ATOM   103  N  N   . VAL A 1 13  ? 0.454   1.619   -15.428 1.00 16.15 ? 168 VAL A N   1 
ATOM   104  C  CA  . VAL A 1 13  ? 1.765   1.861   -16.011 1.00 16.23 ? 168 VAL A CA  1 
ATOM   105  C  C   . VAL A 1 13  ? 1.627   2.543   -17.366 1.00 16.33 ? 168 VAL A C   1 
ATOM   106  O  O   . VAL A 1 13  ? 1.349   1.893   -18.374 1.00 16.36 ? 168 VAL A O   1 
ATOM   107  C  CB  . VAL A 1 13  ? 2.560   0.553   -16.178 1.00 16.24 ? 168 VAL A CB  1 
ATOM   108  C  CG1 . VAL A 1 13  ? 3.889   0.825   -16.865 1.00 16.19 ? 168 VAL A CG1 1 
ATOM   109  C  CG2 . VAL A 1 13  ? 2.774   -0.113  -14.829 1.00 16.18 ? 168 VAL A CG2 1 
ATOM   110  N  N   . THR A 1 14  ? 1.815   3.859   -17.385 1.00 16.42 ? 169 THR A N   1 
ATOM   111  C  CA  . THR A 1 14  ? 1.741   4.618   -18.625 1.00 16.54 ? 169 THR A CA  1 
ATOM   112  C  C   . THR A 1 14  ? 3.133   4.923   -19.164 1.00 16.56 ? 169 THR A C   1 
ATOM   113  O  O   . THR A 1 14  ? 3.812   5.831   -18.688 1.00 16.57 ? 169 THR A O   1 
ATOM   114  C  CB  . THR A 1 14  ? 0.960   5.933   -18.446 1.00 16.57 ? 169 THR A CB  1 
ATOM   115  O  OG1 . THR A 1 14  ? -0.438  5.645   -18.319 1.00 16.77 ? 169 THR A OG1 1 
ATOM   116  C  CG2 . THR A 1 14  ? 1.171   6.844   -19.645 1.00 16.52 ? 169 THR A CG2 1 
ATOM   117  N  N   . ASP A 1 15  ? 3.550   4.147   -20.159 1.00 16.62 ? 170 ASP A N   1 
ATOM   118  C  CA  . ASP A 1 15  ? 4.840   4.341   -20.805 1.00 16.61 ? 170 ASP A CA  1 
ATOM   119  C  C   . ASP A 1 15  ? 5.815   5.115   -19.921 1.00 16.55 ? 170 ASP A C   1 
ATOM   120  O  O   . ASP A 1 15  ? 5.709   6.335   -19.784 1.00 16.55 ? 170 ASP A O   1 
ATOM   121  C  CB  . ASP A 1 15  ? 4.658   5.064   -22.141 1.00 16.65 ? 170 ASP A CB  1 
ATOM   122  C  CG  . ASP A 1 15  ? 5.909   5.031   -23.001 1.00 16.82 ? 170 ASP A CG  1 
ATOM   123  O  OD1 . ASP A 1 15  ? 6.769   4.155   -22.772 1.00 17.15 ? 170 ASP A OD1 1 
ATOM   124  O  OD2 . ASP A 1 15  ? 6.027   5.879   -23.910 1.00 16.94 ? 170 ASP A OD2 1 
ATOM   125  N  N   . GLU A 1 16  ? 6.759   4.401   -19.317 1.00 16.43 ? 171 GLU A N   1 
ATOM   126  C  CA  . GLU A 1 16  ? 7.843   5.044   -18.582 1.00 16.32 ? 171 GLU A CA  1 
ATOM   127  C  C   . GLU A 1 16  ? 7.606   5.119   -17.074 1.00 16.12 ? 171 GLU A C   1 
ATOM   128  O  O   . GLU A 1 16  ? 8.512   4.852   -16.288 1.00 16.12 ? 171 GLU A O   1 
ATOM   129  C  CB  . GLU A 1 16  ? 8.093   6.452   -19.134 1.00 16.34 ? 171 GLU A CB  1 
ATOM   130  C  CG  . GLU A 1 16  ? 8.419   6.492   -20.618 1.00 16.66 ? 171 GLU A CG  1 
ATOM   131  C  CD  . GLU A 1 16  ? 8.542   7.908   -21.148 1.00 16.92 ? 171 GLU A CD  1 
ATOM   132  O  OE1 . GLU A 1 16  ? 8.446   8.858   -20.343 1.00 17.21 ? 171 GLU A OE1 1 
ATOM   133  O  OE2 . GLU A 1 16  ? 8.734   8.072   -22.371 1.00 17.01 ? 171 GLU A OE2 1 
ATOM   134  N  N   . LYS A 1 17  ? 6.390   5.483   -16.674 1.00 15.93 ? 172 LYS A N   1 
ATOM   135  C  CA  . LYS A 1 17  ? 6.112   5.765   -15.267 1.00 15.74 ? 172 LYS A CA  1 
ATOM   136  C  C   . LYS A 1 17  ? 4.957   4.949   -14.688 1.00 15.55 ? 172 LYS A C   1 
ATOM   137  O  O   . LYS A 1 17  ? 3.963   4.686   -15.364 1.00 15.55 ? 172 LYS A O   1 
ATOM   138  C  CB  . LYS A 1 17  ? 5.833   7.259   -15.077 1.00 15.73 ? 172 LYS A CB  1 
ATOM   139  C  CG  . LYS A 1 17  ? 6.908   8.169   -15.647 1.00 15.91 ? 172 LYS A CG  1 
ATOM   140  C  CD  . LYS A 1 17  ? 6.492   9.630   -15.584 1.00 15.97 ? 172 LYS A CD  1 
ATOM   141  C  CE  . LYS A 1 17  ? 7.541   10.529  -16.217 1.00 16.21 ? 172 LYS A CE  1 
ATOM   142  N  NZ  . LYS A 1 17  ? 7.100   11.951  -16.277 1.00 16.26 ? 172 LYS A NZ  1 
ATOM   143  N  N   . LEU A 1 18  ? 5.101   4.560   -13.425 1.00 15.33 ? 173 LEU A N   1 
ATOM   144  C  CA  . LEU A 1 18  ? 4.032   3.888   -12.695 1.00 15.13 ? 173 LEU A CA  1 
ATOM   145  C  C   . LEU A 1 18  ? 3.289   4.897   -11.826 1.00 14.99 ? 173 LEU A C   1 
ATOM   146  O  O   . LEU A 1 18  ? 3.876   5.514   -10.938 1.00 14.99 ? 173 LEU A O   1 
ATOM   147  C  CB  . LEU A 1 18  ? 4.601   2.763   -11.827 1.00 15.16 ? 173 LEU A CB  1 
ATOM   148  C  CG  . LEU A 1 18  ? 3.686   2.148   -10.765 1.00 15.22 ? 173 LEU A CG  1 
ATOM   149  C  CD1 . LEU A 1 18  ? 2.428   1.568   -11.389 1.00 15.38 ? 173 LEU A CD1 1 
ATOM   150  C  CD2 . LEU A 1 18  ? 4.430   1.084   -9.974  1.00 15.62 ? 173 LEU A CD2 1 
ATOM   151  N  N   . HIS A 1 19  ? 1.996   5.064   -12.087 1.00 14.78 ? 174 HIS A N   1 
ATOM   152  C  CA  . HIS A 1 19  ? 1.178   6.000   -11.324 1.00 14.65 ? 174 HIS A CA  1 
ATOM   153  C  C   . HIS A 1 19  ? 0.300   5.263   -10.321 1.00 14.55 ? 174 HIS A C   1 
ATOM   154  O  O   . HIS A 1 19  ? -0.423  4.334   -10.680 1.00 14.49 ? 174 HIS A O   1 
ATOM   155  C  CB  . HIS A 1 19  ? 0.314   6.849   -12.258 1.00 14.64 ? 174 HIS A CB  1 
ATOM   156  C  CG  . HIS A 1 19  ? 1.096   7.601   -13.290 1.00 14.71 ? 174 HIS A CG  1 
ATOM   157  N  ND1 . HIS A 1 19  ? 1.696   8.815   -13.031 1.00 14.80 ? 174 HIS A ND1 1 
ATOM   158  C  CD2 . HIS A 1 19  ? 1.374   7.312   -14.584 1.00 14.89 ? 174 HIS A CD2 1 
ATOM   159  C  CE1 . HIS A 1 19  ? 2.311   9.240   -14.120 1.00 14.97 ? 174 HIS A CE1 1 
ATOM   160  N  NE2 . HIS A 1 19  ? 2.130   8.347   -15.077 1.00 15.00 ? 174 HIS A NE2 1 
ATOM   161  N  N   . VAL A 1 20  ? 0.371   5.679   -9.062  1.00 14.46 ? 175 VAL A N   1 
ATOM   162  C  CA  . VAL A 1 20  ? -0.400  5.038   -8.006  1.00 14.39 ? 175 VAL A CA  1 
ATOM   163  C  C   . VAL A 1 20  ? -1.221  6.056   -7.226  1.00 14.38 ? 175 VAL A C   1 
ATOM   164  O  O   . VAL A 1 20  ? -0.709  7.095   -6.812  1.00 14.33 ? 175 VAL A O   1 
ATOM   165  C  CB  . VAL A 1 20  ? 0.509   4.279   -7.021  1.00 14.44 ? 175 VAL A CB  1 
ATOM   166  C  CG1 . VAL A 1 20  ? -0.330  3.586   -5.957  1.00 14.33 ? 175 VAL A CG1 1 
ATOM   167  C  CG2 . VAL A 1 20  ? 1.378   3.275   -7.763  1.00 14.35 ? 175 VAL A CG2 1 
ATOM   168  N  N   . THR A 1 21  ? -2.499  5.753   -7.034  1.00 14.37 ? 176 THR A N   1 
ATOM   169  C  CA  . THR A 1 21  ? -3.362  6.594   -6.222  1.00 14.39 ? 176 THR A CA  1 
ATOM   170  C  C   . THR A 1 21  ? -3.865  5.825   -5.008  1.00 14.43 ? 176 THR A C   1 
ATOM   171  O  O   . THR A 1 21  ? -4.501  4.780   -5.143  1.00 14.39 ? 176 THR A O   1 
ATOM   172  C  CB  . THR A 1 21  ? -4.565  7.122   -7.019  1.00 14.38 ? 176 THR A CB  1 
ATOM   173  O  OG1 . THR A 1 21  ? -4.104  7.945   -8.097  1.00 14.43 ? 176 THR A OG1 1 
ATOM   174  C  CG2 . THR A 1 21  ? -5.477  7.944   -6.120  1.00 14.44 ? 176 THR A CG2 1 
ATOM   175  N  N   . VAL A 1 22  ? -3.561  6.341   -3.823  1.00 14.44 ? 177 VAL A N   1 
ATOM   176  C  CA  . VAL A 1 22  ? -4.053  5.759   -2.584  1.00 14.52 ? 177 VAL A CA  1 
ATOM   177  C  C   . VAL A 1 22  ? -5.228  6.593   -2.094  1.00 14.52 ? 177 VAL A C   1 
ATOM   178  O  O   . VAL A 1 22  ? -5.043  7.699   -1.589  1.00 14.54 ? 177 VAL A O   1 
ATOM   179  C  CB  . VAL A 1 22  ? -2.957  5.726   -1.503  1.00 14.54 ? 177 VAL A CB  1 
ATOM   180  C  CG1 . VAL A 1 22  ? -3.494  5.118   -0.217  1.00 14.75 ? 177 VAL A CG1 1 
ATOM   181  C  CG2 . VAL A 1 22  ? -1.746  4.953   -1.999  1.00 14.52 ? 177 VAL A CG2 1 
ATOM   182  N  N   . ARG A 1 23  ? -6.438  6.065   -2.255  1.00 14.52 ? 178 ARG A N   1 
ATOM   183  C  CA  . ARG A 1 23  ? -7.639  6.817   -1.908  1.00 14.54 ? 178 ARG A CA  1 
ATOM   184  C  C   . ARG A 1 23  ? -7.941  6.761   -0.415  1.00 14.55 ? 178 ARG A C   1 
ATOM   185  O  O   . ARG A 1 23  ? -7.711  7.729   0.309   1.00 14.60 ? 178 ARG A O   1 
ATOM   186  C  CB  . ARG A 1 23  ? -8.847  6.324   -2.710  1.00 14.57 ? 178 ARG A CB  1 
ATOM   187  C  CG  . ARG A 1 23  ? -10.018 7.295   -2.702  1.00 14.65 ? 178 ARG A CG  1 
ATOM   188  C  CD  . ARG A 1 23  ? -11.235 6.717   -3.403  1.00 14.96 ? 178 ARG A CD  1 
ATOM   189  N  NE  . ARG A 1 23  ? -11.855 5.646   -2.629  1.00 15.06 ? 178 ARG A NE  1 
ATOM   190  C  CZ  . ARG A 1 23  ? -12.963 5.007   -2.990  1.00 15.19 ? 178 ARG A CZ  1 
ATOM   191  N  NH1 . ARG A 1 23  ? -13.581 5.331   -4.119  1.00 14.98 ? 178 ARG A NH1 1 
ATOM   192  N  NH2 . ARG A 1 23  ? -13.456 4.044   -2.222  1.00 15.28 ? 178 ARG A NH2 1 
ATOM   193  N  N   . ASP A 1 24  ? -8.461  5.626   0.041   1.00 14.54 ? 179 ASP A N   1 
ATOM   194  C  CA  . ASP A 1 24  ? -8.836  5.474   1.442   1.00 14.50 ? 179 ASP A CA  1 
ATOM   195  C  C   . ASP A 1 24  ? -8.764  4.022   1.902   1.00 14.49 ? 179 ASP A C   1 
ATOM   196  O  O   . ASP A 1 24  ? -8.491  3.122   1.111   1.00 14.57 ? 179 ASP A O   1 
ATOM   197  C  CB  . ASP A 1 24  ? -10.246 6.021   1.677   1.00 14.47 ? 179 ASP A CB  1 
ATOM   198  C  CG  . ASP A 1 24  ? -11.300 5.286   0.868   1.00 14.49 ? 179 ASP A CG  1 
ATOM   199  O  OD1 . ASP A 1 24  ? -10.973 4.795   -0.232  1.00 14.83 ? 179 ASP A OD1 1 
ATOM   200  O  OD2 . ASP A 1 24  ? -12.455 5.202   1.332   1.00 14.25 ? 179 ASP A OD2 1 
ATOM   201  N  N   . ALA A 1 25  ? -9.010  3.808   3.190   1.00 14.46 ? 180 ALA A N   1 
ATOM   202  C  CA  . ALA A 1 25  ? -9.035  2.466   3.759   1.00 14.42 ? 180 ALA A CA  1 
ATOM   203  C  C   . ALA A 1 25  ? -10.146 2.366   4.797   1.00 14.43 ? 180 ALA A C   1 
ATOM   204  O  O   . ALA A 1 25  ? -10.534 3.369   5.399   1.00 14.45 ? 180 ALA A O   1 
ATOM   205  C  CB  . ALA A 1 25  ? -7.689  2.124   4.377   1.00 14.44 ? 180 ALA A CB  1 
ATOM   206  N  N   . LYS A 1 26  ? -10.658 1.158   5.003   1.00 14.39 ? 181 LYS A N   1 
ATOM   207  C  CA  . LYS A 1 26  ? -11.766 0.956   5.930   1.00 14.31 ? 181 LYS A CA  1 
ATOM   208  C  C   . LYS A 1 26  ? -11.550 -0.246  6.844   1.00 14.25 ? 181 LYS A C   1 
ATOM   209  O  O   . LYS A 1 26  ? -10.917 -1.228  6.458   1.00 14.19 ? 181 LYS A O   1 
ATOM   210  C  CB  . LYS A 1 26  ? -13.081 0.792   5.165   1.00 14.38 ? 181 LYS A CB  1 
ATOM   211  C  CG  . LYS A 1 26  ? -13.447 1.979   4.290   1.00 14.53 ? 181 LYS A CG  1 
ATOM   212  C  CD  . LYS A 1 26  ? -14.805 1.781   3.638   1.00 14.73 ? 181 LYS A CD  1 
ATOM   213  C  CE  . LYS A 1 26  ? -15.178 2.966   2.763   1.00 14.79 ? 181 LYS A CE  1 
ATOM   214  N  NZ  . LYS A 1 26  ? -16.527 2.796   2.154   1.00 14.81 ? 181 LYS A NZ  1 
ATOM   215  N  N   . ASN A 1 27  ? -12.084 -0.152  8.057   1.00 14.15 ? 182 ASN A N   1 
ATOM   216  C  CA  . ASN A 1 27  ? -12.072 -1.265  9.001   1.00 14.12 ? 182 ASN A CA  1 
ATOM   217  C  C   . ASN A 1 27  ? -10.674 -1.759  9.360   1.00 14.12 ? 182 ASN A C   1 
ATOM   218  O  O   . ASN A 1 27  ? -10.468 -2.955  9.570   1.00 14.07 ? 182 ASN A O   1 
ATOM   219  C  CB  . ASN A 1 27  ? -12.914 -2.424  8.462   1.00 14.13 ? 182 ASN A CB  1 
ATOM   220  C  CG  . ASN A 1 27  ? -14.353 -2.026  8.202   1.00 14.15 ? 182 ASN A CG  1 
ATOM   221  O  OD1 . ASN A 1 27  ? -14.939 -1.245  8.952   1.00 13.95 ? 182 ASN A OD1 1 
ATOM   222  N  ND2 . ASN A 1 27  ? -14.931 -2.562  7.135   1.00 14.40 ? 182 ASN A ND2 1 
ATOM   223  N  N   . LEU A 1 28  ? -9.718  -0.838  9.437   1.00 14.07 ? 183 LEU A N   1 
ATOM   224  C  CA  . LEU A 1 28  ? -8.358  -1.192  9.828   1.00 14.12 ? 183 LEU A CA  1 
ATOM   225  C  C   . LEU A 1 28  ? -8.337  -1.708  11.264  1.00 14.17 ? 183 LEU A C   1 
ATOM   226  O  O   . LEU A 1 28  ? -9.248  -1.435  12.043  1.00 14.20 ? 183 LEU A O   1 
ATOM   227  C  CB  . LEU A 1 28  ? -7.421  0.009   9.680   1.00 14.05 ? 183 LEU A CB  1 
ATOM   228  C  CG  . LEU A 1 28  ? -7.262  0.584   8.272   1.00 14.02 ? 183 LEU A CG  1 
ATOM   229  C  CD1 . LEU A 1 28  ? -6.322  1.782   8.285   1.00 13.92 ? 183 LEU A CD1 1 
ATOM   230  C  CD2 . LEU A 1 28  ? -6.764  -0.483  7.302   1.00 13.59 ? 183 LEU A CD2 1 
ATOM   231  N  N   . ILE A 1 29  ? -7.292  -2.454  11.608  1.00 14.31 ? 184 ILE A N   1 
ATOM   232  C  CA  . ILE A 1 29  ? -7.171  -3.045  12.939  1.00 14.44 ? 184 ILE A CA  1 
ATOM   233  C  C   . ILE A 1 29  ? -6.609  -2.055  13.955  1.00 14.41 ? 184 ILE A C   1 
ATOM   234  O  O   . ILE A 1 29  ? -5.656  -1.334  13.662  1.00 14.45 ? 184 ILE A O   1 
ATOM   235  C  CB  . ILE A 1 29  ? -6.265  -4.293  12.914  1.00 14.49 ? 184 ILE A CB  1 
ATOM   236  C  CG1 . ILE A 1 29  ? -4.863  -3.921  12.424  1.00 14.68 ? 184 ILE A CG1 1 
ATOM   237  C  CG2 . ILE A 1 29  ? -6.871  -5.375  12.034  1.00 14.45 ? 184 ILE A CG2 1 
ATOM   238  C  CD1 . ILE A 1 29  ? -3.946  -5.111  12.221  1.00 15.17 ? 184 ILE A CD1 1 
ATOM   239  N  N   . PRO A 1 30  ? -7.200  -2.020  15.159  1.00 14.46 ? 185 PRO A N   1 
ATOM   240  C  CA  . PRO A 1 30  ? -6.719  -1.161  16.240  1.00 14.47 ? 185 PRO A CA  1 
ATOM   241  C  C   . PRO A 1 30  ? -5.315  -1.564  16.679  1.00 14.48 ? 185 PRO A C   1 
ATOM   242  O  O   . PRO A 1 30  ? -5.083  -2.724  17.018  1.00 14.44 ? 185 PRO A O   1 
ATOM   243  C  CB  . PRO A 1 30  ? -7.716  -1.426  17.376  1.00 14.48 ? 185 PRO A CB  1 
ATOM   244  C  CG  . PRO A 1 30  ? -8.921  -2.010  16.716  1.00 14.49 ? 185 PRO A CG  1 
ATOM   245  C  CD  . PRO A 1 30  ? -8.395  -2.785  15.550  1.00 14.42 ? 185 PRO A CD  1 
ATOM   246  N  N   . MET A 1 31  ? -4.385  -0.614  16.670  1.00 14.49 ? 186 MET A N   1 
ATOM   247  C  CA  . MET A 1 31  ? -3.002  -0.897  17.043  1.00 14.50 ? 186 MET A CA  1 
ATOM   248  C  C   . MET A 1 31  ? -2.496  0.062   18.114  1.00 14.21 ? 186 MET A C   1 
ATOM   249  O  O   . MET A 1 31  ? -1.294  0.140   18.370  1.00 14.20 ? 186 MET A O   1 
ATOM   250  C  CB  . MET A 1 31  ? -2.089  -0.842  15.817  1.00 14.73 ? 186 MET A CB  1 
ATOM   251  C  CG  . MET A 1 31  ? -2.308  -1.968  14.816  1.00 15.56 ? 186 MET A CG  1 
ATOM   252  S  SD  . MET A 1 31  ? -1.929  -3.595  15.494  1.00 17.72 ? 186 MET A SD  1 
ATOM   253  C  CE  . MET A 1 31  ? -0.203  -3.394  15.928  1.00 17.32 ? 186 MET A CE  1 
ATOM   254  N  N   . ASP A 1 32  ? -3.418  0.792   18.735  1.00 13.87 ? 187 ASP A N   1 
ATOM   255  C  CA  . ASP A 1 32  ? -3.069  1.744   19.785  1.00 13.49 ? 187 ASP A CA  1 
ATOM   256  C  C   . ASP A 1 32  ? -3.894  1.493   21.040  1.00 13.36 ? 187 ASP A C   1 
ATOM   257  O  O   . ASP A 1 32  ? -4.997  0.955   20.966  1.00 13.35 ? 187 ASP A O   1 
ATOM   258  C  CB  . ASP A 1 32  ? -3.282  3.180   19.302  1.00 13.44 ? 187 ASP A CB  1 
ATOM   259  C  CG  . ASP A 1 32  ? -2.240  3.618   18.292  1.00 13.20 ? 187 ASP A CG  1 
ATOM   260  O  OD1 . ASP A 1 32  ? -1.108  3.093   18.339  1.00 12.61 ? 187 ASP A OD1 1 
ATOM   261  O  OD2 . ASP A 1 32  ? -2.550  4.494   17.456  1.00 12.74 ? 187 ASP A OD2 1 
ATOM   262  N  N   . PRO A 1 33  ? -3.356  1.885   22.204  1.00 13.20 ? 188 PRO A N   1 
ATOM   263  C  CA  . PRO A 1 33  ? -4.055  1.709   23.473  1.00 13.11 ? 188 PRO A CA  1 
ATOM   264  C  C   . PRO A 1 33  ? -5.437  2.354   23.446  1.00 12.99 ? 188 PRO A C   1 
ATOM   265  O  O   . PRO A 1 33  ? -6.354  1.876   24.110  1.00 12.95 ? 188 PRO A O   1 
ATOM   266  C  CB  . PRO A 1 33  ? -3.151  2.437   24.473  1.00 13.10 ? 188 PRO A CB  1 
ATOM   267  C  CG  . PRO A 1 33  ? -1.799  2.398   23.856  1.00 13.20 ? 188 PRO A CG  1 
ATOM   268  C  CD  . PRO A 1 33  ? -2.031  2.504   22.379  1.00 13.14 ? 188 PRO A CD  1 
ATOM   269  N  N   . ASN A 1 34  ? -5.577  3.430   22.677  1.00 12.88 ? 189 ASN A N   1 
ATOM   270  C  CA  . ASN A 1 34  ? -6.851  4.138   22.581  1.00 12.77 ? 189 ASN A CA  1 
ATOM   271  C  C   . ASN A 1 34  ? -7.852  3.424   21.677  1.00 12.63 ? 189 ASN A C   1 
ATOM   272  O  O   . ASN A 1 34  ? -8.979  3.886   21.499  1.00 12.62 ? 189 ASN A O   1 
ATOM   273  C  CB  . ASN A 1 34  ? -6.635  5.575   22.100  1.00 12.80 ? 189 ASN A CB  1 
ATOM   274  C  CG  . ASN A 1 34  ? -6.087  5.641   20.689  1.00 12.95 ? 189 ASN A CG  1 
ATOM   275  O  OD1 . ASN A 1 34  ? -5.964  4.621   20.011  1.00 12.95 ? 189 ASN A OD1 1 
ATOM   276  N  ND2 . ASN A 1 34  ? -5.756  6.846   20.240  1.00 13.31 ? 189 ASN A ND2 1 
ATOM   277  N  N   . GLY A 1 35  ? -7.435  2.297   21.107  1.00 12.45 ? 190 GLY A N   1 
ATOM   278  C  CA  . GLY A 1 35  ? -8.318  1.493   20.271  1.00 12.22 ? 190 GLY A CA  1 
ATOM   279  C  C   . GLY A 1 35  ? -8.297  1.893   18.807  1.00 12.10 ? 190 GLY A C   1 
ATOM   280  O  O   . GLY A 1 35  ? -8.992  1.302   17.983  1.00 12.08 ? 190 GLY A O   1 
ATOM   281  N  N   . LEU A 1 36  ? -7.498  2.902   18.482  1.00 11.97 ? 191 LEU A N   1 
ATOM   282  C  CA  . LEU A 1 36  ? -7.393  3.370   17.106  1.00 11.87 ? 191 LEU A CA  1 
ATOM   283  C  C   . LEU A 1 36  ? -5.993  3.135   16.556  1.00 11.81 ? 191 LEU A C   1 
ATOM   284  O  O   . LEU A 1 36  ? -5.276  2.239   17.007  1.00 11.79 ? 191 LEU A O   1 
ATOM   285  C  CB  . LEU A 1 36  ? -7.752  4.856   17.016  1.00 11.86 ? 191 LEU A CB  1 
ATOM   286  C  CG  . LEU A 1 36  ? -9.141  5.264   17.516  1.00 11.87 ? 191 LEU A CG  1 
ATOM   287  C  CD1 . LEU A 1 36  ? -9.323  6.771   17.421  1.00 11.73 ? 191 LEU A CD1 1 
ATOM   288  C  CD2 . LEU A 1 36  ? -10.230 4.538   16.741  1.00 11.81 ? 191 LEU A CD2 1 
ATOM   289  N  N   . SER A 1 37  ? -5.613  3.944   15.573  1.00 11.71 ? 192 SER A N   1 
ATOM   290  C  CA  . SER A 1 37  ? -4.276  3.890   15.006  1.00 11.61 ? 192 SER A CA  1 
ATOM   291  C  C   . SER A 1 37  ? -3.971  5.200   14.287  1.00 11.53 ? 192 SER A C   1 
ATOM   292  O  O   . SER A 1 37  ? -4.851  6.044   14.117  1.00 11.52 ? 192 SER A O   1 
ATOM   293  C  CB  . SER A 1 37  ? -4.150  2.719   14.031  1.00 11.64 ? 192 SER A CB  1 
ATOM   294  O  OG  . SER A 1 37  ? -4.809  3.006   12.812  1.00 11.89 ? 192 SER A OG  1 
ATOM   295  N  N   . ASP A 1 38  ? -2.723  5.359   13.864  1.00 11.41 ? 193 ASP A N   1 
ATOM   296  C  CA  . ASP A 1 38  ? -2.301  6.539   13.120  1.00 11.20 ? 193 ASP A CA  1 
ATOM   297  C  C   . ASP A 1 38  ? -1.723  6.086   11.788  1.00 11.20 ? 193 ASP A C   1 
ATOM   298  O  O   . ASP A 1 38  ? -0.505  6.069   11.604  1.00 11.17 ? 193 ASP A O   1 
ATOM   299  C  CB  . ASP A 1 38  ? -1.258  7.318   13.920  1.00 11.12 ? 193 ASP A CB  1 
ATOM   300  C  CG  . ASP A 1 38  ? -1.745  7.681   15.310  1.00 11.15 ? 193 ASP A CG  1 
ATOM   301  O  OD1 . ASP A 1 38  ? -2.737  8.434   15.417  1.00 10.69 ? 193 ASP A OD1 1 
ATOM   302  O  OD2 . ASP A 1 38  ? -1.134  7.216   16.298  1.00 10.60 ? 193 ASP A OD2 1 
ATOM   303  N  N   . PRO A 1 39  ? -2.604  5.708   10.853  1.00 11.15 ? 194 PRO A N   1 
ATOM   304  C  CA  . PRO A 1 39  ? -2.197  5.031   9.626   1.00 11.18 ? 194 PRO A CA  1 
ATOM   305  C  C   . PRO A 1 39  ? -1.540  5.928   8.584   1.00 11.11 ? 194 PRO A C   1 
ATOM   306  O  O   . PRO A 1 39  ? -1.940  7.076   8.393   1.00 11.07 ? 194 PRO A O   1 
ATOM   307  C  CB  . PRO A 1 39  ? -3.516  4.473   9.082   1.00 11.12 ? 194 PRO A CB  1 
ATOM   308  C  CG  . PRO A 1 39  ? -4.557  5.391   9.607   1.00 11.23 ? 194 PRO A CG  1 
ATOM   309  C  CD  . PRO A 1 39  ? -4.066  5.871   10.943  1.00 11.14 ? 194 PRO A CD  1 
ATOM   310  N  N   . TYR A 1 40  ? -0.520  5.386   7.930   1.00 11.28 ? 195 TYR A N   1 
ATOM   311  C  CA  . TYR A 1 40  ? 0.064   5.982   6.744   1.00 11.40 ? 195 TYR A CA  1 
ATOM   312  C  C   . TYR A 1 40  ? 0.457   4.836   5.825   1.00 11.61 ? 195 TYR A C   1 
ATOM   313  O  O   . TYR A 1 40  ? 0.671   3.714   6.285   1.00 11.73 ? 195 TYR A O   1 
ATOM   314  C  CB  . TYR A 1 40  ? 1.279   6.842   7.092   1.00 11.33 ? 195 TYR A CB  1 
ATOM   315  C  CG  . TYR A 1 40  ? 2.454   6.079   7.667   1.00 11.31 ? 195 TYR A CG  1 
ATOM   316  C  CD1 . TYR A 1 40  ? 3.497   5.656   6.854   1.00 11.33 ? 195 TYR A CD1 1 
ATOM   317  C  CD2 . TYR A 1 40  ? 2.528   5.799   9.024   1.00 11.00 ? 195 TYR A CD2 1 
ATOM   318  C  CE1 . TYR A 1 40  ? 4.578   4.967   7.378   1.00 10.97 ? 195 TYR A CE1 1 
ATOM   319  C  CE2 . TYR A 1 40  ? 3.603   5.109   9.554   1.00 11.07 ? 195 TYR A CE2 1 
ATOM   320  C  CZ  . TYR A 1 40  ? 4.624   4.695   8.725   1.00 10.82 ? 195 TYR A CZ  1 
ATOM   321  O  OH  . TYR A 1 40  ? 5.697   4.008   9.249   1.00 10.66 ? 195 TYR A OH  1 
ATOM   322  N  N   . VAL A 1 41  ? 0.537   5.108   4.528   1.00 11.77 ? 196 VAL A N   1 
ATOM   323  C  CA  . VAL A 1 41  ? 0.864   4.070   3.562   1.00 12.05 ? 196 VAL A CA  1 
ATOM   324  C  C   . VAL A 1 41  ? 2.277   4.249   3.027   1.00 12.33 ? 196 VAL A C   1 
ATOM   325  O  O   . VAL A 1 41  ? 2.664   5.350   2.637   1.00 12.41 ? 196 VAL A O   1 
ATOM   326  C  CB  . VAL A 1 41  ? -0.115  4.078   2.369   1.00 12.05 ? 196 VAL A CB  1 
ATOM   327  C  CG1 . VAL A 1 41  ? 0.192   2.922   1.423   1.00 12.19 ? 196 VAL A CG1 1 
ATOM   328  C  CG2 . VAL A 1 41  ? -1.552  4.011   2.858   1.00 11.88 ? 196 VAL A CG2 1 
ATOM   329  N  N   . LYS A 1 42  ? 3.043   3.164   3.014   1.00 12.52 ? 197 LYS A N   1 
ATOM   330  C  CA  . LYS A 1 42  ? 4.366   3.174   2.408   1.00 12.86 ? 197 LYS A CA  1 
ATOM   331  C  C   . LYS A 1 42  ? 4.326   2.463   1.059   1.00 12.67 ? 197 LYS A C   1 
ATOM   332  O  O   . LYS A 1 42  ? 3.889   1.316   0.966   1.00 12.63 ? 197 LYS A O   1 
ATOM   333  C  CB  . LYS A 1 42  ? 5.392   2.508   3.328   1.00 13.07 ? 197 LYS A CB  1 
ATOM   334  C  CG  . LYS A 1 42  ? 5.450   3.113   4.723   1.00 14.47 ? 197 LYS A CG  1 
ATOM   335  C  CD  . LYS A 1 42  ? 6.765   2.794   5.419   1.00 16.21 ? 197 LYS A CD  1 
ATOM   336  C  CE  . LYS A 1 42  ? 6.978   1.298   5.539   1.00 17.23 ? 197 LYS A CE  1 
ATOM   337  N  NZ  . LYS A 1 42  ? 8.168   0.984   6.384   1.00 18.38 ? 197 LYS A NZ  1 
ATOM   338  N  N   . LEU A 1 43  ? 4.771   3.154   0.016   1.00 12.46 ? 198 LEU A N   1 
ATOM   339  C  CA  . LEU A 1 43  ? 4.834   2.574   -1.319  1.00 12.46 ? 198 LEU A CA  1 
ATOM   340  C  C   . LEU A 1 43  ? 6.289   2.346   -1.707  1.00 12.45 ? 198 LEU A C   1 
ATOM   341  O  O   . LEU A 1 43  ? 7.138   3.215   -1.507  1.00 12.46 ? 198 LEU A O   1 
ATOM   342  C  CB  . LEU A 1 43  ? 4.152   3.482   -2.344  1.00 12.44 ? 198 LEU A CB  1 
ATOM   343  C  CG  . LEU A 1 43  ? 2.660   3.769   -2.153  1.00 12.87 ? 198 LEU A CG  1 
ATOM   344  C  CD1 . LEU A 1 43  ? 2.116   4.566   -3.332  1.00 13.04 ? 198 LEU A CD1 1 
ATOM   345  C  CD2 . LEU A 1 43  ? 1.876   2.481   -1.977  1.00 13.23 ? 198 LEU A CD2 1 
ATOM   346  N  N   . LYS A 1 44  ? 6.569   1.179   -2.274  1.00 12.31 ? 199 LYS A N   1 
ATOM   347  C  CA  . LYS A 1 44  ? 7.938   0.782   -2.561  1.00 12.27 ? 199 LYS A CA  1 
ATOM   348  C  C   . LYS A 1 44  ? 7.977   -0.165  -3.754  1.00 11.92 ? 199 LYS A C   1 
ATOM   349  O  O   . LYS A 1 44  ? 7.037   -0.926  -3.982  1.00 11.83 ? 199 LYS A O   1 
ATOM   350  C  CB  . LYS A 1 44  ? 8.525   0.090   -1.329  1.00 12.42 ? 199 LYS A CB  1 
ATOM   351  C  CG  . LYS A 1 44  ? 10.031  -0.055  -1.312  1.00 13.74 ? 199 LYS A CG  1 
ATOM   352  C  CD  . LYS A 1 44  ? 10.488  -0.620  0.029   1.00 15.10 ? 199 LYS A CD  1 
ATOM   353  C  CE  . LYS A 1 44  ? 11.993  -0.820  0.071   1.00 15.92 ? 199 LYS A CE  1 
ATOM   354  N  NZ  . LYS A 1 44  ? 12.742  0.468   0.015   1.00 16.79 ? 199 LYS A NZ  1 
ATOM   355  N  N   . LEU A 1 45  ? 9.060   -0.104  -4.522  1.00 11.65 ? 200 LEU A N   1 
ATOM   356  C  CA  . LEU A 1 45  ? 9.310   -1.099  -5.557  1.00 11.35 ? 200 LEU A CA  1 
ATOM   357  C  C   . LEU A 1 45  ? 10.312  -2.111  -5.019  1.00 11.11 ? 200 LEU A C   1 
ATOM   358  O  O   . LEU A 1 45  ? 11.431  -1.754  -4.656  1.00 11.12 ? 200 LEU A O   1 
ATOM   359  C  CB  . LEU A 1 45  ? 9.845   -0.446  -6.833  1.00 11.38 ? 200 LEU A CB  1 
ATOM   360  C  CG  . LEU A 1 45  ? 8.865   0.389   -7.657  1.00 11.51 ? 200 LEU A CG  1 
ATOM   361  C  CD1 . LEU A 1 45  ? 9.551   0.923   -8.907  1.00 11.22 ? 200 LEU A CD1 1 
ATOM   362  C  CD2 . LEU A 1 45  ? 7.639   -0.431  -8.030  1.00 11.34 ? 200 LEU A CD2 1 
ATOM   363  N  N   . ILE A 1 46  ? 9.906   -3.375  -4.959  1.00 10.76 ? 201 ILE A N   1 
ATOM   364  C  CA  . ILE A 1 46  ? 10.757  -4.411  -4.388  1.00 10.50 ? 201 ILE A CA  1 
ATOM   365  C  C   . ILE A 1 46  ? 11.108  -5.490  -5.408  1.00 10.38 ? 201 ILE A C   1 
ATOM   366  O  O   . ILE A 1 46  ? 10.345  -5.739  -6.342  1.00 10.25 ? 201 ILE A O   1 
ATOM   367  C  CB  . ILE A 1 46  ? 10.098  -5.060  -3.157  1.00 10.55 ? 201 ILE A CB  1 
ATOM   368  C  CG1 . ILE A 1 46  ? 8.777   -5.726  -3.547  1.00 10.35 ? 201 ILE A CG1 1 
ATOM   369  C  CG2 . ILE A 1 46  ? 9.862   -4.018  -2.074  1.00 10.49 ? 201 ILE A CG2 1 
ATOM   370  C  CD1 . ILE A 1 46  ? 8.110   -6.464  -2.409  1.00 10.37 ? 201 ILE A CD1 1 
ATOM   371  N  N   . PRO A 1 47  ? 12.274  -6.131  -5.233  1.00 10.22 ? 202 PRO A N   1 
ATOM   372  C  CA  . PRO A 1 47  ? 13.201  -5.832  -4.142  1.00 10.16 ? 202 PRO A CA  1 
ATOM   373  C  C   . PRO A 1 47  ? 13.863  -4.463  -4.294  1.00 10.08 ? 202 PRO A C   1 
ATOM   374  O  O   . PRO A 1 47  ? 14.013  -3.963  -5.410  1.00 10.06 ? 202 PRO A O   1 
ATOM   375  C  CB  . PRO A 1 47  ? 14.250  -6.944  -4.259  1.00 10.16 ? 202 PRO A CB  1 
ATOM   376  C  CG  . PRO A 1 47  ? 14.182  -7.385  -5.678  1.00 10.31 ? 202 PRO A CG  1 
ATOM   377  C  CD  . PRO A 1 47  ? 12.746  -7.241  -6.077  1.00 10.22 ? 202 PRO A CD  1 
ATOM   378  N  N   . ASP A 1 48  ? 14.256  -3.870  -3.172  1.00 9.96  ? 203 ASP A N   1 
ATOM   379  C  CA  . ASP A 1 48  ? 14.873  -2.548  -3.166  1.00 9.90  ? 203 ASP A CA  1 
ATOM   380  C  C   . ASP A 1 48  ? 16.112  -2.566  -2.278  1.00 10.08 ? 203 ASP A C   1 
ATOM   381  O  O   . ASP A 1 48  ? 16.129  -1.946  -1.214  1.00 9.92  ? 203 ASP A O   1 
ATOM   382  C  CB  . ASP A 1 48  ? 13.866  -1.509  -2.664  1.00 9.77  ? 203 ASP A CB  1 
ATOM   383  C  CG  . ASP A 1 48  ? 14.378  -0.086  -2.781  1.00 9.46  ? 203 ASP A CG  1 
ATOM   384  O  OD1 . ASP A 1 48  ? 15.460  0.127   -3.368  1.00 9.05  ? 203 ASP A OD1 1 
ATOM   385  O  OD2 . ASP A 1 48  ? 13.688  0.825   -2.280  1.00 9.25  ? 203 ASP A OD2 1 
ATOM   386  N  N   . PRO A 1 49  ? 17.158  -3.281  -2.720  1.00 10.31 ? 204 PRO A N   1 
ATOM   387  C  CA  . PRO A 1 49  ? 18.365  -3.515  -1.928  1.00 10.61 ? 204 PRO A CA  1 
ATOM   388  C  C   . PRO A 1 49  ? 19.071  -2.221  -1.537  1.00 10.98 ? 204 PRO A C   1 
ATOM   389  O  O   . PRO A 1 49  ? 19.669  -2.143  -0.463  1.00 10.95 ? 204 PRO A O   1 
ATOM   390  C  CB  . PRO A 1 49  ? 19.250  -4.346  -2.867  1.00 10.57 ? 204 PRO A CB  1 
ATOM   391  C  CG  . PRO A 1 49  ? 18.722  -4.086  -4.235  1.00 10.49 ? 204 PRO A CG  1 
ATOM   392  C  CD  . PRO A 1 49  ? 17.256  -3.870  -4.066  1.00 10.29 ? 204 PRO A CD  1 
ATOM   393  N  N   . LYS A 1 50  ? 19.005  -1.217  -2.403  1.00 11.40 ? 205 LYS A N   1 
ATOM   394  C  CA  . LYS A 1 50  ? 19.625  0.068   -2.115  1.00 11.90 ? 205 LYS A CA  1 
ATOM   395  C  C   . LYS A 1 50  ? 18.700  0.931   -1.267  1.00 12.26 ? 205 LYS A C   1 
ATOM   396  O  O   . LYS A 1 50  ? 19.128  1.927   -0.686  1.00 12.36 ? 205 LYS A O   1 
ATOM   397  C  CB  . LYS A 1 50  ? 19.999  0.790   -3.410  1.00 11.91 ? 205 LYS A CB  1 
ATOM   398  C  CG  . LYS A 1 50  ? 21.037  0.056   -4.240  1.00 11.91 ? 205 LYS A CG  1 
ATOM   399  C  CD  . LYS A 1 50  ? 21.347  0.799   -5.526  1.00 12.26 ? 205 LYS A CD  1 
ATOM   400  C  CE  . LYS A 1 50  ? 22.358  0.038   -6.365  1.00 12.40 ? 205 LYS A CE  1 
ATOM   401  N  NZ  . LYS A 1 50  ? 22.676  0.751   -7.632  1.00 12.95 ? 205 LYS A NZ  1 
ATOM   402  N  N   . ASN A 1 51  ? 17.432  0.540   -1.201  1.00 12.66 ? 206 ASN A N   1 
ATOM   403  C  CA  . ASN A 1 51  ? 16.455  1.244   -0.381  1.00 13.17 ? 206 ASN A CA  1 
ATOM   404  C  C   . ASN A 1 51  ? 16.298  2.697   -0.825  1.00 13.26 ? 206 ASN A C   1 
ATOM   405  O  O   . ASN A 1 51  ? 16.619  3.621   -0.077  1.00 13.38 ? 206 ASN A O   1 
ATOM   406  C  CB  . ASN A 1 51  ? 16.880  1.191   1.087   1.00 13.34 ? 206 ASN A CB  1 
ATOM   407  C  CG  . ASN A 1 51  ? 15.716  1.358   2.038   1.00 13.90 ? 206 ASN A CG  1 
ATOM   408  O  OD1 . ASN A 1 51  ? 15.904  1.678   3.211   1.00 15.08 ? 206 ASN A OD1 1 
ATOM   409  N  ND2 . ASN A 1 51  ? 14.505  1.138   1.539   1.00 14.72 ? 206 ASN A ND2 1 
ATOM   410  N  N   . GLU A 1 52  ? 15.804  2.896   -2.044  1.00 13.30 ? 207 GLU A N   1 
ATOM   411  C  CA  . GLU A 1 52  ? 15.728  4.234   -2.628  1.00 13.39 ? 207 GLU A CA  1 
ATOM   412  C  C   . GLU A 1 52  ? 14.351  4.579   -3.196  1.00 13.33 ? 207 GLU A C   1 
ATOM   413  O  O   . GLU A 1 52  ? 14.087  5.735   -3.523  1.00 13.30 ? 207 GLU A O   1 
ATOM   414  C  CB  . GLU A 1 52  ? 16.789  4.398   -3.723  1.00 13.41 ? 207 GLU A CB  1 
ATOM   415  C  CG  . GLU A 1 52  ? 18.222  4.429   -3.213  1.00 13.85 ? 207 GLU A CG  1 
ATOM   416  C  CD  . GLU A 1 52  ? 19.241  4.469   -4.336  1.00 14.55 ? 207 GLU A CD  1 
ATOM   417  O  OE1 . GLU A 1 52  ? 18.911  4.027   -5.458  1.00 14.96 ? 207 GLU A OE1 1 
ATOM   418  O  OE2 . GLU A 1 52  ? 20.374  4.940   -4.100  1.00 14.74 ? 207 GLU A OE2 1 
ATOM   419  N  N   . SER A 1 53  ? 13.477  3.584   -3.309  1.00 13.29 ? 208 SER A N   1 
ATOM   420  C  CA  . SER A 1 53  ? 12.186  3.775   -3.974  1.00 13.27 ? 208 SER A CA  1 
ATOM   421  C  C   . SER A 1 53  ? 11.063  4.195   -3.027  1.00 13.27 ? 208 SER A C   1 
ATOM   422  O  O   . SER A 1 53  ? 9.938   4.440   -3.460  1.00 13.26 ? 208 SER A O   1 
ATOM   423  C  CB  . SER A 1 53  ? 11.778  2.501   -4.718  1.00 13.36 ? 208 SER A CB  1 
ATOM   424  O  OG  . SER A 1 53  ? 11.320  1.508   -3.813  1.00 13.37 ? 208 SER A OG  1 
ATOM   425  N  N   . LYS A 1 54  ? 11.369  4.280   -1.738  1.00 13.22 ? 209 LYS A N   1 
ATOM   426  C  CA  . LYS A 1 54  ? 10.347  4.530   -0.723  1.00 13.32 ? 209 LYS A CA  1 
ATOM   427  C  C   . LYS A 1 54  ? 9.587   5.843   -0.907  1.00 13.16 ? 209 LYS A C   1 
ATOM   428  O  O   . LYS A 1 54  ? 10.186  6.908   -1.051  1.00 13.13 ? 209 LYS A O   1 
ATOM   429  C  CB  . LYS A 1 54  ? 10.965  4.479   0.676   1.00 13.40 ? 209 LYS A CB  1 
ATOM   430  C  CG  . LYS A 1 54  ? 11.462  3.102   1.077   1.00 14.22 ? 209 LYS A CG  1 
ATOM   431  C  CD  . LYS A 1 54  ? 12.360  3.172   2.301   1.00 14.87 ? 209 LYS A CD  1 
ATOM   432  C  CE  . LYS A 1 54  ? 13.063  1.847   2.541   1.00 15.23 ? 209 LYS A CE  1 
ATOM   433  N  NZ  . LYS A 1 54  ? 14.192  1.984   3.505   1.00 15.41 ? 209 LYS A NZ  1 
ATOM   434  N  N   . GLN A 1 55  ? 8.260   5.749   -0.901  1.00 13.02 ? 210 GLN A N   1 
ATOM   435  C  CA  . GLN A 1 55  ? 7.396   6.923   -0.851  1.00 13.02 ? 210 GLN A CA  1 
ATOM   436  C  C   . GLN A 1 55  ? 6.285   6.663   0.159   1.00 12.99 ? 210 GLN A C   1 
ATOM   437  O  O   . GLN A 1 55  ? 5.915   5.514   0.403   1.00 13.03 ? 210 GLN A O   1 
ATOM   438  C  CB  . GLN A 1 55  ? 6.808   7.241   -2.227  1.00 13.06 ? 210 GLN A CB  1 
ATOM   439  C  CG  . GLN A 1 55  ? 7.849   7.557   -3.286  1.00 13.44 ? 210 GLN A CG  1 
ATOM   440  C  CD  . GLN A 1 55  ? 7.238   8.092   -4.568  1.00 14.04 ? 210 GLN A CD  1 
ATOM   441  O  OE1 . GLN A 1 55  ? 6.578   9.132   -4.569  1.00 13.99 ? 210 GLN A OE1 1 
ATOM   442  N  NE2 . GLN A 1 55  ? 7.467   7.387   -5.669  1.00 14.39 ? 210 GLN A NE2 1 
ATOM   443  N  N   . LYS A 1 56  ? 5.755   7.729   0.746   1.00 12.79 ? 211 LYS A N   1 
ATOM   444  C  CA  . LYS A 1 56  ? 4.794   7.588   1.829   1.00 12.74 ? 211 LYS A CA  1 
ATOM   445  C  C   . LYS A 1 56  ? 3.728   8.676   1.799   1.00 12.35 ? 211 LYS A C   1 
ATOM   446  O  O   . LYS A 1 56  ? 4.000   9.811   1.410   1.00 12.15 ? 211 LYS A O   1 
ATOM   447  C  CB  . LYS A 1 56  ? 5.530   7.608   3.172   1.00 12.96 ? 211 LYS A CB  1 
ATOM   448  C  CG  . LYS A 1 56  ? 4.665   7.984   4.359   1.00 14.07 ? 211 LYS A CG  1 
ATOM   449  C  CD  . LYS A 1 56  ? 5.511   8.127   5.619   1.00 15.69 ? 211 LYS A CD  1 
ATOM   450  C  CE  . LYS A 1 56  ? 6.657   9.101   5.401   1.00 16.18 ? 211 LYS A CE  1 
ATOM   451  N  NZ  . LYS A 1 56  ? 7.533   9.207   6.603   1.00 17.54 ? 211 LYS A NZ  1 
ATOM   452  N  N   . THR A 1 57  ? 2.513   8.322   2.202   1.00 12.03 ? 212 THR A N   1 
ATOM   453  C  CA  . THR A 1 57  ? 1.452   9.307   2.351   1.00 11.72 ? 212 THR A CA  1 
ATOM   454  C  C   . THR A 1 57  ? 1.638   10.029  3.673   1.00 11.62 ? 212 THR A C   1 
ATOM   455  O  O   . THR A 1 57  ? 2.522   9.687   4.457   1.00 11.43 ? 212 THR A O   1 
ATOM   456  C  CB  . THR A 1 57  ? 0.058   8.654   2.376   1.00 11.75 ? 212 THR A CB  1 
ATOM   457  O  OG1 . THR A 1 57  ? -0.089  7.886   3.578   1.00 11.45 ? 212 THR A OG1 1 
ATOM   458  C  CG2 . THR A 1 57  ? -0.141  7.758   1.168   1.00 11.68 ? 212 THR A CG2 1 
ATOM   459  N  N   . LYS A 1 58  ? 0.800   11.028  3.915   1.00 11.46 ? 213 LYS A N   1 
ATOM   460  C  CA  . LYS A 1 58  ? 0.777   11.686  5.206   1.00 11.44 ? 213 LYS A CA  1 
ATOM   461  C  C   . LYS A 1 58  ? 0.220   10.719  6.241   1.00 11.43 ? 213 LYS A C   1 
ATOM   462  O  O   . LYS A 1 58  ? -0.444  9.738   5.897   1.00 11.32 ? 213 LYS A O   1 
ATOM   463  C  CB  . LYS A 1 58  ? -0.083  12.951  5.151   1.00 11.43 ? 213 LYS A CB  1 
ATOM   464  C  CG  . LYS A 1 58  ? 0.438   14.005  4.185   1.00 11.59 ? 213 LYS A CG  1 
ATOM   465  C  CD  . LYS A 1 58  ? -0.481  15.211  4.132   1.00 12.06 ? 213 LYS A CD  1 
ATOM   466  C  CE  . LYS A 1 58  ? -0.008  16.213  3.093   1.00 12.19 ? 213 LYS A CE  1 
ATOM   467  N  NZ  . LYS A 1 58  ? -0.966  17.338  2.937   1.00 12.78 ? 213 LYS A NZ  1 
ATOM   468  N  N   . THR A 1 59  ? 0.506   10.990  7.507   1.00 11.26 ? 214 THR A N   1 
ATOM   469  C  CA  . THR A 1 59  ? -0.061  10.208  8.588   1.00 11.35 ? 214 THR A CA  1 
ATOM   470  C  C   . THR A 1 59  ? -1.380  10.829  9.014   1.00 11.33 ? 214 THR A C   1 
ATOM   471  O  O   . THR A 1 59  ? -1.463  12.038  9.225   1.00 11.41 ? 214 THR A O   1 
ATOM   472  C  CB  . THR A 1 59  ? 0.886   10.155  9.800   1.00 11.25 ? 214 THR A CB  1 
ATOM   473  O  OG1 . THR A 1 59  ? 2.060   9.413   9.457   1.00 11.32 ? 214 THR A OG1 1 
ATOM   474  C  CG2 . THR A 1 59  ? 0.202   9.490   10.983  1.00 11.56 ? 214 THR A CG2 1 
ATOM   475  N  N   . ILE A 1 60  ? -2.415  10.005  9.123   1.00 11.31 ? 215 ILE A N   1 
ATOM   476  C  CA  . ILE A 1 60  ? -3.691  10.472  9.643   1.00 11.28 ? 215 ILE A CA  1 
ATOM   477  C  C   . ILE A 1 60  ? -3.872  9.964   11.069  1.00 11.31 ? 215 ILE A C   1 
ATOM   478  O  O   . ILE A 1 60  ? -3.871  8.759   11.315  1.00 11.26 ? 215 ILE A O   1 
ATOM   479  C  CB  . ILE A 1 60  ? -4.868  10.032  8.758   1.00 11.26 ? 215 ILE A CB  1 
ATOM   480  C  CG1 . ILE A 1 60  ? -4.645  10.497  7.318   1.00 11.20 ? 215 ILE A CG1 1 
ATOM   481  C  CG2 . ILE A 1 60  ? -6.177  10.595  9.298   1.00 11.03 ? 215 ILE A CG2 1 
ATOM   482  C  CD1 . ILE A 1 60  ? -5.787  10.171  6.383   1.00 11.24 ? 215 ILE A CD1 1 
ATOM   483  N  N   . ARG A 1 61  ? -4.018  10.897  12.004  1.00 11.36 ? 216 ARG A N   1 
ATOM   484  C  CA  . ARG A 1 61  ? -4.065  10.569  13.425  1.00 11.56 ? 216 ARG A CA  1 
ATOM   485  C  C   . ARG A 1 61  ? -5.429  10.038  13.866  1.00 11.40 ? 216 ARG A C   1 
ATOM   486  O  O   . ARG A 1 61  ? -6.469  10.520  13.419  1.00 11.43 ? 216 ARG A O   1 
ATOM   487  C  CB  . ARG A 1 61  ? -3.693  11.804  14.253  1.00 11.68 ? 216 ARG A CB  1 
ATOM   488  C  CG  . ARG A 1 61  ? -2.321  12.376  13.919  1.00 12.61 ? 216 ARG A CG  1 
ATOM   489  C  CD  . ARG A 1 61  ? -1.290  12.061  14.996  1.00 14.10 ? 216 ARG A CD  1 
ATOM   490  N  NE  . ARG A 1 61  ? -1.689  10.937  15.837  1.00 15.31 ? 216 ARG A NE  1 
ATOM   491  C  CZ  . ARG A 1 61  ? -2.184  11.064  17.064  1.00 15.46 ? 216 ARG A CZ  1 
ATOM   492  N  NH1 . ARG A 1 61  ? -2.336  12.268  17.598  1.00 16.00 ? 216 ARG A NH1 1 
ATOM   493  N  NH2 . ARG A 1 61  ? -2.523  9.988   17.761  1.00 15.77 ? 216 ARG A NH2 1 
ATOM   494  N  N   . SER A 1 62  ? -5.407  9.033   14.736  1.00 11.31 ? 217 SER A N   1 
ATOM   495  C  CA  . SER A 1 62  ? -6.607  8.561   15.425  1.00 11.13 ? 217 SER A CA  1 
ATOM   496  C  C   . SER A 1 62  ? -7.779  8.227   14.505  1.00 10.98 ? 217 SER A C   1 
ATOM   497  O  O   . SER A 1 62  ? -8.845  8.831   14.610  1.00 10.94 ? 217 SER A O   1 
ATOM   498  C  CB  . SER A 1 62  ? -7.054  9.594   16.464  1.00 11.20 ? 217 SER A CB  1 
ATOM   499  O  OG  . SER A 1 62  ? -6.058  9.785   17.450  1.00 11.47 ? 217 SER A OG  1 
ATOM   500  N  N   . THR A 1 63  ? -7.586  7.260   13.614  1.00 10.82 ? 218 THR A N   1 
ATOM   501  C  CA  . THR A 1 63  ? -8.665  6.808   12.743  1.00 10.63 ? 218 THR A CA  1 
ATOM   502  C  C   . THR A 1 63  ? -8.431  5.389   12.245  1.00 10.60 ? 218 THR A C   1 
ATOM   503  O  O   . THR A 1 63  ? -7.289  4.959   12.076  1.00 10.56 ? 218 THR A O   1 
ATOM   504  C  CB  . THR A 1 63  ? -8.836  7.725   11.521  1.00 10.67 ? 218 THR A CB  1 
ATOM   505  O  OG1 . THR A 1 63  ? -9.956  7.283   10.745  1.00 10.47 ? 218 THR A OG1 1 
ATOM   506  C  CG2 . THR A 1 63  ? -7.587  7.687   10.652  1.00 10.41 ? 218 THR A CG2 1 
ATOM   507  N  N   . LEU A 1 64  ? -9.521  4.665   12.009  1.00 10.49 ? 219 LEU A N   1 
ATOM   508  C  CA  . LEU A 1 64  ? -9.444  3.333   11.423  1.00 10.41 ? 219 LEU A CA  1 
ATOM   509  C  C   . LEU A 1 64  ? -10.002 3.344   10.004  1.00 10.37 ? 219 LEU A C   1 
ATOM   510  O  O   . LEU A 1 64  ? -10.064 2.310   9.338   1.00 10.39 ? 219 LEU A O   1 
ATOM   511  C  CB  . LEU A 1 64  ? -10.199 2.320   12.284  1.00 10.37 ? 219 LEU A CB  1 
ATOM   512  C  CG  . LEU A 1 64  ? -9.631  2.077   13.684  1.00 10.33 ? 219 LEU A CG  1 
ATOM   513  C  CD1 . LEU A 1 64  ? -10.557 1.182   14.496  1.00 10.39 ? 219 LEU A CD1 1 
ATOM   514  C  CD2 . LEU A 1 64  ? -8.235  1.479   13.599  1.00 10.12 ? 219 LEU A CD2 1 
ATOM   515  N  N   . ASN A 1 65  ? -10.406 4.527   9.548   1.00 10.33 ? 220 ASN A N   1 
ATOM   516  C  CA  . ASN A 1 65  ? -10.955 4.699   8.208   1.00 10.32 ? 220 ASN A CA  1 
ATOM   517  C  C   . ASN A 1 65  ? -10.375 5.931   7.527   1.00 10.40 ? 220 ASN A C   1 
ATOM   518  O  O   . ASN A 1 65  ? -11.110 6.850   7.165   1.00 10.34 ? 220 ASN A O   1 
ATOM   519  C  CB  . ASN A 1 65  ? -12.479 4.807   8.272   1.00 10.30 ? 220 ASN A CB  1 
ATOM   520  C  CG  . ASN A 1 65  ? -13.122 3.592   8.906   1.00 10.21 ? 220 ASN A CG  1 
ATOM   521  O  OD1 . ASN A 1 65  ? -13.614 3.655   10.031  1.00 10.22 ? 220 ASN A OD1 1 
ATOM   522  N  ND2 . ASN A 1 65  ? -13.110 2.473   8.191   1.00 9.89  ? 220 ASN A ND2 1 
ATOM   523  N  N   . PRO A 1 66  ? -9.047  5.952   7.353   1.00 10.46 ? 221 PRO A N   1 
ATOM   524  C  CA  . PRO A 1 66  ? -8.329  7.094   6.791   1.00 10.54 ? 221 PRO A CA  1 
ATOM   525  C  C   . PRO A 1 66  ? -8.632  7.336   5.314   1.00 10.66 ? 221 PRO A C   1 
ATOM   526  O  O   . PRO A 1 66  ? -8.808  6.388   4.547   1.00 10.61 ? 221 PRO A O   1 
ATOM   527  C  CB  . PRO A 1 66  ? -6.858  6.698   6.960   1.00 10.57 ? 221 PRO A CB  1 
ATOM   528  C  CG  . PRO A 1 66  ? -6.872  5.207   6.979   1.00 10.62 ? 221 PRO A CG  1 
ATOM   529  C  CD  . PRO A 1 66  ? -8.137  4.847   7.704   1.00 10.50 ? 221 PRO A CD  1 
ATOM   530  N  N   . GLN A 1 67  ? -8.686  8.607   4.930   1.00 10.73 ? 222 GLN A N   1 
ATOM   531  C  CA  . GLN A 1 67  ? -8.833  8.988   3.533   1.00 10.98 ? 222 GLN A CA  1 
ATOM   532  C  C   . GLN A 1 67  ? -7.683  9.899   3.121   1.00 10.93 ? 222 GLN A C   1 
ATOM   533  O  O   . GLN A 1 67  ? -7.729  11.109  3.337   1.00 10.83 ? 222 GLN A O   1 
ATOM   534  C  CB  . GLN A 1 67  ? -10.168 9.692   3.303   1.00 11.06 ? 222 GLN A CB  1 
ATOM   535  C  CG  . GLN A 1 67  ? -11.375 8.802   3.531   1.00 11.71 ? 222 GLN A CG  1 
ATOM   536  C  CD  . GLN A 1 67  ? -12.656 9.425   3.026   1.00 12.36 ? 222 GLN A CD  1 
ATOM   537  O  OE1 . GLN A 1 67  ? -13.439 8.780   2.330   1.00 13.09 ? 222 GLN A OE1 1 
ATOM   538  N  NE2 . GLN A 1 67  ? -12.876 10.690  3.368   1.00 12.43 ? 222 GLN A NE2 1 
ATOM   539  N  N   . TRP A 1 68  ? -6.649  9.309   2.533   1.00 11.01 ? 223 TRP A N   1 
ATOM   540  C  CA  . TRP A 1 68  ? -5.460  10.062  2.150   1.00 11.05 ? 223 TRP A CA  1 
ATOM   541  C  C   . TRP A 1 68  ? -5.683  10.875  0.879   1.00 11.15 ? 223 TRP A C   1 
ATOM   542  O  O   . TRP A 1 68  ? -5.432  12.078  0.851   1.00 11.12 ? 223 TRP A O   1 
ATOM   543  C  CB  . TRP A 1 68  ? -4.268  9.123   1.966   1.00 11.04 ? 223 TRP A CB  1 
ATOM   544  C  CG  . TRP A 1 68  ? -3.850  8.414   3.220   1.00 10.83 ? 223 TRP A CG  1 
ATOM   545  C  CD1 . TRP A 1 68  ? -3.106  8.928   4.244   1.00 10.63 ? 223 TRP A CD1 1 
ATOM   546  C  CD2 . TRP A 1 68  ? -4.141  7.058   3.578   1.00 10.46 ? 223 TRP A CD2 1 
ATOM   547  N  NE1 . TRP A 1 68  ? -2.919  7.977   5.217   1.00 10.59 ? 223 TRP A NE1 1 
ATOM   548  C  CE2 . TRP A 1 68  ? -3.545  6.820   4.831   1.00 10.55 ? 223 TRP A CE2 1 
ATOM   549  C  CE3 . TRP A 1 68  ? -4.851  6.022   2.960   1.00 10.62 ? 223 TRP A CE3 1 
ATOM   550  C  CZ2 . TRP A 1 68  ? -3.635  5.589   5.477   1.00 10.25 ? 223 TRP A CZ2 1 
ATOM   551  C  CZ3 . TRP A 1 68  ? -4.938  4.802   3.604   1.00 10.11 ? 223 TRP A CZ3 1 
ATOM   552  C  CH2 . TRP A 1 68  ? -4.334  4.596   4.849   1.00 10.17 ? 223 TRP A CH2 1 
ATOM   553  N  N   . ASN A 1 69  ? -6.153  10.213  -0.173  1.00 11.30 ? 224 ASN A N   1 
ATOM   554  C  CA  . ASN A 1 69  ? -6.354  10.873  -1.458  1.00 11.47 ? 224 ASN A CA  1 
ATOM   555  C  C   . ASN A 1 69  ? -5.057  11.455  -2.004  1.00 11.47 ? 224 ASN A C   1 
ATOM   556  O  O   . ASN A 1 69  ? -5.007  12.613  -2.415  1.00 11.45 ? 224 ASN A O   1 
ATOM   557  C  CB  . ASN A 1 69  ? -7.416  11.967  -1.340  1.00 11.57 ? 224 ASN A CB  1 
ATOM   558  C  CG  . ASN A 1 69  ? -8.818  11.408  -1.233  1.00 12.01 ? 224 ASN A CG  1 
ATOM   559  O  OD1 . ASN A 1 69  ? -9.118  10.346  -1.781  1.00 12.86 ? 224 ASN A OD1 1 
ATOM   560  N  ND2 . ASN A 1 69  ? -9.691  12.123  -0.533  1.00 12.50 ? 224 ASN A ND2 1 
ATOM   561  N  N   . GLU A 1 70  ? -4.006  10.640  -2.003  1.00 11.47 ? 225 GLU A N   1 
ATOM   562  C  CA  . GLU A 1 70  ? -2.700  11.067  -2.488  1.00 11.53 ? 225 GLU A CA  1 
ATOM   563  C  C   . GLU A 1 70  ? -2.241  10.199  -3.650  1.00 11.58 ? 225 GLU A C   1 
ATOM   564  O  O   . GLU A 1 70  ? -2.546  9.007   -3.704  1.00 11.62 ? 225 GLU A O   1 
ATOM   565  C  CB  . GLU A 1 70  ? -1.665  11.004  -1.364  1.00 11.54 ? 225 GLU A CB  1 
ATOM   566  C  CG  . GLU A 1 70  ? -1.960  11.912  -0.186  1.00 11.66 ? 225 GLU A CG  1 
ATOM   567  C  CD  . GLU A 1 70  ? -0.865  11.866  0.860   1.00 11.55 ? 225 GLU A CD  1 
ATOM   568  O  OE1 . GLU A 1 70  ? 0.320   11.994  0.485   1.00 11.56 ? 225 GLU A OE1 1 
ATOM   569  O  OE2 . GLU A 1 70  ? -1.187  11.705  2.055   1.00 11.63 ? 225 GLU A OE2 1 
ATOM   570  N  N   . SER A 1 71  ? -1.501  10.800  -4.576  1.00 11.57 ? 226 SER A N   1 
ATOM   571  C  CA  . SER A 1 71  ? -0.991  10.078  -5.734  1.00 11.66 ? 226 SER A CA  1 
ATOM   572  C  C   . SER A 1 71  ? 0.531   10.097  -5.774  1.00 11.73 ? 226 SER A C   1 
ATOM   573  O  O   . SER A 1 71  ? 1.163   11.021  -5.264  1.00 11.72 ? 226 SER A O   1 
ATOM   574  C  CB  . SER A 1 71  ? -1.559  10.667  -7.024  1.00 11.60 ? 226 SER A CB  1 
ATOM   575  O  OG  . SER A 1 71  ? -2.966  10.511  -7.068  1.00 11.72 ? 226 SER A OG  1 
ATOM   576  N  N   . PHE A 1 72  ? 1.111   9.070   -6.387  1.00 11.80 ? 227 PHE A N   1 
ATOM   577  C  CA  . PHE A 1 72  ? 2.560   8.932   -6.451  1.00 11.86 ? 227 PHE A CA  1 
ATOM   578  C  C   . PHE A 1 72  ? 3.005   8.468   -7.833  1.00 11.96 ? 227 PHE A C   1 
ATOM   579  O  O   . PHE A 1 72  ? 2.227   7.869   -8.576  1.00 11.90 ? 227 PHE A O   1 
ATOM   580  C  CB  . PHE A 1 72  ? 3.040   7.944   -5.389  1.00 11.86 ? 227 PHE A CB  1 
ATOM   581  C  CG  . PHE A 1 72  ? 2.562   8.269   -4.003  1.00 11.86 ? 227 PHE A CG  1 
ATOM   582  C  CD1 . PHE A 1 72  ? 1.313   7.860   -3.575  1.00 11.65 ? 227 PHE A CD1 1 
ATOM   583  C  CD2 . PHE A 1 72  ? 3.362   8.989   -3.133  1.00 11.84 ? 227 PHE A CD2 1 
ATOM   584  C  CE1 . PHE A 1 72  ? 0.868   8.158   -2.304  1.00 11.71 ? 227 PHE A CE1 1 
ATOM   585  C  CE2 . PHE A 1 72  ? 2.923   9.292   -1.858  1.00 12.13 ? 227 PHE A CE2 1 
ATOM   586  C  CZ  . PHE A 1 72  ? 1.675   8.874   -1.443  1.00 11.92 ? 227 PHE A CZ  1 
ATOM   587  N  N   . THR A 1 73  ? 4.261   8.743   -8.167  1.00 12.05 ? 228 THR A N   1 
ATOM   588  C  CA  . THR A 1 73  ? 4.818   8.355   -9.456  1.00 12.21 ? 228 THR A CA  1 
ATOM   589  C  C   . THR A 1 73  ? 6.204   7.736   -9.303  1.00 12.33 ? 228 THR A C   1 
ATOM   590  O  O   . THR A 1 73  ? 7.088   8.322   -8.677  1.00 12.43 ? 228 THR A O   1 
ATOM   591  C  CB  . THR A 1 73  ? 4.920   9.560   -10.409 1.00 12.17 ? 228 THR A CB  1 
ATOM   592  O  OG1 . THR A 1 73  ? 3.615   10.107  -10.633 1.00 12.34 ? 228 THR A OG1 1 
ATOM   593  C  CG2 . THR A 1 73  ? 5.523   9.139   -11.739 1.00 12.20 ? 228 THR A CG2 1 
ATOM   594  N  N   . PHE A 1 74  ? 6.385   6.550   -9.875  1.00 12.36 ? 229 PHE A N   1 
ATOM   595  C  CA  . PHE A 1 74  ? 7.691   5.901   -9.909  1.00 12.45 ? 229 PHE A CA  1 
ATOM   596  C  C   . PHE A 1 74  ? 8.206   5.839   -11.344 1.00 12.54 ? 229 PHE A C   1 
ATOM   597  O  O   . PHE A 1 74  ? 7.559   5.248   -12.206 1.00 12.57 ? 229 PHE A O   1 
ATOM   598  C  CB  . PHE A 1 74  ? 7.606   4.473   -9.361  1.00 12.37 ? 229 PHE A CB  1 
ATOM   599  C  CG  . PHE A 1 74  ? 7.216   4.390   -7.910  1.00 12.48 ? 229 PHE A CG  1 
ATOM   600  C  CD1 . PHE A 1 74  ? 5.884   4.450   -7.532  1.00 12.31 ? 229 PHE A CD1 1 
ATOM   601  C  CD2 . PHE A 1 74  ? 8.180   4.222   -6.929  1.00 12.42 ? 229 PHE A CD2 1 
ATOM   602  C  CE1 . PHE A 1 74  ? 5.523   4.364   -6.200  1.00 12.80 ? 229 PHE A CE1 1 
ATOM   603  C  CE2 . PHE A 1 74  ? 7.825   4.132   -5.594  1.00 12.37 ? 229 PHE A CE2 1 
ATOM   604  C  CZ  . PHE A 1 74  ? 6.493   4.203   -5.230  1.00 12.57 ? 229 PHE A CZ  1 
ATOM   605  N  N   . LYS A 1 75  ? 9.361   6.444   -11.603 1.00 12.66 ? 230 LYS A N   1 
ATOM   606  C  CA  . LYS A 1 75  ? 10.031  6.240   -12.884 1.00 12.82 ? 230 LYS A CA  1 
ATOM   607  C  C   . LYS A 1 75  ? 10.425  4.775   -12.997 1.00 12.94 ? 230 LYS A C   1 
ATOM   608  O  O   . LYS A 1 75  ? 10.974  4.201   -12.058 1.00 12.98 ? 230 LYS A O   1 
ATOM   609  C  CB  . LYS A 1 75  ? 11.280  7.115   -13.008 1.00 12.79 ? 230 LYS A CB  1 
ATOM   610  C  CG  . LYS A 1 75  ? 11.048  8.485   -13.625 1.00 12.87 ? 230 LYS A CG  1 
ATOM   611  C  CD  . LYS A 1 75  ? 10.738  9.526   -12.568 1.00 13.10 ? 230 LYS A CD  1 
ATOM   612  C  CE  . LYS A 1 75  ? 11.042  10.926  -13.083 1.00 13.04 ? 230 LYS A CE  1 
ATOM   613  N  NZ  . LYS A 1 75  ? 11.019  11.927  -11.983 1.00 13.09 ? 230 LYS A NZ  1 
ATOM   614  N  N   . LEU A 1 76  ? 10.142  4.168   -14.146 1.00 13.07 ? 231 LEU A N   1 
ATOM   615  C  CA  . LEU A 1 76  ? 10.448  2.758   -14.354 1.00 13.20 ? 231 LEU A CA  1 
ATOM   616  C  C   . LEU A 1 76  ? 11.586  2.559   -15.344 1.00 13.30 ? 231 LEU A C   1 
ATOM   617  O  O   . LEU A 1 76  ? 11.808  3.386   -16.228 1.00 13.23 ? 231 LEU A O   1 
ATOM   618  C  CB  . LEU A 1 76  ? 9.210   2.003   -14.839 1.00 13.23 ? 231 LEU A CB  1 
ATOM   619  C  CG  . LEU A 1 76  ? 8.082   1.786   -13.831 1.00 13.30 ? 231 LEU A CG  1 
ATOM   620  C  CD1 . LEU A 1 76  ? 6.931   1.037   -14.484 1.00 13.47 ? 231 LEU A CD1 1 
ATOM   621  C  CD2 . LEU A 1 76  ? 8.590   1.039   -12.607 1.00 13.21 ? 231 LEU A CD2 1 
ATOM   622  N  N   . LYS A 1 77  ? 12.304  1.452   -15.186 1.00 13.42 ? 232 LYS A N   1 
ATOM   623  C  CA  . LYS A 1 77  ? 13.361  1.078   -16.113 1.00 13.57 ? 232 LYS A CA  1 
ATOM   624  C  C   . LYS A 1 77  ? 13.221  -0.395  -16.478 1.00 13.62 ? 232 LYS A C   1 
ATOM   625  O  O   . LYS A 1 77  ? 12.602  -1.163  -15.741 1.00 13.63 ? 232 LYS A O   1 
ATOM   626  C  CB  . LYS A 1 77  ? 14.737  1.353   -15.503 1.00 13.61 ? 232 LYS A CB  1 
ATOM   627  C  CG  . LYS A 1 77  ? 15.026  2.830   -15.271 1.00 13.74 ? 232 LYS A CG  1 
ATOM   628  C  CD  . LYS A 1 77  ? 16.469  3.059   -14.848 1.00 13.91 ? 232 LYS A CD  1 
ATOM   629  C  CE  . LYS A 1 77  ? 16.797  4.546   -14.795 1.00 14.00 ? 232 LYS A CE  1 
ATOM   630  N  NZ  . LYS A 1 77  ? 18.227  4.795   -14.454 1.00 13.94 ? 232 LYS A NZ  1 
ATOM   631  N  N   . PRO A 1 78  ? 13.793  -0.795  -17.624 1.00 13.69 ? 233 PRO A N   1 
ATOM   632  C  CA  . PRO A 1 78  ? 13.705  -2.176  -18.084 1.00 13.76 ? 233 PRO A CA  1 
ATOM   633  C  C   . PRO A 1 78  ? 14.038  -3.164  -16.971 1.00 13.83 ? 233 PRO A C   1 
ATOM   634  O  O   . PRO A 1 78  ? 13.545  -4.292  -16.973 1.00 13.93 ? 233 PRO A O   1 
ATOM   635  C  CB  . PRO A 1 78  ? 14.766  -2.241  -19.185 1.00 13.77 ? 233 PRO A CB  1 
ATOM   636  C  CG  . PRO A 1 78  ? 14.830  -0.856  -19.717 1.00 13.72 ? 233 PRO A CG  1 
ATOM   637  C  CD  . PRO A 1 78  ? 14.573  0.051   -18.545 1.00 13.68 ? 233 PRO A CD  1 
ATOM   638  N  N   . SER A 1 79  ? 14.866  -2.733  -16.026 1.00 13.87 ? 234 SER A N   1 
ATOM   639  C  CA  . SER A 1 79  ? 15.289  -3.589  -14.923 1.00 13.84 ? 234 SER A CA  1 
ATOM   640  C  C   . SER A 1 79  ? 14.142  -3.889  -13.964 1.00 13.81 ? 234 SER A C   1 
ATOM   641  O  O   . SER A 1 79  ? 14.208  -4.837  -13.182 1.00 13.88 ? 234 SER A O   1 
ATOM   642  C  CB  . SER A 1 79  ? 16.442  -2.933  -14.160 1.00 13.89 ? 234 SER A CB  1 
ATOM   643  O  OG  . SER A 1 79  ? 17.450  -2.481  -15.047 1.00 13.88 ? 234 SER A OG  1 
ATOM   644  N  N   . ASP A 1 80  ? 13.090  -3.079  -14.031 1.00 13.72 ? 235 ASP A N   1 
ATOM   645  C  CA  . ASP A 1 80  ? 11.964  -3.199  -13.106 1.00 13.61 ? 235 ASP A CA  1 
ATOM   646  C  C   . ASP A 1 80  ? 10.971  -4.282  -13.514 1.00 13.38 ? 235 ASP A C   1 
ATOM   647  O  O   . ASP A 1 80  ? 9.998   -4.541  -12.804 1.00 13.35 ? 235 ASP A O   1 
ATOM   648  C  CB  . ASP A 1 80  ? 11.241  -1.856  -12.976 1.00 13.73 ? 235 ASP A CB  1 
ATOM   649  C  CG  . ASP A 1 80  ? 12.056  -0.827  -12.218 1.00 14.19 ? 235 ASP A CG  1 
ATOM   650  O  OD1 . ASP A 1 80  ? 12.573  -1.162  -11.131 1.00 14.77 ? 235 ASP A OD1 1 
ATOM   651  O  OD2 . ASP A 1 80  ? 12.173  0.319   -12.706 1.00 14.43 ? 235 ASP A OD2 1 
ATOM   652  N  N   . LYS A 1 81  ? 11.217  -4.913  -14.658 1.00 13.10 ? 236 LYS A N   1 
ATOM   653  C  CA  . LYS A 1 81  ? 10.311  -5.935  -15.170 1.00 12.83 ? 236 LYS A CA  1 
ATOM   654  C  C   . LYS A 1 81  ? 9.962   -6.980  -14.114 1.00 12.56 ? 236 LYS A C   1 
ATOM   655  O  O   . LYS A 1 81  ? 8.826   -7.444  -14.044 1.00 12.59 ? 236 LYS A O   1 
ATOM   656  C  CB  . LYS A 1 81  ? 10.911  -6.623  -16.399 1.00 12.88 ? 236 LYS A CB  1 
ATOM   657  C  CG  . LYS A 1 81  ? 10.087  -7.801  -16.896 1.00 13.05 ? 236 LYS A CG  1 
ATOM   658  C  CD  . LYS A 1 81  ? 10.681  -8.417  -18.150 1.00 13.38 ? 236 LYS A CD  1 
ATOM   659  C  CE  . LYS A 1 81  ? 9.823   -9.568  -18.652 1.00 13.42 ? 236 LYS A CE  1 
ATOM   660  N  NZ  . LYS A 1 81  ? 10.374  -10.172 -19.894 1.00 13.34 ? 236 LYS A NZ  1 
ATOM   661  N  N   . ASP A 1 82  ? 10.943  -7.345  -13.294 1.00 12.26 ? 237 ASP A N   1 
ATOM   662  C  CA  . ASP A 1 82  ? 10.764  -8.410  -12.313 1.00 11.94 ? 237 ASP A CA  1 
ATOM   663  C  C   . ASP A 1 82  ? 10.467  -7.890  -10.909 1.00 11.67 ? 237 ASP A C   1 
ATOM   664  O  O   . ASP A 1 82  ? 10.509  -8.648  -9.940  1.00 11.68 ? 237 ASP A O   1 
ATOM   665  C  CB  . ASP A 1 82  ? 12.001  -9.311  -12.278 1.00 12.02 ? 237 ASP A CB  1 
ATOM   666  C  CG  . ASP A 1 82  ? 12.207  -10.067 -13.574 1.00 12.17 ? 237 ASP A CG  1 
ATOM   667  O  OD1 . ASP A 1 82  ? 11.216  -10.288 -14.302 1.00 12.38 ? 237 ASP A OD1 1 
ATOM   668  O  OD2 . ASP A 1 82  ? 13.361  -10.444 -13.865 1.00 12.61 ? 237 ASP A OD2 1 
ATOM   669  N  N   . ARG A 1 83  ? 10.164  -6.602  -10.798 1.00 11.25 ? 238 ARG A N   1 
ATOM   670  C  CA  . ARG A 1 83  ? 9.891   -6.001  -9.496  1.00 10.88 ? 238 ARG A CA  1 
ATOM   671  C  C   . ARG A 1 83  ? 8.393   -5.925  -9.217  1.00 10.54 ? 238 ARG A C   1 
ATOM   672  O  O   . ARG A 1 83  ? 7.573   -6.121  -10.115 1.00 10.37 ? 238 ARG A O   1 
ATOM   673  C  CB  . ARG A 1 83  ? 10.529  -4.611  -9.398  1.00 10.95 ? 238 ARG A CB  1 
ATOM   674  C  CG  . ARG A 1 83  ? 12.044  -4.616  -9.569  1.00 11.28 ? 238 ARG A CG  1 
ATOM   675  C  CD  . ARG A 1 83  ? 12.622  -3.205  -9.537  1.00 12.22 ? 238 ARG A CD  1 
ATOM   676  N  NE  . ARG A 1 83  ? 12.810  -2.706  -8.177  1.00 12.81 ? 238 ARG A NE  1 
ATOM   677  C  CZ  . ARG A 1 83  ? 13.231  -1.479  -7.883  1.00 13.15 ? 238 ARG A CZ  1 
ATOM   678  N  NH1 . ARG A 1 83  ? 13.502  -0.618  -8.854  1.00 13.44 ? 238 ARG A NH1 1 
ATOM   679  N  NH2 . ARG A 1 83  ? 13.377  -1.108  -6.616  1.00 12.90 ? 238 ARG A NH2 1 
ATOM   680  N  N   . ARG A 1 84  ? 8.044   -5.648  -7.965  1.00 10.09 ? 239 ARG A N   1 
ATOM   681  C  CA  . ARG A 1 84  ? 6.647   -5.527  -7.565  1.00 9.81  ? 239 ARG A CA  1 
ATOM   682  C  C   . ARG A 1 84  ? 6.403   -4.210  -6.846  1.00 9.81  ? 239 ARG A C   1 
ATOM   683  O  O   . ARG A 1 84  ? 7.301   -3.670  -6.201  1.00 9.81  ? 239 ARG A O   1 
ATOM   684  C  CB  . ARG A 1 84  ? 6.248   -6.687  -6.648  1.00 9.69  ? 239 ARG A CB  1 
ATOM   685  C  CG  . ARG A 1 84  ? 6.458   -8.066  -7.254  1.00 9.26  ? 239 ARG A CG  1 
ATOM   686  C  CD  . ARG A 1 84  ? 6.142   -9.165  -6.251  1.00 8.67  ? 239 ARG A CD  1 
ATOM   687  N  NE  . ARG A 1 84  ? 4.785   -9.050  -5.720  1.00 8.30  ? 239 ARG A NE  1 
ATOM   688  C  CZ  . ARG A 1 84  ? 3.697   -9.469  -6.357  1.00 8.07  ? 239 ARG A CZ  1 
ATOM   689  N  NH1 . ARG A 1 84  ? 3.804   -10.030 -7.553  1.00 7.73  ? 239 ARG A NH1 1 
ATOM   690  N  NH2 . ARG A 1 84  ? 2.502   -9.327  -5.801  1.00 7.78  ? 239 ARG A NH2 1 
ATOM   691  N  N   . LEU A 1 85  ? 5.184   -3.692  -6.964  1.00 9.73  ? 240 LEU A N   1 
ATOM   692  C  CA  . LEU A 1 85  ? 4.774   -2.539  -6.179  1.00 9.82  ? 240 LEU A CA  1 
ATOM   693  C  C   . LEU A 1 85  ? 4.274   -3.014  -4.823  1.00 9.84  ? 240 LEU A C   1 
ATOM   694  O  O   . LEU A 1 85  ? 3.270   -3.724  -4.733  1.00 9.84  ? 240 LEU A O   1 
ATOM   695  C  CB  . LEU A 1 85  ? 3.681   -1.742  -6.893  1.00 9.78  ? 240 LEU A CB  1 
ATOM   696  C  CG  . LEU A 1 85  ? 3.029   -0.630  -6.063  1.00 10.02 ? 240 LEU A CG  1 
ATOM   697  C  CD1 . LEU A 1 85  ? 4.034   0.464   -5.736  1.00 9.89  ? 240 LEU A CD1 1 
ATOM   698  C  CD2 . LEU A 1 85  ? 1.815   -0.049  -6.777  1.00 10.27 ? 240 LEU A CD2 1 
ATOM   699  N  N   . SER A 1 86  ? 4.989   -2.633  -3.773  1.00 9.84  ? 241 SER A N   1 
ATOM   700  C  CA  . SER A 1 86  ? 4.599   -2.974  -2.414  1.00 9.76  ? 241 SER A CA  1 
ATOM   701  C  C   . SER A 1 86  ? 3.813   -1.826  -1.796  1.00 9.85  ? 241 SER A C   1 
ATOM   702  O  O   . SER A 1 86  ? 4.241   -0.673  -1.843  1.00 9.84  ? 241 SER A O   1 
ATOM   703  C  CB  . SER A 1 86  ? 5.831   -3.284  -1.563  1.00 9.76  ? 241 SER A CB  1 
ATOM   704  O  OG  . SER A 1 86  ? 5.480   -3.437  -0.198  1.00 9.46  ? 241 SER A OG  1 
ATOM   705  N  N   . VAL A 1 87  ? 2.657   -2.147  -1.229  1.00 9.86  ? 242 VAL A N   1 
ATOM   706  C  CA  . VAL A 1 87  ? 1.827   -1.159  -0.561  1.00 9.87  ? 242 VAL A CA  1 
ATOM   707  C  C   . VAL A 1 87  ? 1.554   -1.623  0.862   1.00 9.94  ? 242 VAL A C   1 
ATOM   708  O  O   . VAL A 1 87  ? 0.848   -2.610  1.078   1.00 9.89  ? 242 VAL A O   1 
ATOM   709  C  CB  . VAL A 1 87  ? 0.497   -0.951  -1.302  1.00 9.96  ? 242 VAL A CB  1 
ATOM   710  C  CG1 . VAL A 1 87  ? -0.384  0.032   -0.548  1.00 10.10 ? 242 VAL A CG1 1 
ATOM   711  C  CG2 . VAL A 1 87  ? 0.754   -0.467  -2.724  1.00 10.03 ? 242 VAL A CG2 1 
ATOM   712  N  N   . GLU A 1 88  ? 2.129   -0.913  1.830   1.00 9.80  ? 243 GLU A N   1 
ATOM   713  C  CA  . GLU A 1 88  ? 2.002   -1.288  3.233   1.00 9.96  ? 243 GLU A CA  1 
ATOM   714  C  C   . GLU A 1 88  ? 1.431   -0.158  4.079   1.00 9.94  ? 243 GLU A C   1 
ATOM   715  O  O   . GLU A 1 88  ? 1.951   0.958   4.067   1.00 9.87  ? 243 GLU A O   1 
ATOM   716  C  CB  . GLU A 1 88  ? 3.362   -1.698  3.805   1.00 9.98  ? 243 GLU A CB  1 
ATOM   717  C  CG  . GLU A 1 88  ? 3.954   -2.970  3.212   1.00 10.29 ? 243 GLU A CG  1 
ATOM   718  C  CD  . GLU A 1 88  ? 5.255   -3.360  3.887   1.00 11.00 ? 243 GLU A CD  1 
ATOM   719  O  OE1 . GLU A 1 88  ? 5.827   -2.511  4.604   1.00 11.29 ? 243 GLU A OE1 1 
ATOM   720  O  OE2 . GLU A 1 88  ? 5.704   -4.514  3.708   1.00 11.32 ? 243 GLU A OE2 1 
ATOM   721  N  N   . ILE A 1 89  ? 0.369   -0.456  4.819   1.00 9.98  ? 244 ILE A N   1 
ATOM   722  C  CA  . ILE A 1 89  ? -0.179  0.488   5.781   1.00 10.06 ? 244 ILE A CA  1 
ATOM   723  C  C   . ILE A 1 89  ? 0.477   0.268   7.138   1.00 10.16 ? 244 ILE A C   1 
ATOM   724  O  O   . ILE A 1 89  ? 0.516   -0.855  7.645   1.00 10.23 ? 244 ILE A O   1 
ATOM   725  C  CB  . ILE A 1 89  ? -1.699  0.327   5.939   1.00 10.12 ? 244 ILE A CB  1 
ATOM   726  C  CG1 . ILE A 1 89  ? -2.396  0.419   4.579   1.00 10.01 ? 244 ILE A CG1 1 
ATOM   727  C  CG2 . ILE A 1 89  ? -2.247  1.376   6.892   1.00 9.81  ? 244 ILE A CG2 1 
ATOM   728  C  CD1 . ILE A 1 89  ? -3.907  0.364   4.671   1.00 10.01 ? 244 ILE A CD1 1 
ATOM   729  N  N   . TRP A 1 90  ? 0.996   1.342   7.720   1.00 10.09 ? 245 TRP A N   1 
ATOM   730  C  CA  . TRP A 1 90  ? 1.647   1.266   9.021   1.00 10.14 ? 245 TRP A CA  1 
ATOM   731  C  C   . TRP A 1 90  ? 0.990   2.207   10.026  1.00 10.10 ? 245 TRP A C   1 
ATOM   732  O  O   . TRP A 1 90  ? 0.369   3.203   9.650   1.00 10.15 ? 245 TRP A O   1 
ATOM   733  C  CB  . TRP A 1 90  ? 3.139   1.584   8.898   1.00 10.11 ? 245 TRP A CB  1 
ATOM   734  C  CG  . TRP A 1 90  ? 3.943   0.468   8.307   1.00 10.17 ? 245 TRP A CG  1 
ATOM   735  C  CD1 . TRP A 1 90  ? 4.098   0.181   6.982   1.00 10.22 ? 245 TRP A CD1 1 
ATOM   736  C  CD2 . TRP A 1 90  ? 4.700   -0.517  9.023   1.00 10.24 ? 245 TRP A CD2 1 
ATOM   737  N  NE1 . TRP A 1 90  ? 4.907   -0.919  6.828   1.00 10.18 ? 245 TRP A NE1 1 
ATOM   738  C  CE2 . TRP A 1 90  ? 5.290   -1.366  8.066   1.00 10.21 ? 245 TRP A CE2 1 
ATOM   739  C  CE3 . TRP A 1 90  ? 4.939   -0.760  10.379  1.00 10.37 ? 245 TRP A CE3 1 
ATOM   740  C  CZ2 . TRP A 1 90  ? 6.101   -2.442  8.421   1.00 10.30 ? 245 TRP A CZ2 1 
ATOM   741  C  CZ3 . TRP A 1 90  ? 5.745   -1.828  10.729  1.00 10.35 ? 245 TRP A CZ3 1 
ATOM   742  C  CH2 . TRP A 1 90  ? 6.315   -2.657  9.754   1.00 10.50 ? 245 TRP A CH2 1 
ATOM   743  N  N   . ASP A 1 91  ? 1.135   1.880   11.303  1.00 10.05 ? 246 ASP A N   1 
ATOM   744  C  CA  . ASP A 1 91  ? 0.567   2.678   12.378  1.00 10.05 ? 246 ASP A CA  1 
ATOM   745  C  C   . ASP A 1 91  ? 1.665   3.478   13.070  1.00 10.11 ? 246 ASP A C   1 
ATOM   746  O  O   . ASP A 1 91  ? 2.463   2.924   13.827  1.00 10.09 ? 246 ASP A O   1 
ATOM   747  C  CB  . ASP A 1 91  ? -0.147  1.768   13.382  1.00 10.00 ? 246 ASP A CB  1 
ATOM   748  C  CG  . ASP A 1 91  ? -0.364  2.434   14.728  1.00 10.01 ? 246 ASP A CG  1 
ATOM   749  O  OD1 . ASP A 1 91  ? -0.744  3.624   14.759  1.00 10.02 ? 246 ASP A OD1 1 
ATOM   750  O  OD2 . ASP A 1 91  ? -0.158  1.759   15.760  1.00 9.44  ? 246 ASP A OD2 1 
ATOM   751  N  N   . TRP A 1 92  ? 1.711   4.778   12.796  1.00 10.19 ? 247 TRP A N   1 
ATOM   752  C  CA  . TRP A 1 92  ? 2.704   5.654   13.407  1.00 10.28 ? 247 TRP A CA  1 
ATOM   753  C  C   . TRP A 1 92  ? 2.576   5.640   14.927  1.00 10.38 ? 247 TRP A C   1 
ATOM   754  O  O   . TRP A 1 92  ? 1.508   5.923   15.470  1.00 10.45 ? 247 TRP A O   1 
ATOM   755  C  CB  . TRP A 1 92  ? 2.548   7.083   12.876  1.00 10.28 ? 247 TRP A CB  1 
ATOM   756  C  CG  . TRP A 1 92  ? 3.589   8.044   13.376  1.00 10.28 ? 247 TRP A CG  1 
ATOM   757  C  CD1 . TRP A 1 92  ? 4.806   8.301   12.814  1.00 10.18 ? 247 TRP A CD1 1 
ATOM   758  C  CD2 . TRP A 1 92  ? 3.496   8.888   14.532  1.00 10.19 ? 247 TRP A CD2 1 
ATOM   759  N  NE1 . TRP A 1 92  ? 5.480   9.245   13.552  1.00 10.07 ? 247 TRP A NE1 1 
ATOM   760  C  CE2 . TRP A 1 92  ? 4.697   9.622   14.612  1.00 10.15 ? 247 TRP A CE2 1 
ATOM   761  C  CE3 . TRP A 1 92  ? 2.517   9.090   15.509  1.00 10.18 ? 247 TRP A CE3 1 
ATOM   762  C  CZ2 . TRP A 1 92  ? 4.943   10.542  15.628  1.00 10.12 ? 247 TRP A CZ2 1 
ATOM   763  C  CZ3 . TRP A 1 92  ? 2.763   10.004  16.518  1.00 10.19 ? 247 TRP A CZ3 1 
ATOM   764  C  CH2 . TRP A 1 92  ? 3.966   10.719  16.570  1.00 10.33 ? 247 TRP A CH2 1 
ATOM   765  N  N   . ASP A 1 93  ? 3.664   5.297   15.608  1.00 10.51 ? 248 ASP A N   1 
ATOM   766  C  CA  . ASP A 1 93  ? 3.699   5.320   17.066  1.00 10.77 ? 248 ASP A CA  1 
ATOM   767  C  C   . ASP A 1 93  ? 4.852   6.188   17.557  1.00 10.87 ? 248 ASP A C   1 
ATOM   768  O  O   . ASP A 1 93  ? 5.987   6.043   17.106  1.00 10.92 ? 248 ASP A O   1 
ATOM   769  C  CB  . ASP A 1 93  ? 3.819   3.902   17.633  1.00 10.75 ? 248 ASP A CB  1 
ATOM   770  C  CG  . ASP A 1 93  ? 2.511   3.135   17.565  1.00 10.98 ? 248 ASP A CG  1 
ATOM   771  O  OD1 . ASP A 1 93  ? 1.460   3.769   17.336  1.00 10.97 ? 248 ASP A OD1 1 
ATOM   772  O  OD2 . ASP A 1 93  ? 2.532   1.900   17.747  1.00 10.93 ? 248 ASP A OD2 1 
ATOM   773  N  N   . ARG A 1 94  ? 4.553   7.088   18.486  1.00 11.05 ? 249 ARG A N   1 
ATOM   774  C  CA  . ARG A 1 94  ? 5.541   8.050   18.959  1.00 11.27 ? 249 ARG A CA  1 
ATOM   775  C  C   . ARG A 1 94  ? 6.575   7.437   19.902  1.00 11.27 ? 249 ARG A C   1 
ATOM   776  O  O   . ARG A 1 94  ? 7.760   7.765   19.830  1.00 11.34 ? 249 ARG A O   1 
ATOM   777  C  CB  . ARG A 1 94  ? 4.848   9.229   19.645  1.00 11.35 ? 249 ARG A CB  1 
ATOM   778  C  CG  . ARG A 1 94  ? 5.755   10.422  19.876  1.00 11.79 ? 249 ARG A CG  1 
ATOM   779  C  CD  . ARG A 1 94  ? 4.988   11.610  20.428  1.00 12.34 ? 249 ARG A CD  1 
ATOM   780  N  NE  . ARG A 1 94  ? 5.695   12.860  20.172  1.00 12.95 ? 249 ARG A NE  1 
ATOM   781  C  CZ  . ARG A 1 94  ? 5.393   13.698  19.187  1.00 12.92 ? 249 ARG A CZ  1 
ATOM   782  N  NH1 . ARG A 1 94  ? 4.383   13.429  18.373  1.00 13.50 ? 249 ARG A NH1 1 
ATOM   783  N  NH2 . ARG A 1 94  ? 6.094   14.811  19.021  1.00 13.27 ? 249 ARG A NH2 1 
ATOM   784  N  N   . THR A 1 95  ? 6.127   6.548   20.783  1.00 11.28 ? 250 THR A N   1 
ATOM   785  C  CA  . THR A 1 95  ? 6.988   6.037   21.849  1.00 11.22 ? 250 THR A CA  1 
ATOM   786  C  C   . THR A 1 95  ? 7.452   4.596   21.642  1.00 11.28 ? 250 THR A C   1 
ATOM   787  O  O   . THR A 1 95  ? 8.122   4.026   22.502  1.00 11.26 ? 250 THR A O   1 
ATOM   788  C  CB  . THR A 1 95  ? 6.308   6.160   23.226  1.00 11.20 ? 250 THR A CB  1 
ATOM   789  O  OG1 . THR A 1 95  ? 5.062   5.455   23.209  1.00 11.10 ? 250 THR A OG1 1 
ATOM   790  C  CG2 . THR A 1 95  ? 6.054   7.621   23.563  1.00 11.10 ? 250 THR A CG2 1 
ATOM   791  N  N   . THR A 1 96  ? 7.091   4.011   20.506  1.00 11.36 ? 251 THR A N   1 
ATOM   792  C  CA  . THR A 1 96  ? 7.535   2.662   20.171  1.00 11.45 ? 251 THR A CA  1 
ATOM   793  C  C   . THR A 1 96  ? 7.608   2.490   18.661  1.00 11.53 ? 251 THR A C   1 
ATOM   794  O  O   . THR A 1 96  ? 7.200   3.373   17.908  1.00 11.51 ? 251 THR A O   1 
ATOM   795  C  CB  . THR A 1 96  ? 6.595   1.587   20.750  1.00 11.44 ? 251 THR A CB  1 
ATOM   796  O  OG1 . THR A 1 96  ? 5.307   1.690   20.130  1.00 11.44 ? 251 THR A OG1 1 
ATOM   797  C  CG2 . THR A 1 96  ? 6.450   1.752   22.255  1.00 11.34 ? 251 THR A CG2 1 
ATOM   798  N  N   . ARG A 1 97  ? 8.131   1.352   18.220  1.00 11.65 ? 252 ARG A N   1 
ATOM   799  C  CA  . ARG A 1 97  ? 8.202   1.064   16.794  1.00 11.76 ? 252 ARG A CA  1 
ATOM   800  C  C   . ARG A 1 97  ? 6.809   1.111   16.180  1.00 11.69 ? 252 ARG A C   1 
ATOM   801  O  O   . ARG A 1 97  ? 5.830   0.709   16.809  1.00 11.67 ? 252 ARG A O   1 
ATOM   802  C  CB  . ARG A 1 97  ? 8.835   -0.306  16.547  1.00 11.92 ? 252 ARG A CB  1 
ATOM   803  C  CG  . ARG A 1 97  ? 8.198   -1.433  17.341  1.00 12.50 ? 252 ARG A CG  1 
ATOM   804  C  CD  . ARG A 1 97  ? 8.703   -2.787  16.876  1.00 13.72 ? 252 ARG A CD  1 
ATOM   805  N  NE  . ARG A 1 97  ? 8.314   -3.858  17.789  1.00 14.61 ? 252 ARG A NE  1 
ATOM   806  C  CZ  . ARG A 1 97  ? 8.440   -5.151  17.514  1.00 15.11 ? 252 ARG A CZ  1 
ATOM   807  N  NH1 . ARG A 1 97  ? 8.938   -5.538  16.348  1.00 15.65 ? 252 ARG A NH1 1 
ATOM   808  N  NH2 . ARG A 1 97  ? 8.063   -6.060  18.403  1.00 15.37 ? 252 ARG A NH2 1 
ATOM   809  N  N   . ASN A 1 98  ? 6.724   1.608   14.951  1.00 11.54 ? 253 ASN A N   1 
ATOM   810  C  CA  . ASN A 1 98  ? 5.455   1.653   14.243  1.00 11.48 ? 253 ASN A CA  1 
ATOM   811  C  C   . ASN A 1 98  ? 4.908   0.248   14.028  1.00 11.48 ? 253 ASN A C   1 
ATOM   812  O  O   . ASN A 1 98  ? 5.666   -0.694  13.799  1.00 11.51 ? 253 ASN A O   1 
ATOM   813  C  CB  . ASN A 1 98  ? 5.610   2.382   12.908  1.00 11.39 ? 253 ASN A CB  1 
ATOM   814  C  CG  . ASN A 1 98  ? 6.010   3.834   13.083  1.00 11.31 ? 253 ASN A CG  1 
ATOM   815  O  OD1 . ASN A 1 98  ? 6.094   4.332   14.205  1.00 11.12 ? 253 ASN A OD1 1 
ATOM   816  N  ND2 . ASN A 1 98  ? 6.257   4.519   11.974  1.00 11.13 ? 253 ASN A ND2 1 
ATOM   817  N  N   . ASP A 1 99  ? 3.589   0.112   14.111  1.00 11.47 ? 254 ASP A N   1 
ATOM   818  C  CA  . ASP A 1 99  ? 2.946   -1.189  13.996  1.00 11.45 ? 254 ASP A CA  1 
ATOM   819  C  C   . ASP A 1 99  ? 2.451   -1.433  12.578  1.00 11.43 ? 254 ASP A C   1 
ATOM   820  O  O   . ASP A 1 99  ? 1.915   -0.532  11.933  1.00 11.48 ? 254 ASP A O   1 
ATOM   821  C  CB  . ASP A 1 99  ? 1.778   -1.294  14.979  1.00 11.41 ? 254 ASP A CB  1 
ATOM   822  C  CG  . ASP A 1 99  ? 2.226   -1.234  16.424  1.00 11.57 ? 254 ASP A CG  1 
ATOM   823  O  OD1 . ASP A 1 99  ? 3.351   -1.693  16.718  1.00 11.71 ? 254 ASP A OD1 1 
ATOM   824  O  OD2 . ASP A 1 99  ? 1.451   -0.735  17.267  1.00 11.16 ? 254 ASP A OD2 1 
ATOM   825  N  N   . PHE A 1 100 ? 2.633   -2.658  12.099  1.00 11.40 ? 255 PHE A N   1 
ATOM   826  C  CA  . PHE A 1 100 ? 2.139   -3.046  10.784  1.00 11.31 ? 255 PHE A CA  1 
ATOM   827  C  C   . PHE A 1 100 ? 0.631   -3.259  10.837  1.00 11.25 ? 255 PHE A C   1 
ATOM   828  O  O   . PHE A 1 100 ? 0.116   -3.865  11.776  1.00 11.10 ? 255 PHE A O   1 
ATOM   829  C  CB  . PHE A 1 100 ? 2.832   -4.322  10.312  1.00 11.36 ? 255 PHE A CB  1 
ATOM   830  C  CG  . PHE A 1 100 ? 2.275   -4.875  9.034   1.00 11.54 ? 255 PHE A CG  1 
ATOM   831  C  CD1 . PHE A 1 100 ? 2.783   -4.475  7.809   1.00 11.68 ? 255 PHE A CD1 1 
ATOM   832  C  CD2 . PHE A 1 100 ? 1.244   -5.801  9.057   1.00 11.84 ? 255 PHE A CD2 1 
ATOM   833  C  CE1 . PHE A 1 100 ? 2.272   -4.985  6.631   1.00 11.78 ? 255 PHE A CE1 1 
ATOM   834  C  CE2 . PHE A 1 100 ? 0.729   -6.315  7.880   1.00 11.71 ? 255 PHE A CE2 1 
ATOM   835  C  CZ  . PHE A 1 100 ? 1.244   -5.907  6.668   1.00 11.48 ? 255 PHE A CZ  1 
ATOM   836  N  N   . MET A 1 101 ? -0.077  -2.763  9.828   1.00 11.20 ? 256 MET A N   1 
ATOM   837  C  CA  . MET A 1 101 ? -1.534  -2.847  9.821   1.00 11.24 ? 256 MET A CA  1 
ATOM   838  C  C   . MET A 1 101 ? -2.070  -3.780  8.738   1.00 11.12 ? 256 MET A C   1 
ATOM   839  O  O   . MET A 1 101 ? -2.998  -4.547  8.979   1.00 11.13 ? 256 MET A O   1 
ATOM   840  C  CB  . MET A 1 101 ? -2.149  -1.453  9.679   1.00 11.26 ? 256 MET A CB  1 
ATOM   841  C  CG  . MET A 1 101 ? -1.657  -0.464  10.724  1.00 11.83 ? 256 MET A CG  1 
ATOM   842  S  SD  . MET A 1 101 ? -2.748  0.959   10.900  1.00 12.72 ? 256 MET A SD  1 
ATOM   843  C  CE  . MET A 1 101 ? -4.184  0.184   11.642  1.00 12.67 ? 256 MET A CE  1 
ATOM   844  N  N   . GLY A 1 102 ? -1.484  -3.711  7.547   1.00 11.03 ? 257 GLY A N   1 
ATOM   845  C  CA  . GLY A 1 102 ? -1.918  -4.556  6.437   1.00 10.97 ? 257 GLY A CA  1 
ATOM   846  C  C   . GLY A 1 102 ? -1.264  -4.143  5.135   1.00 10.90 ? 257 GLY A C   1 
ATOM   847  O  O   . GLY A 1 102 ? -0.839  -2.995  4.986   1.00 10.85 ? 257 GLY A O   1 
ATOM   848  N  N   . SER A 1 103 ? -1.187  -5.069  4.184   1.00 10.83 ? 258 SER A N   1 
ATOM   849  C  CA  . SER A 1 103 ? -0.475  -4.799  2.938   1.00 10.78 ? 258 SER A CA  1 
ATOM   850  C  C   . SER A 1 103 ? -0.921  -5.654  1.753   1.00 10.79 ? 258 SER A C   1 
ATOM   851  O  O   . SER A 1 103 ? -1.824  -6.484  1.859   1.00 10.56 ? 258 SER A O   1 
ATOM   852  C  CB  . SER A 1 103 ? 1.030   -4.982  3.147   1.00 10.82 ? 258 SER A CB  1 
ATOM   853  O  OG  . SER A 1 103 ? 1.345   -6.349  3.350   1.00 11.11 ? 258 SER A OG  1 
ATOM   854  N  N   . LEU A 1 104 ? -0.261  -5.429  0.621   1.00 10.79 ? 259 LEU A N   1 
ATOM   855  C  CA  . LEU A 1 104 ? -0.489  -6.188  -0.599  1.00 10.98 ? 259 LEU A CA  1 
ATOM   856  C  C   . LEU A 1 104 ? 0.573   -5.775  -1.606  1.00 10.89 ? 259 LEU A C   1 
ATOM   857  O  O   . LEU A 1 104 ? 1.401   -4.910  -1.319  1.00 10.96 ? 259 LEU A O   1 
ATOM   858  C  CB  . LEU A 1 104 ? -1.883  -5.913  -1.164  1.00 11.03 ? 259 LEU A CB  1 
ATOM   859  C  CG  . LEU A 1 104 ? -2.178  -4.466  -1.569  1.00 11.68 ? 259 LEU A CG  1 
ATOM   860  C  CD1 . LEU A 1 104 ? -1.015  -3.877  -2.353  1.00 12.53 ? 259 LEU A CD1 1 
ATOM   861  C  CD2 . LEU A 1 104 ? -3.468  -4.387  -2.373  1.00 12.17 ? 259 LEU A CD2 1 
ATOM   862  N  N   . SER A 1 105 ? 0.552   -6.383  -2.786  1.00 10.75 ? 260 SER A N   1 
ATOM   863  C  CA  . SER A 1 105 ? 1.521   -6.027  -3.814  1.00 10.71 ? 260 SER A CA  1 
ATOM   864  C  C   . SER A 1 105 ? 1.033   -6.370  -5.215  1.00 10.70 ? 260 SER A C   1 
ATOM   865  O  O   . SER A 1 105 ? 0.133   -7.191  -5.393  1.00 10.67 ? 260 SER A O   1 
ATOM   866  C  CB  . SER A 1 105 ? 2.872   -6.694  -3.541  1.00 10.59 ? 260 SER A CB  1 
ATOM   867  O  OG  . SER A 1 105 ? 2.753   -8.105  -3.517  1.00 10.68 ? 260 SER A OG  1 
ATOM   868  N  N   . PHE A 1 106 ? 1.638   -5.722  -6.203  1.00 10.74 ? 261 PHE A N   1 
ATOM   869  C  CA  . PHE A 1 106 ? 1.319   -5.959  -7.601  1.00 10.78 ? 261 PHE A CA  1 
ATOM   870  C  C   . PHE A 1 106 ? 2.609   -6.131  -8.386  1.00 10.87 ? 261 PHE A C   1 
ATOM   871  O  O   . PHE A 1 106 ? 3.592   -5.434  -8.137  1.00 10.76 ? 261 PHE A O   1 
ATOM   872  C  CB  . PHE A 1 106 ? 0.533   -4.781  -8.180  1.00 10.76 ? 261 PHE A CB  1 
ATOM   873  C  CG  . PHE A 1 106 ? -0.752  -4.489  -7.461  1.00 10.89 ? 261 PHE A CG  1 
ATOM   874  C  CD1 . PHE A 1 106 ? -0.780  -3.602  -6.398  1.00 11.01 ? 261 PHE A CD1 1 
ATOM   875  C  CD2 . PHE A 1 106 ? -1.934  -5.093  -7.857  1.00 10.95 ? 261 PHE A CD2 1 
ATOM   876  C  CE1 . PHE A 1 106 ? -1.963  -3.328  -5.737  1.00 10.94 ? 261 PHE A CE1 1 
ATOM   877  C  CE2 . PHE A 1 106 ? -3.121  -4.823  -7.199  1.00 11.00 ? 261 PHE A CE2 1 
ATOM   878  C  CZ  . PHE A 1 106 ? -3.135  -3.940  -6.137  1.00 11.01 ? 261 PHE A CZ  1 
ATOM   879  N  N   . GLY A 1 107 ? 2.608   -7.063  -9.333  1.00 10.95 ? 262 GLY A N   1 
ATOM   880  C  CA  . GLY A 1 107 ? 3.736   -7.209  -10.239 1.00 11.17 ? 262 GLY A CA  1 
ATOM   881  C  C   . GLY A 1 107 ? 3.746   -6.056  -11.222 1.00 11.36 ? 262 GLY A C   1 
ATOM   882  O  O   . GLY A 1 107 ? 2.700   -5.672  -11.745 1.00 11.40 ? 262 GLY A O   1 
ATOM   883  N  N   . VAL A 1 108 ? 4.920   -5.486  -11.468 1.00 11.57 ? 263 VAL A N   1 
ATOM   884  C  CA  . VAL A 1 108 ? 5.037   -4.411  -12.442 1.00 11.84 ? 263 VAL A CA  1 
ATOM   885  C  C   . VAL A 1 108 ? 4.522   -4.882  -13.800 1.00 12.05 ? 263 VAL A C   1 
ATOM   886  O  O   . VAL A 1 108 ? 3.804   -4.157  -14.486 1.00 12.06 ? 263 VAL A O   1 
ATOM   887  C  CB  . VAL A 1 108 ? 6.486   -3.914  -12.578 1.00 11.79 ? 263 VAL A CB  1 
ATOM   888  C  CG1 . VAL A 1 108 ? 6.599   -2.928  -13.731 1.00 11.89 ? 263 VAL A CG1 1 
ATOM   889  C  CG2 . VAL A 1 108 ? 6.950   -3.278  -11.278 1.00 11.78 ? 263 VAL A CG2 1 
ATOM   890  N  N   . SER A 1 109 ? 4.892   -6.102  -14.179 1.00 12.35 ? 264 SER A N   1 
ATOM   891  C  CA  . SER A 1 109 ? 4.416   -6.695  -15.426 1.00 12.70 ? 264 SER A CA  1 
ATOM   892  C  C   . SER A 1 109 ? 2.911   -6.929  -15.362 1.00 12.89 ? 264 SER A C   1 
ATOM   893  O  O   . SER A 1 109 ? 2.196   -6.719  -16.342 1.00 12.88 ? 264 SER A O   1 
ATOM   894  C  CB  . SER A 1 109 ? 5.143   -8.009  -15.709 1.00 12.68 ? 264 SER A CB  1 
ATOM   895  O  OG  . SER A 1 109 ? 6.518   -7.787  -15.974 1.00 12.99 ? 264 SER A OG  1 
ATOM   896  N  N   . GLU A 1 110 ? 2.441   -7.370  -14.199 1.00 13.17 ? 265 GLU A N   1 
ATOM   897  C  CA  . GLU A 1 110 ? 1.020   -7.574  -13.958 1.00 13.44 ? 265 GLU A CA  1 
ATOM   898  C  C   . GLU A 1 110 ? 0.238   -6.294  -14.235 1.00 13.63 ? 265 GLU A C   1 
ATOM   899  O  O   . GLU A 1 110 ? -0.773  -6.310  -14.939 1.00 13.68 ? 265 GLU A O   1 
ATOM   900  C  CB  . GLU A 1 110 ? 0.794   -8.017  -12.509 1.00 13.43 ? 265 GLU A CB  1 
ATOM   901  C  CG  . GLU A 1 110 ? -0.666  -8.136  -12.103 1.00 13.46 ? 265 GLU A CG  1 
ATOM   902  C  CD  . GLU A 1 110 ? -0.837  -8.438  -10.625 1.00 13.76 ? 265 GLU A CD  1 
ATOM   903  O  OE1 . GLU A 1 110 ? 0.181   -8.490  -9.903  1.00 13.59 ? 265 GLU A OE1 1 
ATOM   904  O  OE2 . GLU A 1 110 ? -1.991  -8.620  -10.182 1.00 13.81 ? 265 GLU A OE2 1 
ATOM   905  N  N   . LEU A 1 111 ? 0.718   -5.185  -13.680 1.00 13.85 ? 266 LEU A N   1 
ATOM   906  C  CA  . LEU A 1 111 ? 0.058   -3.893  -13.832 1.00 14.07 ? 266 LEU A CA  1 
ATOM   907  C  C   . LEU A 1 111 ? 0.081   -3.406  -15.276 1.00 14.28 ? 266 LEU A C   1 
ATOM   908  O  O   . LEU A 1 111 ? -0.820  -2.691  -15.714 1.00 14.28 ? 266 LEU A O   1 
ATOM   909  C  CB  . LEU A 1 111 ? 0.711   -2.852  -12.920 1.00 14.04 ? 266 LEU A CB  1 
ATOM   910  C  CG  . LEU A 1 111 ? 0.506   -3.062  -11.420 1.00 14.07 ? 266 LEU A CG  1 
ATOM   911  C  CD1 . LEU A 1 111 ? 1.367   -2.098  -10.616 1.00 13.92 ? 266 LEU A CD1 1 
ATOM   912  C  CD2 . LEU A 1 111 ? -0.965  -2.908  -11.059 1.00 14.21 ? 266 LEU A CD2 1 
ATOM   913  N  N   . MET A 1 112 ? 1.118   -3.793  -16.010 1.00 14.55 ? 267 MET A N   1 
ATOM   914  C  CA  . MET A 1 112 ? 1.252   -3.394  -17.407 1.00 14.86 ? 267 MET A CA  1 
ATOM   915  C  C   . MET A 1 112 ? 0.225   -4.096  -18.293 1.00 14.93 ? 267 MET A C   1 
ATOM   916  O  O   . MET A 1 112 ? -0.188  -3.559  -19.320 1.00 14.99 ? 267 MET A O   1 
ATOM   917  C  CB  . MET A 1 112 ? 2.670   -3.669  -17.913 1.00 14.91 ? 267 MET A CB  1 
ATOM   918  C  CG  . MET A 1 112 ? 3.742   -2.866  -17.197 1.00 15.35 ? 267 MET A CG  1 
ATOM   919  S  SD  . MET A 1 112 ? 5.401   -3.176  -17.829 1.00 16.40 ? 267 MET A SD  1 
ATOM   920  C  CE  . MET A 1 112 ? 6.373   -2.146  -16.732 1.00 16.20 ? 267 MET A CE  1 
ATOM   921  N  N   . LYS A 1 113 ? -0.184  -5.295  -17.890 1.00 15.05 ? 268 LYS A N   1 
ATOM   922  C  CA  . LYS A 1 113 ? -1.179  -6.054  -18.644 1.00 15.17 ? 268 LYS A CA  1 
ATOM   923  C  C   . LYS A 1 113 ? -2.587  -5.808  -18.109 1.00 15.20 ? 268 LYS A C   1 
ATOM   924  O  O   . LYS A 1 113 ? -3.546  -6.451  -18.537 1.00 15.19 ? 268 LYS A O   1 
ATOM   925  C  CB  . LYS A 1 113 ? -0.856  -7.550  -18.614 1.00 15.17 ? 268 LYS A CB  1 
ATOM   926  C  CG  . LYS A 1 113 ? 0.466   -7.912  -19.271 1.00 15.33 ? 268 LYS A CG  1 
ATOM   927  C  CD  . LYS A 1 113 ? 0.605   -9.416  -19.433 1.00 15.62 ? 268 LYS A CD  1 
ATOM   928  C  CE  . LYS A 1 113 ? 1.849   -9.773  -20.232 1.00 15.75 ? 268 LYS A CE  1 
ATOM   929  N  NZ  . LYS A 1 113 ? 1.889   -11.220 -20.582 1.00 16.02 ? 268 LYS A NZ  1 
ATOM   930  N  N   . MET A 1 114 ? -2.703  -4.874  -17.170 1.00 15.25 ? 269 MET A N   1 
ATOM   931  C  CA  . MET A 1 114 ? -3.991  -4.521  -16.589 1.00 15.32 ? 269 MET A CA  1 
ATOM   932  C  C   . MET A 1 114 ? -3.812  -3.677  -15.332 1.00 15.22 ? 269 MET A C   1 
ATOM   933  O  O   . MET A 1 114 ? -3.402  -4.186  -14.289 1.00 15.20 ? 269 MET A O   1 
ATOM   934  C  CB  . MET A 1 114 ? -4.801  -5.776  -16.258 1.00 15.42 ? 269 MET A CB  1 
ATOM   935  C  CG  . MET A 1 114 ? -6.163  -5.481  -15.643 1.00 16.01 ? 269 MET A CG  1 
ATOM   936  S  SD  . MET A 1 114 ? -7.069  -6.968  -15.166 1.00 17.46 ? 269 MET A SD  1 
ATOM   937  C  CE  . MET A 1 114 ? -6.057  -7.555  -13.808 1.00 16.92 ? 269 MET A CE  1 
ATOM   938  N  N   . PRO A 1 115 ? -4.119  -2.376  -15.432 1.00 15.12 ? 270 PRO A N   1 
ATOM   939  C  CA  . PRO A 1 115 ? -4.022  -1.468  -14.295 1.00 15.04 ? 270 PRO A CA  1 
ATOM   940  C  C   . PRO A 1 115 ? -4.930  -1.912  -13.155 1.00 14.94 ? 270 PRO A C   1 
ATOM   941  O  O   . PRO A 1 115 ? -6.034  -2.399  -13.397 1.00 14.90 ? 270 PRO A O   1 
ATOM   942  C  CB  . PRO A 1 115 ? -4.516  -0.134  -14.868 1.00 15.02 ? 270 PRO A CB  1 
ATOM   943  C  CG  . PRO A 1 115 ? -4.326  -0.249  -16.338 1.00 15.11 ? 270 PRO A CG  1 
ATOM   944  C  CD  . PRO A 1 115 ? -4.569  -1.690  -16.655 1.00 15.14 ? 270 PRO A CD  1 
ATOM   945  N  N   . ALA A 1 116 ? -4.461  -1.746  -11.923 1.00 14.87 ? 271 ALA A N   1 
ATOM   946  C  CA  . ALA A 1 116 ? -5.259  -2.085  -10.752 1.00 14.75 ? 271 ALA A CA  1 
ATOM   947  C  C   . ALA A 1 116 ? -6.187  -0.931  -10.396 1.00 14.68 ? 271 ALA A C   1 
ATOM   948  O  O   . ALA A 1 116 ? -5.821  0.235   -10.537 1.00 14.67 ? 271 ALA A O   1 
ATOM   949  C  CB  . ALA A 1 116 ? -4.357  -2.427  -9.578  1.00 14.76 ? 271 ALA A CB  1 
ATOM   950  N  N   . SER A 1 117 ? -7.388  -1.262  -9.933  1.00 14.58 ? 272 SER A N   1 
ATOM   951  C  CA  . SER A 1 117 ? -8.373  -0.250  -9.570  1.00 14.45 ? 272 SER A CA  1 
ATOM   952  C  C   . SER A 1 117 ? -9.505  -0.854  -8.748  1.00 14.33 ? 272 SER A C   1 
ATOM   953  O  O   . SER A 1 117 ? -10.123 -1.837  -9.157  1.00 14.38 ? 272 SER A O   1 
ATOM   954  C  CB  . SER A 1 117 ? -8.935  0.416   -10.828 1.00 14.51 ? 272 SER A CB  1 
ATOM   955  O  OG  . SER A 1 117 ? -9.996  1.301   -10.510 1.00 14.56 ? 272 SER A OG  1 
ATOM   956  N  N   . GLY A 1 118 ? -9.775  -0.263  -7.589  1.00 14.16 ? 273 GLY A N   1 
ATOM   957  C  CA  . GLY A 1 118 ? -10.871 -0.713  -6.740  1.00 13.93 ? 273 GLY A CA  1 
ATOM   958  C  C   . GLY A 1 118 ? -10.435 -1.111  -5.344  1.00 13.76 ? 273 GLY A C   1 
ATOM   959  O  O   . GLY A 1 118 ? -9.371  -0.709  -4.874  1.00 13.71 ? 273 GLY A O   1 
ATOM   960  N  N   . TRP A 1 119 ? -11.268 -1.906  -4.680  1.00 13.63 ? 274 TRP A N   1 
ATOM   961  C  CA  . TRP A 1 119 ? -10.989 -2.351  -3.319  1.00 13.57 ? 274 TRP A CA  1 
ATOM   962  C  C   . TRP A 1 119 ? -10.130 -3.612  -3.292  1.00 13.49 ? 274 TRP A C   1 
ATOM   963  O  O   . TRP A 1 119 ? -10.288 -4.503  -4.127  1.00 13.51 ? 274 TRP A O   1 
ATOM   964  C  CB  . TRP A 1 119 ? -12.293 -2.598  -2.555  1.00 13.56 ? 274 TRP A CB  1 
ATOM   965  C  CG  . TRP A 1 119 ? -13.059 -1.348  -2.246  1.00 13.60 ? 274 TRP A CG  1 
ATOM   966  C  CD1 . TRP A 1 119 ? -14.188 -0.904  -2.866  1.00 13.56 ? 274 TRP A CD1 1 
ATOM   967  C  CD2 . TRP A 1 119 ? -12.748 -0.380  -1.235  1.00 13.58 ? 274 TRP A CD2 1 
ATOM   968  N  NE1 . TRP A 1 119 ? -14.603 0.280   -2.306  1.00 13.64 ? 274 TRP A NE1 1 
ATOM   969  C  CE2 . TRP A 1 119 ? -13.734 0.624   -1.303  1.00 13.51 ? 274 TRP A CE2 1 
ATOM   970  C  CE3 . TRP A 1 119 ? -11.731 -0.264  -0.282  1.00 13.55 ? 274 TRP A CE3 1 
ATOM   971  C  CZ2 . TRP A 1 119 ? -13.735 1.729   -0.452  1.00 13.50 ? 274 TRP A CZ2 1 
ATOM   972  C  CZ3 . TRP A 1 119 ? -11.734 0.834   0.561   1.00 13.39 ? 274 TRP A CZ3 1 
ATOM   973  C  CH2 . TRP A 1 119 ? -12.728 1.815   0.470   1.00 13.46 ? 274 TRP A CH2 1 
ATOM   974  N  N   . TYR A 1 120 ? -9.227  -3.676  -2.320  1.00 13.36 ? 275 TYR A N   1 
ATOM   975  C  CA  . TYR A 1 120 ? -8.349  -4.825  -2.149  1.00 13.30 ? 275 TYR A CA  1 
ATOM   976  C  C   . TYR A 1 120 ? -8.269  -5.226  -0.682  1.00 13.34 ? 275 TYR A C   1 
ATOM   977  O  O   . TYR A 1 120 ? -8.269  -4.371  0.205   1.00 13.33 ? 275 TYR A O   1 
ATOM   978  C  CB  . TYR A 1 120 ? -6.948  -4.514  -2.677  1.00 13.24 ? 275 TYR A CB  1 
ATOM   979  C  CG  . TYR A 1 120 ? -6.878  -4.356  -4.178  1.00 13.08 ? 275 TYR A CG  1 
ATOM   980  C  CD1 . TYR A 1 120 ? -7.095  -3.122  -4.776  1.00 12.96 ? 275 TYR A CD1 1 
ATOM   981  C  CD2 . TYR A 1 120 ? -6.597  -5.441  -4.996  1.00 12.70 ? 275 TYR A CD2 1 
ATOM   982  C  CE1 . TYR A 1 120 ? -7.036  -2.975  -6.149  1.00 12.76 ? 275 TYR A CE1 1 
ATOM   983  C  CE2 . TYR A 1 120 ? -6.534  -5.303  -6.368  1.00 12.59 ? 275 TYR A CE2 1 
ATOM   984  C  CZ  . TYR A 1 120 ? -6.754  -4.068  -6.939  1.00 12.59 ? 275 TYR A CZ  1 
ATOM   985  O  OH  . TYR A 1 120 ? -6.693  -3.927  -8.306  1.00 12.69 ? 275 TYR A OH  1 
ATOM   986  N  N   . LYS A 1 121 ? -8.198  -6.528  -0.430  1.00 13.34 ? 276 LYS A N   1 
ATOM   987  C  CA  . LYS A 1 121 ? -8.102  -7.037  0.931   1.00 13.45 ? 276 LYS A CA  1 
ATOM   988  C  C   . LYS A 1 121 ? -6.696  -6.848  1.488   1.00 13.41 ? 276 LYS A C   1 
ATOM   989  O  O   . LYS A 1 121 ? -5.708  -7.178  0.831   1.00 13.46 ? 276 LYS A O   1 
ATOM   990  C  CB  . LYS A 1 121 ? -8.493  -8.516  0.980   1.00 13.56 ? 276 LYS A CB  1 
ATOM   991  C  CG  . LYS A 1 121 ? -8.391  -9.133  2.365   1.00 13.87 ? 276 LYS A CG  1 
ATOM   992  C  CD  . LYS A 1 121 ? -8.673  -10.624 2.328   1.00 14.29 ? 276 LYS A CD  1 
ATOM   993  C  CE  . LYS A 1 121 ? -8.418  -11.262 3.682   1.00 14.49 ? 276 LYS A CE  1 
ATOM   994  N  NZ  . LYS A 1 121 ? -8.689  -12.725 3.663   1.00 14.75 ? 276 LYS A NZ  1 
ATOM   995  N  N   . LEU A 1 122 ? -6.608  -6.312  2.702   1.00 13.28 ? 277 LEU A N   1 
ATOM   996  C  CA  . LEU A 1 122 ? -5.316  -6.109  3.348   1.00 13.24 ? 277 LEU A CA  1 
ATOM   997  C  C   . LEU A 1 122 ? -4.773  -7.420  3.901   1.00 13.21 ? 277 LEU A C   1 
ATOM   998  O  O   . LEU A 1 122 ? -5.469  -8.141  4.617   1.00 13.20 ? 277 LEU A O   1 
ATOM   999  C  CB  . LEU A 1 122 ? -5.420  -5.056  4.455   1.00 13.10 ? 277 LEU A CB  1 
ATOM   1000 C  CG  . LEU A 1 122 ? -5.620  -3.624  3.957   1.00 13.10 ? 277 LEU A CG  1 
ATOM   1001 C  CD1 . LEU A 1 122 ? -5.911  -2.678  5.117   1.00 12.82 ? 277 LEU A CD1 1 
ATOM   1002 C  CD2 . LEU A 1 122 ? -4.404  -3.158  3.165   1.00 13.16 ? 277 LEU A CD2 1 
ATOM   1003 N  N   . LEU A 1 123 ? -3.525  -7.719  3.561   1.00 13.21 ? 278 LEU A N   1 
ATOM   1004 C  CA  . LEU A 1 123 ? -2.916  -8.999  3.898   1.00 13.26 ? 278 LEU A CA  1 
ATOM   1005 C  C   . LEU A 1 123 ? -1.855  -8.856  4.983   1.00 13.36 ? 278 LEU A C   1 
ATOM   1006 O  O   . LEU A 1 123 ? -1.435  -7.747  5.316   1.00 13.31 ? 278 LEU A O   1 
ATOM   1007 C  CB  . LEU A 1 123 ? -2.290  -9.618  2.648   1.00 13.13 ? 278 LEU A CB  1 
ATOM   1008 C  CG  . LEU A 1 123 ? -3.178  -9.693  1.406   1.00 13.03 ? 278 LEU A CG  1 
ATOM   1009 C  CD1 . LEU A 1 123 ? -2.356  -10.046 0.174   1.00 12.75 ? 278 LEU A CD1 1 
ATOM   1010 C  CD2 . LEU A 1 123 ? -4.307  -10.694 1.610   1.00 12.88 ? 278 LEU A CD2 1 
ATOM   1011 N  N   . ASN A 1 124 ? -1.426  -9.989  5.532   1.00 13.48 ? 279 ASN A N   1 
ATOM   1012 C  CA  . ASN A 1 124 ? -0.324  -10.008 6.484   1.00 13.67 ? 279 ASN A CA  1 
ATOM   1013 C  C   . ASN A 1 124 ? 0.948   -9.469  5.837   1.00 13.64 ? 279 ASN A C   1 
ATOM   1014 O  O   . ASN A 1 124 ? 1.027   -9.352  4.615   1.00 13.56 ? 279 ASN A O   1 
ATOM   1015 C  CB  . ASN A 1 124 ? -0.093  -11.425 7.012   1.00 13.73 ? 279 ASN A CB  1 
ATOM   1016 C  CG  . ASN A 1 124 ? -1.262  -11.938 7.830   1.00 14.07 ? 279 ASN A CG  1 
ATOM   1017 O  OD1 . ASN A 1 124 ? -2.101  -11.163 8.291   1.00 14.59 ? 279 ASN A OD1 1 
ATOM   1018 N  ND2 . ASN A 1 124 ? -1.319  -13.253 8.021   1.00 14.16 ? 279 ASN A ND2 1 
ATOM   1019 N  N   . GLN A 1 125 ? 1.944   -9.151  6.658   1.00 13.68 ? 280 GLN A N   1 
ATOM   1020 C  CA  . GLN A 1 125 ? 3.154   -8.495  6.165   1.00 13.80 ? 280 GLN A CA  1 
ATOM   1021 C  C   . GLN A 1 125 ? 3.958   -9.354  5.190   1.00 13.78 ? 280 GLN A C   1 
ATOM   1022 O  O   . GLN A 1 125 ? 4.202   -8.952  4.053   1.00 13.86 ? 280 GLN A O   1 
ATOM   1023 C  CB  . GLN A 1 125 ? 4.038   -8.049  7.332   1.00 13.83 ? 280 GLN A CB  1 
ATOM   1024 C  CG  . GLN A 1 125 ? 5.198   -7.156  6.919   1.00 14.19 ? 280 GLN A CG  1 
ATOM   1025 C  CD  . GLN A 1 125 ? 5.940   -6.582  8.110   1.00 14.71 ? 280 GLN A CD  1 
ATOM   1026 O  OE1 . GLN A 1 125 ? 5.528   -6.756  9.257   1.00 15.05 ? 280 GLN A OE1 1 
ATOM   1027 N  NE2 . GLN A 1 125 ? 7.043   -5.893  7.842   1.00 14.93 ? 280 GLN A NE2 1 
ATOM   1028 N  N   . GLU A 1 126 ? 4.375   -10.534 5.636   1.00 13.74 ? 281 GLU A N   1 
ATOM   1029 C  CA  . GLU A 1 126 ? 5.182   -11.409 4.791   1.00 13.72 ? 281 GLU A CA  1 
ATOM   1030 C  C   . GLU A 1 126 ? 4.467   -11.738 3.483   1.00 13.54 ? 281 GLU A C   1 
ATOM   1031 O  O   . GLU A 1 126 ? 5.040   -11.603 2.402   1.00 13.60 ? 281 GLU A O   1 
ATOM   1032 C  CB  . GLU A 1 126 ? 5.552   -12.698 5.528   1.00 13.78 ? 281 GLU A CB  1 
ATOM   1033 C  CG  . GLU A 1 126 ? 6.381   -13.655 4.689   1.00 14.28 ? 281 GLU A CG  1 
ATOM   1034 C  CD  . GLU A 1 126 ? 6.751   -14.923 5.430   1.00 14.83 ? 281 GLU A CD  1 
ATOM   1035 O  OE1 . GLU A 1 126 ? 7.290   -15.848 4.787   1.00 15.03 ? 281 GLU A OE1 1 
ATOM   1036 O  OE2 . GLU A 1 126 ? 6.506   -14.998 6.652   1.00 15.33 ? 281 GLU A OE2 1 
ATOM   1037 N  N   . GLU A 1 127 ? 3.212   -12.163 3.587   1.00 13.29 ? 282 GLU A N   1 
ATOM   1038 C  CA  . GLU A 1 127 ? 2.444   -12.573 2.416   1.00 13.03 ? 282 GLU A CA  1 
ATOM   1039 C  C   . GLU A 1 127 ? 2.112   -11.404 1.494   1.00 12.72 ? 282 GLU A C   1 
ATOM   1040 O  O   . GLU A 1 127 ? 2.021   -11.570 0.279   1.00 12.66 ? 282 GLU A O   1 
ATOM   1041 C  CB  . GLU A 1 127 ? 1.161   -13.292 2.840   1.00 13.15 ? 282 GLU A CB  1 
ATOM   1042 C  CG  . GLU A 1 127 ? 0.176   -12.415 3.595   1.00 13.27 ? 282 GLU A CG  1 
ATOM   1043 C  CD  . GLU A 1 127 ? -0.995  -13.206 4.145   1.00 13.47 ? 282 GLU A CD  1 
ATOM   1044 O  OE1 . GLU A 1 127 ? -1.990  -12.583 4.570   1.00 13.44 ? 282 GLU A OE1 1 
ATOM   1045 O  OE2 . GLU A 1 127 ? -0.919  -14.452 4.151   1.00 13.61 ? 282 GLU A OE2 1 
ATOM   1046 N  N   . GLY A 1 128 ? 1.933   -10.223 2.077   1.00 12.34 ? 283 GLY A N   1 
ATOM   1047 C  CA  . GLY A 1 128 ? 1.594   -9.032  1.306   1.00 11.92 ? 283 GLY A CA  1 
ATOM   1048 C  C   . GLY A 1 128 ? 2.602   -8.703  0.219   1.00 11.62 ? 283 GLY A C   1 
ATOM   1049 O  O   . GLY A 1 128 ? 2.290   -7.988  -0.733  1.00 11.59 ? 283 GLY A O   1 
ATOM   1050 N  N   . GLU A 1 129 ? 3.816   -9.222  0.359   1.00 11.31 ? 284 GLU A N   1 
ATOM   1051 C  CA  . GLU A 1 129 ? 4.863   -8.978  -0.628  1.00 11.20 ? 284 GLU A CA  1 
ATOM   1052 C  C   . GLU A 1 129 ? 4.750   -9.913  -1.830  1.00 10.83 ? 284 GLU A C   1 
ATOM   1053 O  O   . GLU A 1 129 ? 5.533   -9.813  -2.773  1.00 10.68 ? 284 GLU A O   1 
ATOM   1054 C  CB  . GLU A 1 129 ? 6.248   -9.130  0.008   1.00 11.31 ? 284 GLU A CB  1 
ATOM   1055 C  CG  . GLU A 1 129 ? 6.647   -7.987  0.927   1.00 12.30 ? 284 GLU A CG  1 
ATOM   1056 C  CD  . GLU A 1 129 ? 8.085   -8.096  1.399   1.00 13.59 ? 284 GLU A CD  1 
ATOM   1057 O  OE1 . GLU A 1 129 ? 8.587   -9.235  1.516   1.00 14.10 ? 284 GLU A OE1 1 
ATOM   1058 O  OE2 . GLU A 1 129 ? 8.712   -7.045  1.651   1.00 14.68 ? 284 GLU A OE2 1 
ATOM   1059 N  N   . TYR A 1 130 ? 3.774   -10.816 -1.800  1.00 10.48 ? 285 TYR A N   1 
ATOM   1060 C  CA  . TYR A 1 130 ? 3.686   -11.860 -2.818  1.00 10.26 ? 285 TYR A CA  1 
ATOM   1061 C  C   . TYR A 1 130 ? 2.446   -11.800 -3.707  1.00 10.07 ? 285 TYR A C   1 
ATOM   1062 O  O   . TYR A 1 130 ? 2.472   -12.285 -4.837  1.00 9.99  ? 285 TYR A O   1 
ATOM   1063 C  CB  . TYR A 1 130 ? 3.801   -13.243 -2.173  1.00 10.23 ? 285 TYR A CB  1 
ATOM   1064 C  CG  . TYR A 1 130 ? 5.175   -13.541 -1.620  1.00 10.20 ? 285 TYR A CG  1 
ATOM   1065 C  CD1 . TYR A 1 130 ? 6.173   -14.054 -2.434  1.00 10.14 ? 285 TYR A CD1 1 
ATOM   1066 C  CD2 . TYR A 1 130 ? 5.473   -13.304 -0.284  1.00 10.21 ? 285 TYR A CD2 1 
ATOM   1067 C  CE1 . TYR A 1 130 ? 7.432   -14.328 -1.935  1.00 10.30 ? 285 TYR A CE1 1 
ATOM   1068 C  CE2 . TYR A 1 130 ? 6.730   -13.577 0.224   1.00 10.30 ? 285 TYR A CE2 1 
ATOM   1069 C  CZ  . TYR A 1 130 ? 7.704   -14.086 -0.605  1.00 10.22 ? 285 TYR A CZ  1 
ATOM   1070 O  OH  . TYR A 1 130 ? 8.958   -14.358 -0.106  1.00 10.38 ? 285 TYR A OH  1 
ATOM   1071 N  N   . TYR A 1 131 ? 1.362   -11.214 -3.209  1.00 9.85  ? 286 TYR A N   1 
ATOM   1072 C  CA  . TYR A 1 131 ? 0.123   -11.184 -3.982  1.00 9.71  ? 286 TYR A CA  1 
ATOM   1073 C  C   . TYR A 1 131 ? -0.869  -10.126 -3.512  1.00 9.73  ? 286 TYR A C   1 
ATOM   1074 O  O   . TYR A 1 131 ? -0.614  -9.390  -2.560  1.00 9.63  ? 286 TYR A O   1 
ATOM   1075 C  CB  . TYR A 1 131 ? -0.543  -12.565 -3.971  1.00 9.64  ? 286 TYR A CB  1 
ATOM   1076 C  CG  . TYR A 1 131 ? -1.133  -12.959 -2.633  1.00 9.32  ? 286 TYR A CG  1 
ATOM   1077 C  CD1 . TYR A 1 131 ? -2.509  -13.014 -2.449  1.00 9.28  ? 286 TYR A CD1 1 
ATOM   1078 C  CD2 . TYR A 1 131 ? -0.316  -13.277 -1.556  1.00 9.10  ? 286 TYR A CD2 1 
ATOM   1079 C  CE1 . TYR A 1 131 ? -3.055  -13.377 -1.229  1.00 8.92  ? 286 TYR A CE1 1 
ATOM   1080 C  CE2 . TYR A 1 131 ? -0.852  -13.638 -0.334  1.00 8.71  ? 286 TYR A CE2 1 
ATOM   1081 C  CZ  . TYR A 1 131 ? -2.222  -13.687 -0.176  1.00 8.83  ? 286 TYR A CZ  1 
ATOM   1082 O  OH  . TYR A 1 131 ? -2.760  -14.046 1.038   1.00 8.32  ? 286 TYR A OH  1 
ATOM   1083 N  N   . ASN A 1 132 ? -2.004  -10.060 -4.203  1.00 9.77  ? 287 ASN A N   1 
ATOM   1084 C  CA  . ASN A 1 132 ? -3.100  -9.181  -3.821  1.00 9.77  ? 287 ASN A CA  1 
ATOM   1085 C  C   . ASN A 1 132 ? -4.439  -9.886  -4.002  1.00 9.85  ? 287 ASN A C   1 
ATOM   1086 O  O   . ASN A 1 132 ? -4.553  -10.823 -4.792  1.00 9.73  ? 287 ASN A O   1 
ATOM   1087 C  CB  . ASN A 1 132 ? -3.076  -7.895  -4.645  1.00 9.74  ? 287 ASN A CB  1 
ATOM   1088 C  CG  . ASN A 1 132 ? -3.228  -8.153  -6.130  1.00 9.65  ? 287 ASN A CG  1 
ATOM   1089 O  OD1 . ASN A 1 132 ? -4.330  -8.081  -6.676  1.00 9.46  ? 287 ASN A OD1 1 
ATOM   1090 N  ND2 . ASN A 1 132 ? -2.121  -8.473  -6.790  1.00 9.68  ? 287 ASN A ND2 1 
ATOM   1091 N  N   . VAL A 1 133 ? -5.450  -9.432  -3.272  1.00 9.96  ? 288 VAL A N   1 
ATOM   1092 C  CA  . VAL A 1 133 ? -6.781  -10.017 -3.373  1.00 10.04 ? 288 VAL A CA  1 
ATOM   1093 C  C   . VAL A 1 133 ? -7.828  -8.940  -3.620  1.00 10.14 ? 288 VAL A C   1 
ATOM   1094 O  O   . VAL A 1 133 ? -8.274  -8.277  -2.684  1.00 10.12 ? 288 VAL A O   1 
ATOM   1095 C  CB  . VAL A 1 133 ? -7.152  -10.801 -2.103  1.00 10.03 ? 288 VAL A CB  1 
ATOM   1096 C  CG1 . VAL A 1 133 ? -8.553  -11.388 -2.231  1.00 10.07 ? 288 VAL A CG1 1 
ATOM   1097 C  CG2 . VAL A 1 133 ? -6.132  -11.895 -1.839  1.00 10.08 ? 288 VAL A CG2 1 
ATOM   1098 N  N   . PRO A 1 134 ? -8.221  -8.760  -4.888  1.00 10.26 ? 289 PRO A N   1 
ATOM   1099 C  CA  . PRO A 1 134 ? -9.231  -7.771  -5.244  1.00 10.41 ? 289 PRO A CA  1 
ATOM   1100 C  C   . PRO A 1 134 ? -10.587 -8.155  -4.667  1.00 10.56 ? 289 PRO A C   1 
ATOM   1101 O  O   . PRO A 1 134 ? -10.908 -9.339  -4.578  1.00 10.58 ? 289 PRO A O   1 
ATOM   1102 C  CB  . PRO A 1 134 ? -9.266  -7.845  -6.772  1.00 10.38 ? 289 PRO A CB  1 
ATOM   1103 C  CG  . PRO A 1 134 ? -8.810  -9.223  -7.091  1.00 10.28 ? 289 PRO A CG  1 
ATOM   1104 C  CD  . PRO A 1 134 ? -7.783  -9.552  -6.050  1.00 10.30 ? 289 PRO A CD  1 
ATOM   1105 N  N   . ILE A 1 135 ? -11.372 -7.157  -4.272  1.00 10.77 ? 290 ILE A N   1 
ATOM   1106 C  CA  . ILE A 1 135 ? -12.693 -7.403  -3.709  1.00 10.95 ? 290 ILE A CA  1 
ATOM   1107 C  C   . ILE A 1 135 ? -13.774 -6.710  -4.526  1.00 11.05 ? 290 ILE A C   1 
ATOM   1108 O  O   . ILE A 1 135 ? -14.228 -5.626  -4.165  1.00 11.14 ? 290 ILE A O   1 
ATOM   1109 C  CB  . ILE A 1 135 ? -12.792 -6.916  -2.252  1.00 10.97 ? 290 ILE A CB  1 
ATOM   1110 C  CG1 . ILE A 1 135 ? -11.662 -7.507  -1.407  1.00 11.12 ? 290 ILE A CG1 1 
ATOM   1111 C  CG2 . ILE A 1 135 ? -14.150 -7.273  -1.664  1.00 11.03 ? 290 ILE A CG2 1 
ATOM   1112 C  CD1 . ILE A 1 135 ? -11.687 -7.060  0.040   1.00 11.28 ? 290 ILE A CD1 1 
ATOM   1113 N  N   . PRO A 1 136 ? -14.183 -7.334  -5.639  1.00 11.14 ? 291 PRO A N   1 
ATOM   1114 C  CA  . PRO A 1 136 ? -15.279 -6.826  -6.458  1.00 11.18 ? 291 PRO A CA  1 
ATOM   1115 C  C   . PRO A 1 136 ? -16.616 -6.979  -5.741  1.00 11.21 ? 291 PRO A C   1 
ATOM   1116 O  O   . PRO A 1 136 ? -17.112 -8.095  -5.591  1.00 11.31 ? 291 PRO A O   1 
ATOM   1117 C  CB  . PRO A 1 136 ? -15.243 -7.730  -7.698  1.00 11.17 ? 291 PRO A CB  1 
ATOM   1118 C  CG  . PRO A 1 136 ? -13.893 -8.377  -7.681  1.00 11.19 ? 291 PRO A CG  1 
ATOM   1119 C  CD  . PRO A 1 136 ? -13.548 -8.518  -6.238  1.00 11.14 ? 291 PRO A CD  1 
ATOM   1120 N  N   . GLU A 1 137 ? -17.188 -5.864  -5.300  1.00 11.25 ? 292 GLU A N   1 
ATOM   1121 C  CA  . GLU A 1 137 ? -18.466 -5.886  -4.598  1.00 11.22 ? 292 GLU A CA  1 
ATOM   1122 C  C   . GLU A 1 137 ? -18.272 -5.853  -3.085  1.00 11.24 ? 292 GLU A C   1 
ATOM   1123 O  O   . GLU A 1 137 ? -17.341 -5.222  -2.580  1.00 11.29 ? 292 GLU A O   1 
ATOM   1124 C  CB  . GLU A 1 137 ? -19.272 -7.124  -4.995  1.00 11.23 ? 292 GLU A CB  1 
HETATM 1125 CA CA  . CA  B 2 .   ? 0.413   1.334   17.768  1.00 23.23 ? 501 CA  A CA  1 
HETATM 1126 CA CA  . CA  C 2 .   ? -0.221  4.947   16.734  1.00 20.89 ? 502 CA  A CA  1 
HETATM 1127 CA CA  . CA  D 2 .   ? 4.124   0.073   18.439  1.00 33.39 ? 503 CA  A CA  1 
HETATM 1128 P  P   . PO4 E 3 .   ? 1.043   7.527   19.404  1.00 40.32 ? 401 PO4 A P   1 
HETATM 1129 O  O1  . PO4 E 3 .   ? 0.602   7.746   20.833  1.00 40.36 ? 401 PO4 A O1  1 
HETATM 1130 O  O2  . PO4 E 3 .   ? 0.464   8.612   18.524  1.00 40.39 ? 401 PO4 A O2  1 
HETATM 1131 O  O3  . PO4 E 3 .   ? 2.550   7.573   19.329  1.00 40.03 ? 401 PO4 A O3  1 
HETATM 1132 O  O4  . PO4 E 3 .   ? 0.547   6.178   18.932  1.00 40.00 ? 401 PO4 A O4  1 
HETATM 1133 O  O12 . PT5 F 4 .   ? 12.094  1.235   7.186   1.00 79.50 ? 600 PT5 A O12 1 
HETATM 1134 P  P1  . PT5 F 4 .   ? 12.494  2.366   6.270   1.00 79.50 ? 600 PT5 A P1  1 
HETATM 1135 O  O13 . PT5 F 4 .   ? 13.531  2.137   5.197   1.00 79.51 ? 600 PT5 A O13 1 
HETATM 1136 O  O11 . PT5 F 4 .   ? 11.165  2.938   5.569   1.00 79.49 ? 600 PT5 A O11 1 
HETATM 1137 O  O6  . PT5 F 4 .   ? 10.110  3.565   7.378   1.00 79.49 ? 600 PT5 A O6  1 
HETATM 1138 O  O1  . PT5 F 4 .   ? 12.974  3.607   7.175   1.00 79.49 ? 600 PT5 A O1  1 
HETATM 1139 C  C1  . PT5 F 4 .   ? 12.063  4.253   8.063   1.00 79.47 ? 600 PT5 A C1  1 
HETATM 1140 C  C6  . PT5 F 4 .   ? 10.917  3.303   8.396   1.00 79.49 ? 600 PT5 A C6  1 
HETATM 1141 C  C2  . PT5 F 4 .   ? 12.808  4.685   9.320   1.00 79.45 ? 600 PT5 A C2  1 
HETATM 1142 O  O2  . PT5 F 4 .   ? 13.558  3.579   9.837   1.00 79.43 ? 600 PT5 A O2  1 
HETATM 1143 C  C3  . PT5 F 4 .   ? 11.845  5.189   10.389  1.00 79.46 ? 600 PT5 A C3  1 
HETATM 1144 O  O3  . PT5 F 4 .   ? 11.859  4.293   11.506  1.00 79.43 ? 600 PT5 A O3  1 
HETATM 1145 C  C4  . PT5 F 4 .   ? 10.426  5.302   9.844   1.00 79.48 ? 600 PT5 A C4  1 
HETATM 1146 O  O4  . PT5 F 4 .   ? 10.401  6.243   8.771   1.00 79.49 ? 600 PT5 A O4  1 
HETATM 1147 P  P4  . PT5 F 4 .   ? 9.142   6.301   7.769   1.00 79.49 ? 600 PT5 A P4  1 
HETATM 1148 O  O41 . PT5 F 4 .   ? 8.660   4.871   7.705   1.00 79.47 ? 600 PT5 A O41 1 
HETATM 1149 O  O42 . PT5 F 4 .   ? 8.182   7.253   8.446   1.00 79.50 ? 600 PT5 A O42 1 
HETATM 1150 O  O43 . PT5 F 4 .   ? 9.726   6.822   6.477   1.00 79.49 ? 600 PT5 A O43 1 
HETATM 1151 C  C5  . PT5 F 4 .   ? 9.917   3.954   9.344   1.00 79.51 ? 600 PT5 A C5  1 
HETATM 1152 O  O5  . PT5 F 4 .   ? 9.677   3.088   10.450  1.00 79.57 ? 600 PT5 A O5  1 
HETATM 1153 P  P5  . PT5 F 4 .   ? 8.583   1.912   10.340  1.00 79.60 ? 600 PT5 A P5  1 
HETATM 1154 O  O52 . PT5 F 4 .   ? 8.725   1.157   11.641  1.00 79.63 ? 600 PT5 A O52 1 
HETATM 1155 O  O51 . PT5 F 4 .   ? 7.272   2.648   10.187  1.00 79.63 ? 600 PT5 A O51 1 
HETATM 1156 O  O53 . PT5 F 4 .   ? 9.005   1.132   9.118   1.00 79.60 ? 600 PT5 A O53 1 
HETATM 1157 O  O   . HOH G 5 .   ? 3.715   9.515   7.157   1.00 11.32 ? 1   HOH A O   1 
HETATM 1158 O  O   . HOH G 5 .   ? 5.728   -0.745  0.959   1.00 16.29 ? 2   HOH A O   1 
HETATM 1159 O  O   . HOH G 5 .   ? 8.843   13.518  -14.197 1.00 35.81 ? 3   HOH A O   1 
HETATM 1160 O  O   . HOH G 5 .   ? 13.994  -5.092  -0.681  1.00 16.77 ? 4   HOH A O   1 
HETATM 1161 O  O   . HOH G 5 .   ? 6.383   -10.935 -8.950  1.00 8.67  ? 5   HOH A O   1 
HETATM 1162 O  O   . HOH G 5 .   ? 4.337   -13.495 -5.982  1.00 3.09  ? 6   HOH A O   1 
HETATM 1163 O  O   . HOH G 5 .   ? 8.139   -2.607  5.285   1.00 27.79 ? 7   HOH A O   1 
HETATM 1164 O  O   . HOH G 5 .   ? -8.574  13.307  2.461   1.00 32.04 ? 8   HOH A O   1 
HETATM 1165 O  O   . HOH G 5 .   ? 7.049   -0.693  3.042   1.00 22.89 ? 9   HOH A O   1 
HETATM 1166 O  O   . HOH G 5 .   ? -1.712  -11.880 -6.653  1.00 8.79  ? 10  HOH A O   1 
HETATM 1167 O  O   . HOH G 5 .   ? 4.592   -4.508  13.807  1.00 13.43 ? 11  HOH A O   1 
HETATM 1168 O  O   . HOH G 5 .   ? 7.689   -6.099  4.320   1.00 31.39 ? 12  HOH A O   1 
HETATM 1169 O  O   . HOH G 5 .   ? -8.149  -7.912  5.582   1.00 11.13 ? 13  HOH A O   1 
HETATM 1170 O  O   . HOH G 5 .   ? -2.410  7.188   20.286  1.00 15.58 ? 14  HOH A O   1 
HETATM 1171 O  O   . HOH G 5 .   ? 7.869   -10.690 -3.575  1.00 14.24 ? 15  HOH A O   1 
HETATM 1172 O  O   . HOH G 5 .   ? 3.610   11.149  11.295  1.00 30.05 ? 16  HOH A O   1 
HETATM 1173 O  O   . HOH G 5 .   ? -3.648  13.894  11.528  1.00 23.15 ? 17  HOH A O   1 
HETATM 1174 O  O   . HOH G 5 .   ? -12.235 5.723   12.531  1.00 22.91 ? 18  HOH A O   1 
HETATM 1175 O  O   . HOH G 5 .   ? -11.446 4.114   20.591  0.50 6.71  ? 19  HOH A O   1 
HETATM 1176 O  O   . HOH G 5 .   ? 9.029   -0.588  20.346  1.00 16.81 ? 20  HOH A O   1 
HETATM 1177 O  O   . HOH G 5 .   ? 3.985   -11.522 8.547   1.00 20.17 ? 21  HOH A O   1 
HETATM 1178 O  O   . HOH G 5 .   ? 14.500  -2.937  -9.670  1.00 45.74 ? 22  HOH A O   1 
HETATM 1179 O  O   . HOH G 5 .   ? -3.971  6.938   17.664  1.00 21.36 ? 23  HOH A O   1 
HETATM 1180 O  O   . HOH G 5 .   ? -14.915 -5.849  1.382   1.00 22.60 ? 24  HOH A O   1 
HETATM 1181 O  O   . HOH G 5 .   ? -14.244 1.220   11.606  1.00 37.52 ? 25  HOH A O   1 
HETATM 1182 O  O   . HOH G 5 .   ? 10.476  4.290   2.620   1.00 61.68 ? 26  HOH A O   1 
HETATM 1183 O  O   . HOH G 5 .   ? 4.942   -3.641  15.833  1.00 32.29 ? 27  HOH A O   1 
HETATM 1184 O  O   . HOH G 5 .   ? 2.322   -9.457  9.545   1.00 23.92 ? 28  HOH A O   1 
HETATM 1185 O  O   . HOH G 5 .   ? 17.119  4.705   3.010   1.00 30.85 ? 29  HOH A O   1 
HETATM 1186 O  O   . HOH G 5 .   ? 9.265   3.727   20.708  1.00 33.94 ? 30  HOH A O   1 
HETATM 1187 O  O   . HOH G 5 .   ? -3.135  5.506   22.024  1.00 7.98  ? 31  HOH A O   1 
HETATM 1188 O  O   . HOH G 5 .   ? -11.647 -12.262 -0.683  1.00 28.50 ? 32  HOH A O   1 
HETATM 1189 O  O   . HOH G 5 .   ? 20.245  4.572   -0.498  1.00 13.99 ? 33  HOH A O   1 
HETATM 1190 O  O   . HOH G 5 .   ? -9.958  4.027   -12.676 1.00 22.72 ? 34  HOH A O   1 
HETATM 1191 O  O   . HOH G 5 .   ? 9.486   -10.770 -1.272  1.00 13.61 ? 35  HOH A O   1 
HETATM 1192 O  O   . HOH G 5 .   ? 0.396   -12.254 6.304   1.00 34.04 ? 36  HOH A O   1 
HETATM 1193 O  O   . HOH G 5 .   ? 9.659   -8.858  -4.525  1.00 13.77 ? 37  HOH A O   1 
HETATM 1194 O  O   . HOH G 5 .   ? 0.337   10.840  -17.773 1.00 29.03 ? 38  HOH A O   1 
HETATM 1195 O  O   . HOH G 5 .   ? 0.971   -0.114  21.835  1.00 30.97 ? 39  HOH A O   1 
HETATM 1196 O  O   . HOH G 5 .   ? 5.464   8.439   8.584   1.00 39.86 ? 40  HOH A O   1 
HETATM 1197 O  O   . HOH G 5 .   ? -10.572 -11.883 -5.701  1.00 20.40 ? 41  HOH A O   1 
HETATM 1198 O  O   . HOH G 5 .   ? 10.676  9.933   -1.525  1.00 50.75 ? 42  HOH A O   1 
HETATM 1199 O  O   . HOH G 5 .   ? 3.735   12.212  -4.999  1.00 33.45 ? 43  HOH A O   1 
HETATM 1200 O  O   . HOH G 5 .   ? 9.165   -16.554 13.332  1.00 38.00 ? 44  HOH A O   1 
HETATM 1201 O  O   . HOH G 5 .   ? -10.585 -4.400  -6.763  1.00 21.87 ? 45  HOH A O   1 
HETATM 1202 O  O   . HOH G 5 .   ? 4.878   12.840  4.003   1.00 41.79 ? 46  HOH A O   1 
HETATM 1203 O  O   . HOH G 5 .   ? -5.471  -12.188 -7.211  1.00 22.57 ? 47  HOH A O   1 
HETATM 1204 O  O   . HOH G 5 .   ? 3.628   6.219   -20.586 1.00 16.99 ? 48  HOH A O   1 
HETATM 1205 O  O   . HOH G 5 .   ? 11.855  -6.782  -0.411  1.00 23.90 ? 49  HOH A O   1 
HETATM 1206 O  O   . HOH G 5 .   ? 7.372   -12.920 -5.045  1.00 21.43 ? 50  HOH A O   1 
HETATM 1207 O  O   . HOH G 5 .   ? -8.319  -13.108 -6.734  1.00 43.45 ? 52  HOH A O   1 
HETATM 1208 O  O   . HOH G 5 .   ? 3.885   3.882   21.080  1.00 23.39 ? 53  HOH A O   1 
HETATM 1209 O  O   . HOH G 5 .   ? -5.857  14.119  9.517   1.00 46.65 ? 54  HOH A O   1 
HETATM 1210 O  O   . HOH G 5 .   ? 9.625   -9.672  -7.714  1.00 34.90 ? 55  HOH A O   1 
HETATM 1211 O  O   . HOH G 5 .   ? -7.961  10.202  -4.285  1.00 32.28 ? 56  HOH A O   1 
HETATM 1212 O  O   . HOH G 5 .   ? 4.013   14.945  16.043  1.00 56.11 ? 57  HOH A O   1 
HETATM 1213 O  O   . HOH G 5 .   ? -13.887 -12.561 3.675   1.00 28.57 ? 58  HOH A O   1 
HETATM 1214 O  O   . HOH G 5 .   ? 24.193  -0.904  -8.830  1.00 32.67 ? 59  HOH A O   1 
HETATM 1215 O  O   . HOH G 5 .   ? 7.652   -4.536  1.204   1.00 37.17 ? 60  HOH A O   1 
HETATM 1216 O  O   . HOH G 5 .   ? 11.448  -8.474  -2.304  1.00 24.54 ? 61  HOH A O   1 
HETATM 1217 O  O   . HOH G 5 .   ? -2.931  14.259  7.575   1.00 19.61 ? 62  HOH A O   1 
HETATM 1218 O  O   . HOH G 5 .   ? -0.750  0.233   -17.018 1.00 25.98 ? 63  HOH A O   1 
HETATM 1219 O  O   . HOH G 5 .   ? -17.850 -0.598  -3.763  1.00 67.48 ? 64  HOH A O   1 
HETATM 1220 O  O   . HOH G 5 .   ? -5.562  -10.639 6.088   1.00 19.47 ? 65  HOH A O   1 
HETATM 1221 O  O   . HOH G 5 .   ? -0.740  13.738  -3.727  1.00 23.01 ? 302 HOH A O   1 
HETATM 1222 O  O   . HOH G 5 .   ? 5.565   10.791  -6.478  1.00 20.41 ? 303 HOH A O   1 
HETATM 1223 O  O   . HOH G 5 .   ? 1.024   1.426   20.259  1.00 10.77 ? 304 HOH A O   1 
HETATM 1224 O  O   . HOH G 5 .   ? -3.394  12.812  2.709   1.00 13.09 ? 305 HOH A O   1 
HETATM 1225 O  O   . HOH G 5 .   ? 0.568   -6.597  13.364  1.00 51.14 ? 306 HOH A O   1 
HETATM 1226 O  O   . HOH G 5 .   ? 2.188   13.078  8.206   1.00 13.99 ? 307 HOH A O   1 
HETATM 1227 O  O   . HOH G 5 .   ? 17.457  -0.637  -4.667  1.00 7.89  ? 308 HOH A O   1 
HETATM 1228 O  O   . HOH G 5 .   ? -2.774  15.678  1.355   1.00 31.12 ? 310 HOH A O   1 
HETATM 1229 O  O   . HOH G 5 .   ? -4.782  -7.653  -1.679  1.00 12.18 ? 312 HOH A O   1 
HETATM 1230 O  O   . HOH G 5 .   ? -5.364  -3.299  9.521   1.00 16.63 ? 313 HOH A O   1 
HETATM 1231 O  O   . HOH G 5 .   ? 0.285   -10.396 -7.777  1.00 14.28 ? 314 HOH A O   1 
HETATM 1232 O  O   . HOH G 5 .   ? 2.750   12.394  1.251   1.00 11.16 ? 315 HOH A O   1 
HETATM 1233 O  O   . HOH G 5 .   ? 7.812   7.146   11.111  1.00 25.58 ? 316 HOH A O   1 
HETATM 1234 O  O   . HOH G 5 .   ? -12.633 5.411   4.234   1.00 16.10 ? 317 HOH A O   1 
HETATM 1235 O  O   . HOH G 5 .   ? 6.710   12.410  2.654   1.00 41.01 ? 318 HOH A O   1 
HETATM 1236 O  O   . HOH G 5 .   ? 6.976   10.425  0.048   1.00 24.54 ? 319 HOH A O   1 
HETATM 1237 O  O   . HOH G 5 .   ? 6.557   -5.573  11.985  1.00 23.70 ? 321 HOH A O   1 
HETATM 1238 O  O   . HOH G 5 .   ? -0.231  9.399   -10.318 1.00 27.16 ? 323 HOH A O   1 
HETATM 1239 O  O   . HOH G 5 .   ? -4.215  12.345  -5.561  1.00 25.41 ? 324 HOH A O   1 
HETATM 1240 O  O   . HOH G 5 .   ? -6.599  11.564  19.585  1.00 53.14 ? 325 HOH A O   1 
HETATM 1241 O  O   . HOH G 5 .   ? 4.022   -8.002  10.839  1.00 16.08 ? 326 HOH A O   1 
HETATM 1242 O  O   . HOH G 5 .   ? 4.025   -6.391  2.807   1.00 10.58 ? 330 HOH A O   1 
HETATM 1243 O  O   . HOH G 5 .   ? -10.868 -5.139  11.673  1.00 36.32 ? 332 HOH A O   1 
HETATM 1244 O  O   . HOH G 5 .   ? 7.062   -7.622  -12.493 1.00 13.31 ? 333 HOH A O   1 
HETATM 1245 O  O   . HOH G 5 .   ? 3.817   -5.557  0.178   1.00 8.95  ? 334 HOH A O   1 
HETATM 1246 O  O   . HOH G 5 .   ? 0.970   4.182   20.722  0.50 2.00  ? 335 HOH A O   1 
HETATM 1247 O  O   . HOH G 5 .   ? -11.493 8.174   14.788  1.00 36.38 ? 337 HOH A O   1 
HETATM 1248 O  O   . HOH G 5 .   ? -11.687 -1.146  12.600  1.00 16.97 ? 339 HOH A O   1 
# 
